data_8IJR
#
_entry.id   8IJR
#
_cell.length_a   1.00
_cell.length_b   1.00
_cell.length_c   1.00
_cell.angle_alpha   90.00
_cell.angle_beta   90.00
_cell.angle_gamma   90.00
#
_symmetry.space_group_name_H-M   'P 1'
#
loop_
_entity.id
_entity.type
_entity.pdbx_description
1 polymer 'Sphingomyelin synthase-related protein 1'
2 non-polymer '(2S)-1-(hexadecanoyloxy)-3-hydroxypropan-2-yl (11Z)-octadec-11-enoate'
3 non-polymer 'PHOSPHORIC ACID MONO-(2-AMINO-ETHYL) ESTER'
#
_entity_poly.entity_id   1
_entity_poly.type   'polypeptide(L)'
_entity_poly.pdbx_seq_one_letter_code
;MAGPNQLCIRRWTTKHVAVWLKDEGFFEYVDILCNKHRLDGITLLTLTEYDLRSPPLEIKVLGDIKRLMLSVRKLQKIHI
DVLEEMGYNSDSPMGSMTPFISALQSTDWLCNGELSHDCDGPITDLNSDQYQYMNGKNKHSVRRLDPEYWKTILSCIYVF
IVFGFTSFIMVIVHERVPDMQTYPPLPDIFLDSVPRIPWAFAMTEVCGMILCYIWLLVLLLHKHRSILLRRLCSLMGTVF
LLRCFTMFVTSLSVPGQHLQCTGKIYGSVWEKLHRAFAIWSGFGMTLTGVHTCGDYMFSGHTVVLTMLNFFVTEYTPRSW
NFLHTLSWVLNLFGIFFILAAHEHYSIDVFIAFYITTRLFLYYHTLANTRAYQQSRRARIWFPMFSFFECNVNGTVPNEY
CWPFSKPAIMKRLIG
;
_entity_poly.pdbx_strand_id   A,B,C,D,E,F
#
loop_
_chem_comp.id
_chem_comp.type
_chem_comp.name
_chem_comp.formula
OPE non-polymer 'PHOSPHORIC ACID MONO-(2-AMINO-ETHYL) ESTER' 'C2 H8 N O4 P'
Z0P non-polymer '(2S)-1-(hexadecanoyloxy)-3-hydroxypropan-2-yl (11Z)-octadec-11-enoate' 'C37 H70 O5'
#
# COMPACT_ATOMS: atom_id res chain seq x y z
N ARG A 144 -13.29 17.75 26.31
CA ARG A 144 -14.02 18.31 25.18
C ARG A 144 -13.02 19.04 24.26
N LEU A 145 -13.47 19.38 23.05
CA LEU A 145 -12.63 20.03 22.06
C LEU A 145 -12.10 21.36 22.60
N ASP A 146 -10.78 21.44 22.79
CA ASP A 146 -10.14 22.63 23.33
C ASP A 146 -9.36 23.33 22.24
N PRO A 147 -9.68 24.58 21.90
CA PRO A 147 -8.89 25.30 20.90
C PRO A 147 -7.50 25.62 21.41
N GLU A 148 -6.50 24.93 20.87
CA GLU A 148 -5.11 25.08 21.30
C GLU A 148 -4.34 25.77 20.18
N TYR A 149 -4.16 27.09 20.31
CA TYR A 149 -3.54 27.87 19.26
C TYR A 149 -2.02 27.84 19.28
N TRP A 150 -1.42 27.22 20.29
CA TRP A 150 0.04 27.12 20.36
C TRP A 150 0.57 25.80 19.80
N LYS A 151 -0.30 24.89 19.38
CA LYS A 151 0.12 23.67 18.72
C LYS A 151 0.06 23.77 17.19
N THR A 152 -0.88 24.57 16.67
CA THR A 152 -0.94 24.78 15.23
C THR A 152 0.32 25.46 14.71
N ILE A 153 0.89 26.37 15.50
CA ILE A 153 2.15 27.02 15.11
C ILE A 153 3.25 25.97 15.01
N LEU A 154 3.32 25.07 15.99
CA LEU A 154 4.32 24.01 15.96
C LEU A 154 4.14 23.12 14.73
N SER A 155 2.89 22.78 14.40
CA SER A 155 2.64 21.94 13.24
C SER A 155 3.05 22.63 11.95
N CYS A 156 2.74 23.93 11.83
CA CYS A 156 3.12 24.67 10.63
C CYS A 156 4.64 24.76 10.51
N ILE A 157 5.34 24.99 11.62
CA ILE A 157 6.79 25.02 11.58
C ILE A 157 7.35 23.68 11.14
N TYR A 158 6.78 22.59 11.67
CA TYR A 158 7.21 21.25 11.28
C TYR A 158 7.02 21.02 9.79
N VAL A 159 5.89 21.45 9.23
CA VAL A 159 5.64 21.23 7.81
C VAL A 159 6.58 22.07 6.95
N PHE A 160 6.84 23.31 7.34
CA PHE A 160 7.77 24.13 6.57
C PHE A 160 9.18 23.55 6.59
N ILE A 161 9.60 23.02 7.74
CA ILE A 161 10.90 22.35 7.81
C ILE A 161 10.91 21.14 6.90
N VAL A 162 9.82 20.37 6.88
CA VAL A 162 9.73 19.19 6.02
C VAL A 162 9.84 19.58 4.55
N PHE A 163 9.17 20.66 4.16
CA PHE A 163 9.23 21.11 2.77
C PHE A 163 10.63 21.55 2.38
N GLY A 164 11.32 22.27 3.27
CA GLY A 164 12.69 22.65 2.99
C GLY A 164 13.60 21.44 2.84
N PHE A 165 13.43 20.45 3.73
CA PHE A 165 14.21 19.22 3.63
C PHE A 165 13.93 18.51 2.31
N THR A 166 12.66 18.48 1.87
CA THR A 166 12.32 17.83 0.62
C THR A 166 12.99 18.54 -0.57
N SER A 167 13.00 19.87 -0.55
CA SER A 167 13.66 20.59 -1.64
C SER A 167 15.15 20.29 -1.68
N PHE A 168 15.81 20.28 -0.51
CA PHE A 168 17.23 19.98 -0.48
C PHE A 168 17.50 18.56 -0.96
N ILE A 169 16.67 17.60 -0.54
CA ILE A 169 16.85 16.22 -0.97
C ILE A 169 16.65 16.09 -2.47
N MET A 170 15.70 16.84 -3.02
CA MET A 170 15.49 16.82 -4.46
C MET A 170 16.73 17.32 -5.20
N VAL A 171 17.34 18.39 -4.71
CA VAL A 171 18.56 18.90 -5.35
C VAL A 171 19.68 17.87 -5.25
N ILE A 172 19.84 17.25 -4.08
CA ILE A 172 20.89 16.24 -3.89
C ILE A 172 20.68 15.07 -4.84
N VAL A 173 19.43 14.59 -4.96
CA VAL A 173 19.14 13.46 -5.83
C VAL A 173 19.39 13.83 -7.29
N HIS A 174 18.99 15.04 -7.70
CA HIS A 174 19.27 15.47 -9.06
C HIS A 174 20.77 15.54 -9.34
N GLU A 175 21.57 15.78 -8.29
CA GLU A 175 23.02 15.82 -8.48
C GLU A 175 23.60 14.44 -8.79
N ARG A 176 22.86 13.36 -8.57
CA ARG A 176 23.41 12.01 -8.74
C ARG A 176 23.84 11.77 -10.18
N VAL A 177 22.89 11.74 -11.09
CA VAL A 177 23.12 11.38 -12.49
C VAL A 177 23.25 12.66 -13.32
N PRO A 178 24.30 12.80 -14.13
CA PRO A 178 24.49 14.06 -14.88
C PRO A 178 23.41 14.33 -15.91
N ASP A 179 23.23 13.42 -16.87
CA ASP A 179 22.35 13.72 -18.00
C ASP A 179 20.89 13.44 -17.68
N MET A 180 20.54 12.17 -17.47
CA MET A 180 19.18 11.74 -17.18
C MET A 180 18.21 12.21 -18.27
N GLN A 181 18.74 12.65 -19.41
CA GLN A 181 17.90 13.17 -20.49
C GLN A 181 18.30 12.60 -21.84
N THR A 182 19.11 11.55 -21.88
CA THR A 182 19.55 10.94 -23.13
C THR A 182 18.93 9.57 -23.38
N TYR A 183 18.43 8.91 -22.34
CA TYR A 183 17.86 7.58 -22.51
C TYR A 183 16.52 7.68 -23.24
N PRO A 184 16.05 6.57 -23.82
CA PRO A 184 14.66 6.51 -24.27
C PRO A 184 13.76 6.05 -23.13
N PRO A 185 12.53 6.54 -23.08
CA PRO A 185 11.67 6.27 -21.92
C PRO A 185 11.22 4.81 -21.87
N LEU A 186 10.78 4.41 -20.68
CA LEU A 186 10.25 3.07 -20.47
C LEU A 186 8.97 2.89 -21.27
N PRO A 187 8.67 1.66 -21.71
CA PRO A 187 7.40 1.42 -22.40
C PRO A 187 6.22 1.50 -21.46
N ASP A 188 5.45 2.58 -21.55
CA ASP A 188 4.28 2.80 -20.73
C ASP A 188 3.02 2.63 -21.59
N ILE A 189 1.88 2.45 -20.91
CA ILE A 189 0.64 2.22 -21.63
C ILE A 189 -0.13 3.51 -21.90
N PHE A 190 0.05 4.54 -21.07
CA PHE A 190 -0.64 5.79 -21.27
C PHE A 190 0.25 6.85 -21.91
N LEU A 191 1.55 6.76 -21.72
CA LEU A 191 2.48 7.72 -22.31
C LEU A 191 2.78 7.42 -23.77
N ASP A 192 2.47 6.22 -24.25
CA ASP A 192 2.66 5.88 -25.65
C ASP A 192 1.42 6.09 -26.50
N SER A 193 0.23 6.03 -25.89
CA SER A 193 -1.01 6.24 -26.63
C SER A 193 -1.31 7.73 -26.81
N VAL A 194 -1.47 8.44 -25.70
CA VAL A 194 -1.82 9.85 -25.72
C VAL A 194 -0.58 10.69 -25.99
N PRO A 195 -0.55 11.48 -27.06
CA PRO A 195 0.60 12.36 -27.30
C PRO A 195 0.65 13.50 -26.31
N ARG A 196 1.80 14.16 -26.26
CA ARG A 196 2.01 15.25 -25.31
C ARG A 196 1.10 16.43 -25.61
N ILE A 197 0.50 16.98 -24.55
CA ILE A 197 -0.32 18.19 -24.63
C ILE A 197 0.45 19.30 -23.93
N PRO A 198 0.95 20.30 -24.65
CA PRO A 198 1.87 21.28 -24.03
C PRO A 198 1.28 22.07 -22.88
N TRP A 199 -0.02 22.33 -22.88
CA TRP A 199 -0.67 23.16 -21.87
C TRP A 199 -1.29 22.36 -20.73
N ALA A 200 -1.10 21.04 -20.71
CA ALA A 200 -1.83 20.19 -19.77
C ALA A 200 -1.29 20.27 -18.35
N PHE A 201 -0.12 20.87 -18.13
CA PHE A 201 0.46 20.90 -16.80
C PHE A 201 0.02 22.10 -15.97
N ALA A 202 -0.43 23.18 -16.61
CA ALA A 202 -0.97 24.31 -15.86
C ALA A 202 -2.38 24.05 -15.37
N MET A 203 -3.14 23.21 -16.06
CA MET A 203 -4.50 22.91 -15.64
C MET A 203 -4.53 22.16 -14.31
N THR A 204 -3.53 21.32 -14.06
CA THR A 204 -3.44 20.65 -12.76
C THR A 204 -3.31 21.66 -11.64
N GLU A 205 -2.46 22.67 -11.82
CA GLU A 205 -2.31 23.68 -10.78
C GLU A 205 -3.52 24.60 -10.69
N VAL A 206 -4.22 24.82 -11.80
CA VAL A 206 -5.48 25.55 -11.74
C VAL A 206 -6.49 24.81 -10.89
N CYS A 207 -6.61 23.49 -11.11
CA CYS A 207 -7.49 22.68 -10.29
C CYS A 207 -7.06 22.69 -8.82
N GLY A 208 -5.74 22.64 -8.59
CA GLY A 208 -5.25 22.70 -7.22
C GLY A 208 -5.58 24.01 -6.53
N MET A 209 -5.47 25.13 -7.26
CA MET A 209 -5.83 26.41 -6.67
C MET A 209 -7.32 26.53 -6.41
N ILE A 210 -8.16 25.97 -7.30
CA ILE A 210 -9.59 25.97 -7.07
C ILE A 210 -9.93 25.18 -5.80
N LEU A 211 -9.33 23.99 -5.67
CA LEU A 211 -9.57 23.18 -4.48
C LEU A 211 -9.05 23.85 -3.23
N CYS A 212 -7.91 24.54 -3.31
CA CYS A 212 -7.37 25.25 -2.17
C CYS A 212 -8.27 26.40 -1.75
N TYR A 213 -8.84 27.11 -2.72
CA TYR A 213 -9.78 28.19 -2.40
C TYR A 213 -11.03 27.64 -1.74
N ILE A 214 -11.56 26.53 -2.25
CA ILE A 214 -12.73 25.91 -1.61
C ILE A 214 -12.40 25.48 -0.19
N TRP A 215 -11.21 24.91 0.02
CA TRP A 215 -10.83 24.48 1.35
C TRP A 215 -10.64 25.66 2.29
N LEU A 216 -10.08 26.77 1.80
CA LEU A 216 -9.97 27.96 2.62
C LEU A 216 -11.35 28.50 3.00
N LEU A 217 -12.29 28.48 2.06
CA LEU A 217 -13.65 28.92 2.36
C LEU A 217 -14.29 28.02 3.41
N VAL A 218 -14.04 26.71 3.33
CA VAL A 218 -14.55 25.79 4.36
C VAL A 218 -13.90 26.11 5.71
N LEU A 219 -12.60 26.38 5.71
CA LEU A 219 -11.88 26.65 6.95
C LEU A 219 -12.31 27.97 7.59
N LEU A 220 -12.80 28.91 6.78
CA LEU A 220 -13.19 30.21 7.32
C LEU A 220 -14.47 30.14 8.13
N LEU A 221 -15.36 29.20 7.82
CA LEU A 221 -16.70 29.15 8.39
C LEU A 221 -16.91 27.93 9.29
N HIS A 222 -15.91 27.57 10.08
CA HIS A 222 -15.99 26.37 10.90
C HIS A 222 -15.82 26.74 12.38
N LYS A 223 -16.37 25.90 13.25
CA LYS A 223 -16.16 26.06 14.69
C LYS A 223 -14.74 25.64 15.07
N HIS A 224 -14.38 24.40 14.80
CA HIS A 224 -13.09 23.85 15.18
C HIS A 224 -12.11 23.90 14.01
N ARG A 225 -11.82 25.12 13.57
CA ARG A 225 -10.88 25.30 12.46
C ARG A 225 -9.44 25.03 12.90
N SER A 226 -9.15 25.20 14.19
CA SER A 226 -7.81 24.92 14.68
C SER A 226 -7.45 23.45 14.52
N ILE A 227 -8.37 22.56 14.86
CA ILE A 227 -8.11 21.13 14.72
C ILE A 227 -7.98 20.75 13.25
N LEU A 228 -8.81 21.34 12.38
CA LEU A 228 -8.72 21.06 10.95
C LEU A 228 -7.38 21.51 10.38
N LEU A 229 -6.93 22.70 10.76
CA LEU A 229 -5.64 23.17 10.28
C LEU A 229 -4.49 22.38 10.89
N ARG A 230 -4.69 21.78 12.06
CA ARG A 230 -3.66 20.97 12.70
C ARG A 230 -3.62 19.56 12.15
N ARG A 231 -4.65 19.14 11.42
CA ARG A 231 -4.67 17.80 10.82
C ARG A 231 -4.14 17.77 9.40
N LEU A 232 -4.34 18.86 8.64
CA LEU A 232 -3.74 18.96 7.31
C LEU A 232 -2.22 18.89 7.38
N CYS A 233 -1.62 19.63 8.32
CA CYS A 233 -0.17 19.74 8.38
C CYS A 233 0.48 18.44 8.83
N SER A 234 -0.08 17.81 9.86
CA SER A 234 0.49 16.58 10.39
C SER A 234 0.42 15.42 9.40
N LEU A 235 -0.41 15.53 8.36
CA LEU A 235 -0.47 14.54 7.29
C LEU A 235 0.39 14.90 6.10
N MET A 236 0.41 16.19 5.72
CA MET A 236 1.29 16.60 4.63
C MET A 236 2.75 16.35 4.96
N GLY A 237 3.16 16.65 6.19
CA GLY A 237 4.55 16.39 6.58
C GLY A 237 4.92 14.93 6.46
N THR A 238 4.04 14.05 6.95
CA THR A 238 4.33 12.61 6.89
C THR A 238 4.38 12.10 5.46
N VAL A 239 3.44 12.54 4.61
CA VAL A 239 3.45 12.05 3.23
C VAL A 239 4.67 12.56 2.49
N PHE A 240 5.10 13.79 2.76
CA PHE A 240 6.30 14.27 2.07
C PHE A 240 7.58 13.63 2.61
N LEU A 241 7.59 13.24 3.89
CA LEU A 241 8.70 12.44 4.38
C LEU A 241 8.78 11.10 3.67
N LEU A 242 7.61 10.46 3.47
CA LEU A 242 7.59 9.22 2.70
C LEU A 242 8.06 9.45 1.28
N ARG A 243 7.70 10.60 0.69
CA ARG A 243 8.17 10.93 -0.65
C ARG A 243 9.69 11.05 -0.69
N CYS A 244 10.27 11.70 0.33
CA CYS A 244 11.72 11.79 0.40
C CYS A 244 12.37 10.42 0.49
N PHE A 245 11.83 9.55 1.34
CA PHE A 245 12.39 8.21 1.49
C PHE A 245 12.30 7.44 0.18
N THR A 246 11.17 7.52 -0.51
CA THR A 246 10.99 6.84 -1.79
C THR A 246 11.92 7.39 -2.87
N MET A 247 12.14 8.70 -2.90
CA MET A 247 12.99 9.31 -3.92
C MET A 247 14.48 9.10 -3.65
N PHE A 248 14.85 8.85 -2.40
CA PHE A 248 16.28 8.65 -2.10
C PHE A 248 16.78 7.28 -2.56
N VAL A 249 15.97 6.23 -2.39
CA VAL A 249 16.46 4.88 -2.66
C VAL A 249 16.69 4.66 -4.15
N THR A 250 15.73 5.06 -4.99
CA THR A 250 15.88 4.91 -6.43
C THR A 250 15.24 6.11 -7.12
N SER A 251 15.88 6.57 -8.19
CA SER A 251 15.50 7.79 -8.88
C SER A 251 14.92 7.44 -10.24
N LEU A 252 13.61 7.67 -10.40
CA LEU A 252 12.89 7.32 -11.62
C LEU A 252 12.32 8.58 -12.24
N SER A 253 12.99 9.11 -13.25
CA SER A 253 12.56 10.29 -13.99
C SER A 253 12.05 9.86 -15.36
N VAL A 254 11.59 10.84 -16.14
CA VAL A 254 11.06 10.59 -17.49
C VAL A 254 12.07 11.13 -18.50
N PRO A 255 12.72 10.28 -19.28
CA PRO A 255 13.79 10.72 -20.17
C PRO A 255 13.37 11.61 -21.34
N GLY A 256 13.32 12.92 -21.16
CA GLY A 256 13.26 13.78 -22.33
C GLY A 256 12.49 15.08 -22.25
N GLN A 257 11.56 15.23 -21.30
CA GLN A 257 10.96 16.52 -21.10
C GLN A 257 11.84 17.39 -20.21
N HIS A 258 11.69 18.70 -20.36
CA HIS A 258 12.54 19.68 -19.67
C HIS A 258 14.01 19.47 -20.02
N LEU A 259 14.27 19.09 -21.27
CA LEU A 259 15.62 18.77 -21.71
C LEU A 259 16.51 20.01 -21.83
N GLN A 260 15.93 21.20 -21.85
CA GLN A 260 16.68 22.43 -22.02
C GLN A 260 16.89 23.19 -20.70
N CYS A 261 16.60 22.57 -19.57
CA CYS A 261 16.72 23.27 -18.30
C CYS A 261 18.18 23.58 -17.99
N THR A 262 18.44 24.83 -17.62
CA THR A 262 19.79 25.31 -17.42
C THR A 262 20.24 25.06 -15.98
N GLY A 263 21.36 25.66 -15.60
CA GLY A 263 21.92 25.46 -14.26
C GLY A 263 22.90 24.28 -14.24
N LYS A 264 22.49 23.19 -13.59
CA LYS A 264 23.22 21.92 -13.51
C LYS A 264 24.61 22.08 -12.89
N ILE A 265 25.29 20.95 -12.67
CA ILE A 265 26.61 20.83 -12.05
C ILE A 265 26.77 21.86 -10.92
N TYR A 266 25.92 21.75 -9.90
CA TYR A 266 26.02 22.62 -8.72
C TYR A 266 27.04 22.02 -7.75
N GLY A 267 28.31 22.13 -8.13
CA GLY A 267 29.33 21.53 -7.29
C GLY A 267 29.89 22.48 -6.25
N SER A 268 29.28 22.45 -5.06
CA SER A 268 29.72 23.16 -3.87
C SER A 268 28.73 22.85 -2.76
N VAL A 269 28.98 23.35 -1.55
CA VAL A 269 27.99 23.23 -0.48
C VAL A 269 27.07 24.43 -0.41
N TRP A 270 27.49 25.59 -0.92
CA TRP A 270 26.73 26.82 -0.81
C TRP A 270 26.03 27.24 -2.10
N GLU A 271 26.15 26.45 -3.17
CA GLU A 271 25.38 26.71 -4.38
C GLU A 271 24.15 25.81 -4.50
N LYS A 272 24.19 24.63 -3.90
CA LYS A 272 22.99 23.80 -3.82
C LYS A 272 21.92 24.46 -2.97
N LEU A 273 22.34 25.22 -1.94
CA LEU A 273 21.39 25.83 -1.04
C LEU A 273 20.57 26.93 -1.72
N HIS A 274 21.16 27.67 -2.66
CA HIS A 274 20.40 28.67 -3.38
C HIS A 274 19.31 28.03 -4.24
N ARG A 275 19.64 26.93 -4.92
CA ARG A 275 18.62 26.21 -5.70
C ARG A 275 17.55 25.64 -4.79
N ALA A 276 17.95 25.10 -3.64
CA ALA A 276 16.97 24.61 -2.68
C ALA A 276 16.05 25.73 -2.20
N PHE A 277 16.61 26.91 -1.95
CA PHE A 277 15.80 28.05 -1.53
C PHE A 277 14.83 28.48 -2.62
N ALA A 278 15.28 28.46 -3.87
CA ALA A 278 14.38 28.81 -4.98
C ALA A 278 13.22 27.83 -5.06
N ILE A 279 13.51 26.53 -5.02
CA ILE A 279 12.46 25.53 -5.10
C ILE A 279 11.53 25.64 -3.89
N TRP A 280 12.08 25.97 -2.73
CA TRP A 280 11.27 26.12 -1.53
C TRP A 280 10.32 27.31 -1.65
N SER A 281 10.87 28.51 -1.85
CA SER A 281 10.05 29.69 -2.03
C SER A 281 9.74 29.94 -3.51
N GLY A 282 9.32 28.86 -4.17
CA GLY A 282 8.64 28.95 -5.45
C GLY A 282 7.45 28.02 -5.46
N PHE A 283 7.27 27.31 -4.34
CA PHE A 283 6.17 26.36 -4.10
C PHE A 283 6.21 25.15 -5.03
N GLY A 284 7.24 25.02 -5.86
CA GLY A 284 7.33 23.91 -6.78
C GLY A 284 6.42 24.00 -7.98
N MET A 285 5.59 25.04 -8.07
CA MET A 285 4.63 25.18 -9.16
C MET A 285 5.34 25.58 -10.45
N THR A 286 4.68 25.27 -11.57
CA THR A 286 5.20 25.67 -12.88
C THR A 286 4.79 27.09 -13.26
N LEU A 287 3.84 27.69 -12.56
CA LEU A 287 3.45 29.07 -12.85
C LEU A 287 4.54 30.03 -12.38
N THR A 288 4.83 30.02 -11.08
CA THR A 288 6.01 30.71 -10.55
C THR A 288 7.21 29.87 -10.93
N GLY A 289 7.89 30.24 -12.01
CA GLY A 289 8.83 29.34 -12.63
C GLY A 289 9.97 28.88 -11.74
N VAL A 290 9.85 27.65 -11.25
CA VAL A 290 10.91 26.94 -10.54
C VAL A 290 11.11 25.60 -11.22
N HIS A 291 10.01 24.96 -11.61
CA HIS A 291 10.01 23.61 -12.16
C HIS A 291 10.62 23.65 -13.55
N THR A 292 11.95 23.79 -13.56
CA THR A 292 12.70 23.92 -14.81
C THR A 292 13.17 22.56 -15.31
N CYS A 293 13.74 21.73 -14.43
CA CYS A 293 14.13 20.37 -14.77
C CYS A 293 13.02 19.41 -14.37
N GLY A 294 13.29 18.11 -14.55
CA GLY A 294 12.28 17.10 -14.29
C GLY A 294 12.13 16.77 -12.81
N ASP A 295 11.18 15.88 -12.53
CA ASP A 295 10.89 15.44 -11.18
C ASP A 295 10.84 13.92 -11.12
N TYR A 296 11.13 13.37 -9.94
CA TYR A 296 11.34 11.95 -9.72
C TYR A 296 10.14 11.28 -9.07
N MET A 297 10.35 10.04 -8.64
CA MET A 297 9.31 9.14 -8.15
C MET A 297 8.43 9.82 -7.09
N PHE A 298 7.20 9.30 -6.95
CA PHE A 298 6.25 9.77 -5.95
C PHE A 298 5.91 11.25 -6.17
N SER A 299 5.20 11.48 -7.28
CA SER A 299 4.78 12.83 -7.65
C SER A 299 4.15 13.57 -6.49
N GLY A 300 4.32 14.90 -6.48
CA GLY A 300 3.83 15.72 -5.39
C GLY A 300 2.51 16.40 -5.65
N HIS A 301 2.20 16.68 -6.92
CA HIS A 301 0.93 17.31 -7.25
C HIS A 301 -0.25 16.40 -6.91
N THR A 302 -0.11 15.10 -7.19
CA THR A 302 -1.17 14.16 -6.89
C THR A 302 -1.45 14.09 -5.40
N VAL A 303 -0.40 14.17 -4.58
CA VAL A 303 -0.57 14.15 -3.13
C VAL A 303 -1.43 15.32 -2.67
N VAL A 304 -1.08 16.52 -3.13
CA VAL A 304 -1.82 17.72 -2.71
C VAL A 304 -3.27 17.66 -3.20
N LEU A 305 -3.46 17.28 -4.46
CA LEU A 305 -4.81 17.20 -5.01
C LEU A 305 -5.68 16.22 -4.21
N THR A 306 -5.15 15.01 -3.98
CA THR A 306 -5.92 13.99 -3.28
C THR A 306 -6.20 14.40 -1.83
N MET A 307 -5.20 14.97 -1.15
CA MET A 307 -5.41 15.39 0.23
C MET A 307 -6.47 16.47 0.33
N LEU A 308 -6.40 17.47 -0.55
CA LEU A 308 -7.39 18.55 -0.51
C LEU A 308 -8.79 18.03 -0.85
N ASN A 309 -8.88 17.13 -1.83
CA ASN A 309 -10.18 16.56 -2.18
C ASN A 309 -10.77 15.79 -1.01
N PHE A 310 -9.97 14.97 -0.36
CA PHE A 310 -10.47 14.17 0.76
C PHE A 310 -10.87 15.04 1.94
N PHE A 311 -10.10 16.09 2.22
CA PHE A 311 -10.47 17.00 3.31
C PHE A 311 -11.75 17.77 2.98
N VAL A 312 -11.92 18.22 1.74
CA VAL A 312 -13.15 18.92 1.36
C VAL A 312 -14.35 17.99 1.50
N THR A 313 -14.21 16.74 1.06
CA THR A 313 -15.32 15.80 1.16
C THR A 313 -15.62 15.45 2.62
N GLU A 314 -14.58 15.33 3.45
CA GLU A 314 -14.78 14.86 4.82
C GLU A 314 -15.46 15.91 5.70
N TYR A 315 -15.05 17.17 5.59
CA TYR A 315 -15.49 18.21 6.53
C TYR A 315 -16.57 19.10 5.94
N THR A 316 -17.51 18.53 5.21
CA THR A 316 -18.74 19.18 4.79
C THR A 316 -19.91 18.28 5.15
N PRO A 317 -21.10 18.85 5.36
CA PRO A 317 -22.23 18.03 5.82
C PRO A 317 -22.56 16.93 4.83
N ARG A 318 -23.01 15.79 5.36
CA ARG A 318 -23.29 14.63 4.53
C ARG A 318 -24.65 14.77 3.87
N SER A 319 -24.90 15.92 3.25
CA SER A 319 -26.08 16.13 2.44
C SER A 319 -25.77 16.97 1.20
N TRP A 320 -24.51 17.31 0.96
CA TRP A 320 -24.10 18.21 -0.11
C TRP A 320 -23.50 17.43 -1.28
N ASN A 321 -24.11 16.33 -1.68
CA ASN A 321 -23.48 15.44 -2.64
C ASN A 321 -23.55 15.96 -4.07
N PHE A 322 -23.13 17.21 -4.25
CA PHE A 322 -22.79 17.81 -5.54
C PHE A 322 -21.43 18.48 -5.49
N LEU A 323 -21.11 19.16 -4.39
CA LEU A 323 -19.75 19.63 -4.17
C LEU A 323 -18.77 18.48 -4.07
N HIS A 324 -19.19 17.35 -3.49
CA HIS A 324 -18.35 16.17 -3.45
C HIS A 324 -18.04 15.67 -4.85
N THR A 325 -19.06 15.60 -5.71
CA THR A 325 -18.85 15.17 -7.09
C THR A 325 -17.95 16.15 -7.84
N LEU A 326 -18.14 17.45 -7.62
CA LEU A 326 -17.28 18.44 -8.27
C LEU A 326 -15.83 18.28 -7.83
N SER A 327 -15.60 18.06 -6.53
CA SER A 327 -14.23 17.87 -6.04
C SER A 327 -13.60 16.60 -6.61
N TRP A 328 -14.37 15.51 -6.68
CA TRP A 328 -13.85 14.28 -7.26
C TRP A 328 -13.50 14.46 -8.74
N VAL A 329 -14.35 15.19 -9.47
CA VAL A 329 -14.08 15.46 -10.88
C VAL A 329 -12.80 16.28 -11.02
N LEU A 330 -12.63 17.30 -10.17
CA LEU A 330 -11.42 18.11 -10.23
C LEU A 330 -10.18 17.27 -9.94
N ASN A 331 -10.26 16.40 -8.93
CA ASN A 331 -9.13 15.53 -8.61
C ASN A 331 -8.77 14.62 -9.78
N LEU A 332 -9.78 13.97 -10.36
CA LEU A 332 -9.51 13.04 -11.46
C LEU A 332 -8.96 13.76 -12.67
N PHE A 333 -9.50 14.93 -13.00
CA PHE A 333 -8.99 15.70 -14.13
C PHE A 333 -7.55 16.16 -13.89
N GLY A 334 -7.25 16.58 -12.66
CA GLY A 334 -5.87 16.95 -12.36
C GLY A 334 -4.91 15.79 -12.52
N ILE A 335 -5.30 14.60 -12.05
CA ILE A 335 -4.46 13.42 -12.21
C ILE A 335 -4.26 13.10 -13.69
N PHE A 336 -5.34 13.15 -14.46
CA PHE A 336 -5.24 12.86 -15.89
C PHE A 336 -4.34 13.86 -16.60
N PHE A 337 -4.40 15.13 -16.20
CA PHE A 337 -3.55 16.13 -16.83
C PHE A 337 -2.10 16.03 -16.39
N ILE A 338 -1.85 15.53 -15.18
CA ILE A 338 -0.48 15.18 -14.80
C ILE A 338 0.04 14.07 -15.70
N LEU A 339 -0.79 13.06 -15.96
CA LEU A 339 -0.35 11.93 -16.78
C LEU A 339 -0.20 12.32 -18.25
N ALA A 340 -1.01 13.24 -18.75
CA ALA A 340 -1.05 13.58 -20.17
C ALA A 340 -0.01 14.61 -20.58
N ALA A 341 0.69 15.23 -19.63
CA ALA A 341 1.77 16.16 -19.93
C ALA A 341 3.11 15.46 -20.06
N HIS A 342 3.15 14.14 -19.90
CA HIS A 342 4.39 13.35 -19.94
C HIS A 342 5.39 13.85 -18.90
N GLU A 343 4.91 14.05 -17.68
CA GLU A 343 5.76 14.47 -16.57
C GLU A 343 6.01 13.38 -15.55
N HIS A 344 5.17 12.34 -15.54
CA HIS A 344 5.25 11.26 -14.57
C HIS A 344 4.82 9.97 -15.19
N TYR A 345 5.27 8.85 -14.69
CA TYR A 345 4.81 7.55 -15.16
C TYR A 345 3.46 7.22 -14.51
N SER A 346 2.83 6.16 -15.02
CA SER A 346 1.55 5.74 -14.47
C SER A 346 1.70 5.22 -13.04
N ILE A 347 2.79 4.49 -12.79
CA ILE A 347 2.97 3.86 -11.48
C ILE A 347 3.24 4.92 -10.40
N ASP A 348 3.93 6.00 -10.73
CA ASP A 348 4.13 7.07 -9.76
C ASP A 348 2.81 7.62 -9.27
N VAL A 349 1.93 7.95 -10.22
CA VAL A 349 0.63 8.52 -9.90
C VAL A 349 -0.20 7.52 -9.10
N PHE A 350 -0.19 6.25 -9.51
CA PHE A 350 -1.00 5.26 -8.80
C PHE A 350 -0.54 5.08 -7.36
N ILE A 351 0.77 4.94 -7.14
CA ILE A 351 1.23 4.73 -5.77
C ILE A 351 1.05 5.99 -4.93
N ALA A 352 1.20 7.18 -5.52
CA ALA A 352 0.96 8.41 -4.76
C ALA A 352 -0.50 8.49 -4.31
N PHE A 353 -1.42 8.23 -5.25
CA PHE A 353 -2.84 8.25 -4.90
C PHE A 353 -3.16 7.23 -3.82
N TYR A 354 -2.67 6.00 -3.98
CA TYR A 354 -2.96 4.95 -3.00
C TYR A 354 -2.41 5.32 -1.62
N ILE A 355 -1.17 5.81 -1.58
CA ILE A 355 -0.53 6.10 -0.30
C ILE A 355 -1.26 7.23 0.42
N THR A 356 -1.59 8.31 -0.31
CA THR A 356 -2.30 9.42 0.34
C THR A 356 -3.67 8.98 0.84
N THR A 357 -4.42 8.24 0.03
CA THR A 357 -5.74 7.79 0.45
C THR A 357 -5.66 6.89 1.68
N ARG A 358 -4.74 5.92 1.65
CA ARG A 358 -4.62 4.98 2.76
C ARG A 358 -4.18 5.69 4.04
N LEU A 359 -3.22 6.61 3.94
CA LEU A 359 -2.76 7.32 5.13
C LEU A 359 -3.88 8.19 5.71
N PHE A 360 -4.64 8.87 4.85
CA PHE A 360 -5.77 9.65 5.34
C PHE A 360 -6.77 8.78 6.08
N LEU A 361 -7.17 7.67 5.47
CA LEU A 361 -8.17 6.80 6.09
C LEU A 361 -7.66 6.22 7.41
N TYR A 362 -6.41 5.79 7.44
CA TYR A 362 -5.85 5.22 8.67
C TYR A 362 -5.76 6.27 9.78
N TYR A 363 -5.31 7.48 9.45
CA TYR A 363 -5.22 8.52 10.46
C TYR A 363 -6.59 8.85 11.03
N HIS A 364 -7.61 8.94 10.16
CA HIS A 364 -8.93 9.30 10.67
C HIS A 364 -9.56 8.16 11.46
N THR A 365 -9.29 6.91 11.05
CA THR A 365 -9.77 5.77 11.84
C THR A 365 -9.14 5.77 13.23
N LEU A 366 -7.83 6.03 13.31
CA LEU A 366 -7.18 6.08 14.62
C LEU A 366 -7.70 7.24 15.46
N ALA A 367 -7.92 8.40 14.83
CA ALA A 367 -8.40 9.56 15.57
C ALA A 367 -9.82 9.34 16.10
N ASN A 368 -10.70 8.74 15.30
CA ASN A 368 -12.07 8.52 15.74
C ASN A 368 -12.15 7.38 16.75
N THR A 369 -11.38 6.32 16.55
CA THR A 369 -11.35 5.21 17.49
C THR A 369 -10.73 5.61 18.82
N ARG A 370 -9.95 6.69 18.84
CA ARG A 370 -9.28 7.23 20.03
C ARG A 370 -8.46 6.13 20.74
N ALA A 371 -7.52 5.61 19.98
CA ALA A 371 -6.64 4.55 20.44
C ALA A 371 -5.31 5.07 21.00
N TYR A 372 -5.10 6.38 20.99
CA TYR A 372 -3.88 6.94 21.56
C TYR A 372 -3.86 6.85 23.08
N GLN A 373 -5.04 6.74 23.71
CA GLN A 373 -5.14 6.60 25.15
C GLN A 373 -5.98 5.40 25.56
N GLN A 374 -6.59 4.69 24.61
CA GLN A 374 -7.40 3.51 24.95
C GLN A 374 -6.53 2.43 25.59
N SER A 375 -5.43 2.08 24.94
CA SER A 375 -4.49 1.07 25.43
C SER A 375 -3.23 1.15 24.59
N ARG A 376 -2.29 0.24 24.83
CA ARG A 376 -1.07 0.15 24.02
C ARG A 376 -1.34 -0.74 22.81
N ARG A 377 -2.15 -0.20 21.90
CA ARG A 377 -2.63 -0.97 20.76
C ARG A 377 -1.48 -1.41 19.84
N ALA A 378 -0.83 -0.45 19.17
CA ALA A 378 0.23 -0.80 18.24
C ALA A 378 1.41 0.16 18.26
N ARG A 379 1.44 1.14 19.19
CA ARG A 379 2.46 2.17 19.22
C ARG A 379 2.49 2.92 17.87
N ILE A 380 1.40 3.64 17.64
CA ILE A 380 1.12 4.34 16.39
C ILE A 380 2.37 5.05 15.88
N TRP A 381 2.72 4.80 14.61
CA TRP A 381 3.96 5.28 14.03
C TRP A 381 3.84 6.63 13.35
N PHE A 382 2.68 7.28 13.43
CA PHE A 382 2.54 8.61 12.87
C PHE A 382 3.44 9.59 13.62
N PRO A 383 4.31 10.32 12.94
CA PRO A 383 5.19 11.26 13.63
C PRO A 383 4.39 12.32 14.37
N MET A 384 4.58 12.36 15.70
CA MET A 384 3.97 13.37 16.56
C MET A 384 2.43 13.31 16.43
N PHE A 385 1.88 12.17 16.83
CA PHE A 385 0.44 11.93 16.76
C PHE A 385 -0.26 12.21 18.09
N SER A 386 0.17 11.56 19.17
CA SER A 386 -0.47 11.73 20.46
C SER A 386 -0.25 13.12 21.04
N PHE A 387 0.76 13.85 20.56
CA PHE A 387 1.00 15.20 21.05
C PHE A 387 -0.08 16.17 20.56
N PHE A 388 -0.64 15.92 19.38
CA PHE A 388 -1.62 16.82 18.78
C PHE A 388 -3.06 16.45 19.14
N GLU A 389 -3.37 15.15 19.22
CA GLU A 389 -4.73 14.68 19.41
C GLU A 389 -5.04 14.33 20.87
N CYS A 390 -4.14 14.68 21.81
CA CYS A 390 -4.39 14.34 23.21
C CYS A 390 -5.61 15.04 23.76
N ASN A 391 -5.77 16.33 23.44
CA ASN A 391 -6.87 17.13 23.96
C ASN A 391 -8.16 16.96 23.17
N VAL A 392 -8.14 16.24 22.05
CA VAL A 392 -9.32 15.99 21.23
C VAL A 392 -9.79 14.58 21.52
N ASN A 393 -10.98 14.45 22.09
CA ASN A 393 -11.57 13.16 22.42
C ASN A 393 -12.78 12.91 21.53
N GLY A 394 -12.80 11.74 20.88
CA GLY A 394 -13.93 11.38 20.04
C GLY A 394 -13.84 11.92 18.63
N THR A 395 -14.97 12.37 18.09
CA THR A 395 -15.05 12.87 16.73
C THR A 395 -15.36 14.36 16.73
N VAL A 396 -14.77 15.07 15.78
CA VAL A 396 -15.00 16.50 15.62
C VAL A 396 -16.30 16.70 14.85
N PRO A 397 -17.28 17.41 15.42
CA PRO A 397 -18.56 17.60 14.72
C PRO A 397 -18.46 18.56 13.54
N ASN A 398 -19.60 18.87 12.93
CA ASN A 398 -19.63 19.68 11.73
C ASN A 398 -20.45 20.95 11.95
N GLU A 399 -20.19 21.66 13.04
CA GLU A 399 -20.88 22.92 13.31
C GLU A 399 -20.17 24.07 12.61
N TYR A 400 -20.96 24.94 11.99
CA TYR A 400 -20.44 26.08 11.24
C TYR A 400 -21.00 27.38 11.80
N CYS A 401 -20.17 28.41 11.87
CA CYS A 401 -20.58 29.70 12.39
C CYS A 401 -20.00 30.80 11.51
N TRP A 402 -20.09 32.04 11.98
CA TRP A 402 -19.50 33.20 11.34
C TRP A 402 -18.59 33.89 12.35
N PRO A 403 -17.30 34.06 12.07
CA PRO A 403 -16.38 34.52 13.12
C PRO A 403 -16.43 36.02 13.37
N PHE A 404 -16.74 36.80 12.35
CA PHE A 404 -16.77 38.24 12.50
C PHE A 404 -17.98 38.68 13.32
N SER A 405 -17.77 39.71 14.15
CA SER A 405 -18.82 40.25 15.00
C SER A 405 -19.60 41.37 14.34
N LYS A 406 -19.64 41.42 13.01
CA LYS A 406 -20.33 42.45 12.25
C LYS A 406 -21.32 41.79 11.31
N PRO A 407 -22.57 41.57 11.75
CA PRO A 407 -23.61 40.94 10.92
C PRO A 407 -23.97 41.77 9.70
N ARG B 144 -19.96 -25.59 11.48
CA ARG B 144 -18.64 -26.01 11.93
C ARG B 144 -17.76 -26.29 10.71
N LEU B 145 -16.45 -26.42 10.93
CA LEU B 145 -15.50 -26.65 9.85
C LEU B 145 -15.82 -27.92 9.08
N ASP B 146 -16.21 -27.76 7.81
CA ASP B 146 -16.60 -28.88 6.97
C ASP B 146 -15.50 -29.14 5.95
N PRO B 147 -14.88 -30.32 5.95
CA PRO B 147 -13.87 -30.60 4.91
C PRO B 147 -14.51 -30.76 3.55
N GLU B 148 -14.28 -29.79 2.67
CA GLU B 148 -14.87 -29.77 1.33
C GLU B 148 -13.75 -30.08 0.34
N TYR B 149 -13.61 -31.37 0.01
CA TYR B 149 -12.52 -31.80 -0.85
C TYR B 149 -12.74 -31.46 -2.31
N TRP B 150 -13.92 -30.98 -2.68
CA TRP B 150 -14.17 -30.57 -4.06
C TRP B 150 -14.01 -29.08 -4.28
N LYS B 151 -14.10 -28.27 -3.23
CA LYS B 151 -13.80 -26.85 -3.36
C LYS B 151 -12.29 -26.60 -3.43
N THR B 152 -11.49 -27.44 -2.77
CA THR B 152 -10.04 -27.32 -2.87
C THR B 152 -9.54 -27.59 -4.29
N ILE B 153 -10.14 -28.57 -4.96
CA ILE B 153 -9.76 -28.86 -6.35
C ILE B 153 -10.06 -27.66 -7.24
N LEU B 154 -11.21 -27.01 -7.02
CA LEU B 154 -11.53 -25.82 -7.78
C LEU B 154 -10.53 -24.69 -7.51
N SER B 155 -9.95 -24.66 -6.31
CA SER B 155 -8.95 -23.64 -6.00
C SER B 155 -7.61 -23.94 -6.65
N CYS B 156 -7.23 -25.22 -6.70
CA CYS B 156 -5.97 -25.60 -7.33
C CYS B 156 -5.99 -25.32 -8.83
N ILE B 157 -7.13 -25.57 -9.48
CA ILE B 157 -7.25 -25.26 -10.90
C ILE B 157 -7.19 -23.74 -11.13
N TYR B 158 -7.74 -22.97 -10.20
CA TYR B 158 -7.75 -21.52 -10.36
C TYR B 158 -6.34 -20.95 -10.35
N VAL B 159 -5.44 -21.50 -9.53
CA VAL B 159 -4.07 -21.01 -9.48
C VAL B 159 -3.33 -21.33 -10.77
N PHE B 160 -3.42 -22.58 -11.24
CA PHE B 160 -2.63 -22.98 -12.40
C PHE B 160 -3.04 -22.24 -13.66
N ILE B 161 -4.28 -21.76 -13.72
CA ILE B 161 -4.67 -20.88 -14.82
C ILE B 161 -4.00 -19.52 -14.66
N VAL B 162 -3.94 -19.01 -13.43
CA VAL B 162 -3.32 -17.71 -13.17
C VAL B 162 -1.83 -17.77 -13.46
N PHE B 163 -1.16 -18.84 -13.03
CA PHE B 163 0.26 -18.98 -13.29
C PHE B 163 0.56 -19.11 -14.77
N GLY B 164 -0.35 -19.72 -15.54
CA GLY B 164 -0.18 -19.78 -16.97
C GLY B 164 -0.52 -18.50 -17.69
N PHE B 165 -1.35 -17.65 -17.09
CA PHE B 165 -1.62 -16.33 -17.66
C PHE B 165 -0.44 -15.39 -17.48
N THR B 166 0.20 -15.44 -16.31
CA THR B 166 1.35 -14.58 -16.05
C THR B 166 2.52 -14.93 -16.97
N SER B 167 2.74 -16.22 -17.23
CA SER B 167 3.85 -16.61 -18.10
C SER B 167 3.65 -16.11 -19.52
N PHE B 168 2.40 -16.01 -19.97
CA PHE B 168 2.14 -15.49 -21.32
C PHE B 168 2.30 -13.97 -21.37
N ILE B 169 1.89 -13.27 -20.31
CA ILE B 169 2.05 -11.82 -20.27
C ILE B 169 3.53 -11.45 -20.31
N MET B 170 4.36 -12.18 -19.57
CA MET B 170 5.79 -11.92 -19.53
C MET B 170 6.46 -12.09 -20.88
N VAL B 171 5.83 -12.78 -21.82
CA VAL B 171 6.36 -12.87 -23.18
C VAL B 171 5.81 -11.77 -24.07
N ILE B 172 4.57 -11.34 -23.85
CA ILE B 172 4.03 -10.19 -24.56
C ILE B 172 4.78 -8.92 -24.16
N VAL B 173 5.04 -8.74 -22.86
CA VAL B 173 5.72 -7.54 -22.39
C VAL B 173 7.15 -7.49 -22.90
N HIS B 174 7.83 -8.63 -22.94
CA HIS B 174 9.20 -8.66 -23.43
C HIS B 174 9.32 -8.27 -24.89
N GLU B 175 8.23 -8.35 -25.65
CA GLU B 175 8.24 -7.98 -27.06
C GLU B 175 8.05 -6.48 -27.29
N ARG B 176 7.70 -5.72 -26.26
CA ARG B 176 7.49 -4.29 -26.43
C ARG B 176 8.76 -3.59 -26.89
N VAL B 177 9.80 -3.61 -26.05
CA VAL B 177 11.08 -2.99 -26.37
C VAL B 177 12.07 -4.11 -26.70
N PRO B 178 12.69 -4.09 -27.88
CA PRO B 178 13.59 -5.19 -28.26
C PRO B 178 14.83 -5.29 -27.38
N ASP B 179 15.63 -4.22 -27.34
CA ASP B 179 16.92 -4.28 -26.66
C ASP B 179 16.79 -4.47 -25.15
N MET B 180 16.29 -3.45 -24.45
CA MET B 180 16.16 -3.44 -22.99
C MET B 180 17.45 -3.89 -22.29
N GLN B 181 18.60 -3.80 -22.97
CA GLN B 181 19.87 -4.23 -22.39
C GLN B 181 21.02 -3.29 -22.76
N THR B 182 20.71 -2.11 -23.31
CA THR B 182 21.74 -1.16 -23.72
C THR B 182 21.80 0.08 -22.83
N TYR B 183 20.73 0.38 -22.10
CA TYR B 183 20.71 1.56 -21.26
C TYR B 183 21.63 1.36 -20.04
N PRO B 184 22.05 2.44 -19.40
CA PRO B 184 22.67 2.32 -18.09
C PRO B 184 21.61 2.31 -17.00
N PRO B 185 21.84 1.59 -15.91
CA PRO B 185 20.79 1.42 -14.90
C PRO B 185 20.50 2.70 -14.13
N LEU B 186 19.34 2.71 -13.49
CA LEU B 186 18.94 3.85 -12.68
C LEU B 186 19.87 3.98 -11.47
N PRO B 187 20.10 5.20 -10.99
CA PRO B 187 20.91 5.36 -9.78
C PRO B 187 20.20 4.83 -8.54
N ASP B 188 20.69 3.72 -8.01
CA ASP B 188 20.11 3.05 -6.85
C ASP B 188 21.08 3.13 -5.68
N ILE B 189 20.55 2.90 -4.48
CA ILE B 189 21.37 3.01 -3.28
C ILE B 189 21.98 1.66 -2.88
N PHE B 190 21.35 0.55 -3.27
CA PHE B 190 21.86 -0.78 -2.94
C PHE B 190 22.59 -1.42 -4.11
N LEU B 191 22.13 -1.19 -5.34
CA LEU B 191 22.79 -1.77 -6.51
C LEU B 191 24.10 -1.08 -6.84
N ASP B 192 24.35 0.11 -6.29
CA ASP B 192 25.61 0.81 -6.51
C ASP B 192 26.64 0.55 -5.42
N SER B 193 26.20 0.22 -4.20
CA SER B 193 27.13 -0.05 -3.12
C SER B 193 27.63 -1.49 -3.17
N VAL B 194 26.71 -2.45 -3.07
CA VAL B 194 27.07 -3.86 -3.05
C VAL B 194 27.35 -4.35 -4.47
N PRO B 195 28.55 -4.86 -4.76
CA PRO B 195 28.82 -5.40 -6.10
C PRO B 195 28.09 -6.71 -6.31
N ARG B 196 28.02 -7.12 -7.58
CA ARG B 196 27.29 -8.32 -7.94
C ARG B 196 27.94 -9.56 -7.37
N ILE B 197 27.12 -10.45 -6.81
CA ILE B 197 27.54 -11.74 -6.30
C ILE B 197 26.99 -12.81 -7.24
N PRO B 198 27.83 -13.49 -8.02
CA PRO B 198 27.29 -14.38 -9.08
C PRO B 198 26.42 -15.52 -8.56
N TRP B 199 26.66 -16.03 -7.36
CA TRP B 199 25.93 -17.17 -6.84
C TRP B 199 24.76 -16.79 -5.94
N ALA B 200 24.47 -15.49 -5.81
CA ALA B 200 23.48 -15.06 -4.83
C ALA B 200 22.05 -15.39 -5.25
N PHE B 201 21.77 -15.45 -6.55
CA PHE B 201 20.40 -15.67 -6.99
C PHE B 201 19.98 -17.11 -6.83
N ALA B 202 20.92 -18.04 -6.81
CA ALA B 202 20.59 -19.44 -6.57
C ALA B 202 20.26 -19.71 -5.11
N MET B 203 20.85 -18.94 -4.19
CA MET B 203 20.59 -19.13 -2.76
C MET B 203 19.22 -18.64 -2.36
N THR B 204 18.59 -17.76 -3.16
CA THR B 204 17.23 -17.34 -2.87
C THR B 204 16.26 -18.50 -2.98
N GLU B 205 16.43 -19.34 -4.00
CA GLU B 205 15.56 -20.49 -4.18
C GLU B 205 15.87 -21.62 -3.21
N VAL B 206 17.14 -21.76 -2.81
CA VAL B 206 17.48 -22.72 -1.75
C VAL B 206 16.80 -22.31 -0.45
N CYS B 207 16.83 -21.01 -0.13
CA CYS B 207 16.07 -20.50 1.01
C CYS B 207 14.57 -20.65 0.80
N GLY B 208 14.12 -20.71 -0.46
CA GLY B 208 12.71 -20.88 -0.76
C GLY B 208 12.22 -22.29 -0.85
N MET B 209 13.13 -23.27 -0.78
CA MET B 209 12.73 -24.67 -0.73
C MET B 209 12.72 -25.21 0.70
N ILE B 210 13.54 -24.64 1.58
CA ILE B 210 13.45 -25.00 3.00
C ILE B 210 12.12 -24.56 3.57
N LEU B 211 11.68 -23.35 3.23
CA LEU B 211 10.38 -22.87 3.72
C LEU B 211 9.23 -23.66 3.12
N CYS B 212 9.42 -24.21 1.91
CA CYS B 212 8.37 -25.03 1.31
C CYS B 212 8.29 -26.39 1.98
N TYR B 213 9.43 -27.01 2.26
CA TYR B 213 9.44 -28.30 2.94
C TYR B 213 8.90 -28.18 4.36
N ILE B 214 9.27 -27.11 5.07
CA ILE B 214 8.74 -26.90 6.42
C ILE B 214 7.23 -26.71 6.38
N TRP B 215 6.74 -25.93 5.42
CA TRP B 215 5.29 -25.75 5.30
C TRP B 215 4.61 -27.03 4.86
N LEU B 216 5.28 -27.83 4.03
CA LEU B 216 4.70 -29.09 3.60
C LEU B 216 4.51 -30.04 4.78
N LEU B 217 5.36 -29.93 5.81
CA LEU B 217 5.19 -30.74 7.01
C LEU B 217 4.01 -30.25 7.84
N VAL B 218 3.82 -28.93 7.92
CA VAL B 218 2.66 -28.38 8.62
C VAL B 218 1.38 -28.84 7.94
N LEU B 219 1.38 -28.88 6.61
CA LEU B 219 0.21 -29.27 5.84
C LEU B 219 -0.09 -30.76 5.96
N LEU B 220 0.83 -31.56 6.49
CA LEU B 220 0.64 -33.00 6.61
C LEU B 220 0.15 -33.43 7.99
N LEU B 221 0.49 -32.70 9.05
CA LEU B 221 0.15 -33.06 10.41
C LEU B 221 -0.95 -32.18 10.99
N HIS B 222 -1.87 -31.71 10.16
CA HIS B 222 -2.90 -30.77 10.60
C HIS B 222 -4.28 -31.41 10.47
N LYS B 223 -5.20 -31.00 11.34
CA LYS B 223 -6.59 -31.44 11.22
C LYS B 223 -7.24 -30.85 9.98
N HIS B 224 -7.27 -29.53 9.89
CA HIS B 224 -7.94 -28.84 8.79
C HIS B 224 -6.94 -28.44 7.70
N ARG B 225 -6.31 -29.46 7.12
CA ARG B 225 -5.37 -29.20 6.03
C ARG B 225 -6.09 -28.84 4.73
N SER B 226 -7.36 -29.21 4.60
CA SER B 226 -8.11 -28.83 3.40
C SER B 226 -8.31 -27.32 3.33
N ILE B 227 -8.61 -26.68 4.46
CA ILE B 227 -8.81 -25.24 4.46
C ILE B 227 -7.49 -24.52 4.23
N LEU B 228 -6.40 -25.01 4.81
CA LEU B 228 -5.10 -24.35 4.66
C LEU B 228 -4.66 -24.35 3.20
N LEU B 229 -4.80 -25.48 2.52
CA LEU B 229 -4.44 -25.55 1.11
C LEU B 229 -5.36 -24.69 0.25
N ARG B 230 -6.60 -24.52 0.68
CA ARG B 230 -7.55 -23.68 -0.05
C ARG B 230 -7.31 -22.19 0.21
N ARG B 231 -6.61 -21.84 1.28
CA ARG B 231 -6.27 -20.45 1.56
C ARG B 231 -4.96 -20.04 0.89
N LEU B 232 -4.01 -20.98 0.79
CA LEU B 232 -2.77 -20.70 0.07
C LEU B 232 -3.04 -20.41 -1.40
N CYS B 233 -3.95 -21.19 -2.01
CA CYS B 233 -4.24 -21.01 -3.43
C CYS B 233 -5.09 -19.78 -3.70
N SER B 234 -6.01 -19.44 -2.79
CA SER B 234 -6.85 -18.27 -3.00
C SER B 234 -6.08 -16.96 -2.85
N LEU B 235 -4.85 -16.99 -2.33
CA LEU B 235 -4.02 -15.81 -2.17
C LEU B 235 -2.88 -15.73 -3.18
N MET B 236 -2.30 -16.86 -3.58
CA MET B 236 -1.27 -16.84 -4.60
C MET B 236 -1.81 -16.50 -5.98
N GLY B 237 -3.13 -16.54 -6.16
CA GLY B 237 -3.72 -16.15 -7.42
C GLY B 237 -4.04 -14.66 -7.44
N THR B 238 -4.57 -14.14 -6.33
CA THR B 238 -4.89 -12.72 -6.24
C THR B 238 -3.63 -11.87 -6.33
N VAL B 239 -2.56 -12.27 -5.64
CA VAL B 239 -1.33 -11.47 -5.66
C VAL B 239 -0.66 -11.56 -7.03
N PHE B 240 -0.66 -12.74 -7.64
CA PHE B 240 -0.06 -12.88 -8.96
C PHE B 240 -0.92 -12.27 -10.06
N LEU B 241 -2.18 -11.94 -9.77
CA LEU B 241 -2.97 -11.15 -10.71
C LEU B 241 -2.57 -9.68 -10.65
N LEU B 242 -2.29 -9.17 -9.46
CA LEU B 242 -1.79 -7.81 -9.33
C LEU B 242 -0.42 -7.64 -9.97
N ARG B 243 0.35 -8.72 -10.10
CA ARG B 243 1.64 -8.64 -10.77
C ARG B 243 1.47 -8.42 -12.28
N CYS B 244 0.43 -8.98 -12.87
CA CYS B 244 0.19 -8.79 -14.29
C CYS B 244 -0.31 -7.39 -14.60
N PHE B 245 -0.99 -6.75 -13.64
CA PHE B 245 -1.49 -5.40 -13.86
C PHE B 245 -0.35 -4.38 -13.85
N THR B 246 0.56 -4.49 -12.87
CA THR B 246 1.65 -3.54 -12.75
C THR B 246 2.79 -3.80 -13.72
N MET B 247 2.86 -5.00 -14.30
CA MET B 247 3.85 -5.31 -15.32
C MET B 247 3.37 -4.95 -16.72
N PHE B 248 2.09 -4.63 -16.86
CA PHE B 248 1.52 -4.23 -18.15
C PHE B 248 1.53 -2.73 -18.34
N VAL B 249 1.24 -1.96 -17.28
CA VAL B 249 1.16 -0.50 -17.40
C VAL B 249 2.55 0.07 -17.69
N THR B 250 3.57 -0.34 -16.94
CA THR B 250 4.92 0.14 -17.14
C THR B 250 5.90 -1.00 -16.84
N SER B 251 6.91 -1.14 -17.69
CA SER B 251 7.85 -2.26 -17.65
C SER B 251 9.20 -1.75 -17.16
N LEU B 252 9.59 -2.15 -15.96
CA LEU B 252 10.83 -1.71 -15.33
C LEU B 252 11.75 -2.91 -15.13
N SER B 253 12.79 -3.00 -15.96
CA SER B 253 13.79 -4.05 -15.89
C SER B 253 15.12 -3.44 -15.46
N VAL B 254 16.13 -4.30 -15.29
CA VAL B 254 17.46 -3.86 -14.86
C VAL B 254 18.39 -3.96 -16.07
N PRO B 255 18.88 -2.85 -16.60
CA PRO B 255 19.68 -2.88 -17.82
C PRO B 255 21.05 -3.54 -17.74
N GLY B 256 21.14 -4.84 -17.95
CA GLY B 256 22.45 -5.42 -18.21
C GLY B 256 22.74 -6.83 -17.75
N GLN B 257 21.99 -7.36 -16.78
CA GLN B 257 22.14 -8.76 -16.45
C GLN B 257 21.32 -9.61 -17.42
N HIS B 258 21.77 -10.86 -17.60
CA HIS B 258 21.18 -11.78 -18.58
C HIS B 258 21.22 -11.19 -19.98
N LEU B 259 22.31 -10.46 -20.27
CA LEU B 259 22.46 -9.79 -21.55
C LEU B 259 22.70 -10.73 -22.71
N GLN B 260 23.06 -11.99 -22.45
CA GLN B 260 23.36 -12.95 -23.50
C GLN B 260 22.22 -13.92 -23.74
N CYS B 261 21.03 -13.66 -23.20
CA CYS B 261 19.92 -14.60 -23.34
C CYS B 261 19.48 -14.66 -24.80
N THR B 262 19.33 -15.88 -25.31
CA THR B 262 19.03 -16.11 -26.72
C THR B 262 17.51 -16.10 -26.93
N GLY B 263 17.08 -16.53 -28.11
CA GLY B 263 15.66 -16.52 -28.46
C GLY B 263 15.26 -15.21 -29.15
N LYS B 264 14.47 -14.39 -28.46
CA LYS B 264 14.03 -13.07 -28.89
C LYS B 264 13.27 -13.09 -30.21
N ILE B 265 12.75 -11.92 -30.60
CA ILE B 265 11.93 -11.70 -31.80
C ILE B 265 11.02 -12.91 -32.07
N TYR B 266 10.12 -13.19 -31.13
CA TYR B 266 9.14 -14.25 -31.29
C TYR B 266 7.94 -13.71 -32.06
N GLY B 267 8.14 -13.48 -33.36
CA GLY B 267 7.06 -12.91 -34.13
C GLY B 267 6.17 -13.96 -34.77
N SER B 268 5.10 -14.30 -34.05
CA SER B 268 4.04 -15.20 -34.49
C SER B 268 3.05 -15.34 -33.35
N VAL B 269 1.95 -16.07 -33.57
CA VAL B 269 1.03 -16.38 -32.49
C VAL B 269 1.33 -17.73 -31.85
N TRP B 270 1.95 -18.66 -32.59
CA TRP B 270 2.19 -20.01 -32.09
C TRP B 270 3.62 -20.26 -31.62
N GLU B 271 4.50 -19.26 -31.70
CA GLU B 271 5.82 -19.37 -31.09
C GLU B 271 5.91 -18.70 -29.74
N LYS B 272 5.08 -17.68 -29.49
CA LYS B 272 5.00 -17.11 -28.16
C LYS B 272 4.47 -18.13 -27.15
N LEU B 273 3.51 -18.95 -27.58
CA LEU B 273 2.94 -19.95 -26.67
C LEU B 273 3.97 -20.98 -26.27
N HIS B 274 4.82 -21.42 -27.21
CA HIS B 274 5.86 -22.38 -26.88
C HIS B 274 6.84 -21.81 -25.86
N ARG B 275 7.19 -20.53 -26.03
CA ARG B 275 8.03 -19.87 -25.03
C ARG B 275 7.28 -19.66 -23.72
N ALA B 276 5.96 -19.47 -23.79
CA ALA B 276 5.17 -19.38 -22.56
C ALA B 276 5.02 -20.71 -21.85
N PHE B 277 5.15 -21.82 -22.59
CA PHE B 277 5.08 -23.14 -21.97
C PHE B 277 6.36 -23.49 -21.23
N ALA B 278 7.51 -23.05 -21.75
CA ALA B 278 8.78 -23.34 -21.09
C ALA B 278 8.86 -22.67 -19.73
N ILE B 279 8.41 -21.42 -19.64
CA ILE B 279 8.41 -20.71 -18.36
C ILE B 279 7.38 -21.34 -17.41
N TRP B 280 6.22 -21.72 -17.95
CA TRP B 280 5.17 -22.28 -17.10
C TRP B 280 5.61 -23.59 -16.46
N SER B 281 6.10 -24.53 -17.27
CA SER B 281 6.55 -25.82 -16.73
C SER B 281 8.03 -25.78 -16.38
N GLY B 282 8.42 -24.75 -15.64
CA GLY B 282 9.75 -24.66 -15.08
C GLY B 282 9.70 -23.96 -13.74
N PHE B 283 8.50 -23.56 -13.34
CA PHE B 283 8.23 -22.83 -12.10
C PHE B 283 8.98 -21.49 -12.02
N GLY B 284 9.52 -21.01 -13.13
CA GLY B 284 10.23 -19.76 -13.14
C GLY B 284 11.58 -19.77 -12.44
N MET B 285 12.02 -20.92 -11.94
CA MET B 285 13.25 -20.99 -11.16
C MET B 285 14.47 -20.90 -12.07
N THR B 286 15.59 -20.49 -11.48
CA THR B 286 16.86 -20.44 -12.19
C THR B 286 17.59 -21.77 -12.19
N LEU B 287 17.21 -22.71 -11.32
CA LEU B 287 17.83 -24.03 -11.31
C LEU B 287 17.39 -24.84 -12.52
N THR B 288 16.09 -25.07 -12.64
CA THR B 288 15.50 -25.61 -13.86
C THR B 288 15.51 -24.49 -14.89
N GLY B 289 16.52 -24.46 -15.74
CA GLY B 289 16.79 -23.26 -16.52
C GLY B 289 15.65 -22.81 -17.41
N VAL B 290 14.96 -21.76 -16.96
CA VAL B 290 13.95 -21.06 -17.72
C VAL B 290 14.30 -19.58 -17.70
N HIS B 291 14.74 -19.10 -16.54
CA HIS B 291 15.01 -17.67 -16.31
C HIS B 291 16.27 -17.30 -17.07
N THR B 292 16.12 -17.16 -18.40
CA THR B 292 17.24 -16.85 -19.27
C THR B 292 17.39 -15.35 -19.46
N CYS B 293 16.30 -14.63 -19.70
CA CYS B 293 16.31 -13.18 -19.81
C CYS B 293 15.88 -12.56 -18.49
N GLY B 294 15.77 -11.23 -18.48
CA GLY B 294 15.48 -10.50 -17.26
C GLY B 294 14.01 -10.56 -16.88
N ASP B 295 13.69 -9.95 -15.74
CA ASP B 295 12.35 -9.92 -15.20
C ASP B 295 11.97 -8.49 -14.82
N TYR B 296 10.67 -8.21 -14.85
CA TYR B 296 10.13 -6.87 -14.74
C TYR B 296 9.56 -6.60 -13.35
N MET B 297 8.83 -5.50 -13.24
CA MET B 297 8.39 -4.95 -11.95
C MET B 297 7.62 -5.99 -11.15
N PHE B 298 7.55 -5.77 -9.83
CA PHE B 298 6.83 -6.64 -8.90
C PHE B 298 7.39 -8.07 -8.94
N SER B 299 8.62 -8.17 -8.43
CA SER B 299 9.32 -9.46 -8.37
C SER B 299 8.43 -10.56 -7.80
N GLY B 300 8.65 -11.78 -8.30
CA GLY B 300 7.84 -12.91 -7.91
C GLY B 300 8.49 -13.79 -6.85
N HIS B 301 9.81 -13.74 -6.75
CA HIS B 301 10.51 -14.50 -5.71
C HIS B 301 10.19 -13.95 -4.33
N THR B 302 10.04 -12.63 -4.22
CA THR B 302 9.72 -12.02 -2.93
C THR B 302 8.30 -12.34 -2.49
N VAL B 303 7.40 -12.57 -3.44
CA VAL B 303 6.02 -12.90 -3.10
C VAL B 303 5.94 -14.30 -2.50
N VAL B 304 6.62 -15.26 -3.10
CA VAL B 304 6.56 -16.64 -2.62
C VAL B 304 7.26 -16.79 -1.28
N LEU B 305 8.41 -16.14 -1.12
CA LEU B 305 9.14 -16.20 0.14
C LEU B 305 8.33 -15.61 1.29
N THR B 306 7.68 -14.48 1.06
CA THR B 306 6.93 -13.81 2.12
C THR B 306 5.62 -14.51 2.42
N MET B 307 4.96 -15.09 1.41
CA MET B 307 3.71 -15.79 1.66
C MET B 307 3.93 -17.05 2.48
N LEU B 308 4.96 -17.82 2.16
CA LEU B 308 5.23 -19.04 2.92
C LEU B 308 5.70 -18.74 4.33
N ASN B 309 6.43 -17.62 4.52
CA ASN B 309 6.88 -17.25 5.85
C ASN B 309 5.71 -16.91 6.76
N PHE B 310 4.69 -16.22 6.24
CA PHE B 310 3.57 -15.81 7.06
C PHE B 310 2.65 -16.98 7.39
N PHE B 311 2.52 -17.94 6.48
CA PHE B 311 1.69 -19.11 6.75
C PHE B 311 2.30 -20.00 7.81
N VAL B 312 3.62 -20.20 7.77
CA VAL B 312 4.28 -21.04 8.77
C VAL B 312 4.11 -20.42 10.15
N THR B 313 4.29 -19.11 10.26
CA THR B 313 4.12 -18.44 11.55
C THR B 313 2.67 -18.48 12.01
N GLU B 314 1.73 -18.32 11.08
CA GLU B 314 0.32 -18.24 11.46
C GLU B 314 -0.23 -19.57 11.92
N TYR B 315 0.15 -20.67 11.27
CA TYR B 315 -0.44 -21.98 11.50
C TYR B 315 0.50 -22.92 12.26
N THR B 316 1.21 -22.38 13.25
CA THR B 316 1.93 -23.15 14.24
C THR B 316 1.58 -22.61 15.62
N PRO B 317 1.68 -23.44 16.66
CA PRO B 317 1.24 -22.99 17.99
C PRO B 317 2.01 -21.76 18.46
N ARG B 318 1.32 -20.90 19.21
CA ARG B 318 1.94 -19.66 19.66
C ARG B 318 2.80 -19.91 20.90
N SER B 319 3.66 -20.93 20.81
CA SER B 319 4.66 -21.18 21.84
C SER B 319 5.99 -21.62 21.23
N TRP B 320 6.10 -21.64 19.90
CA TRP B 320 7.27 -22.16 19.20
C TRP B 320 8.15 -21.03 18.68
N ASN B 321 8.41 -20.01 19.50
CA ASN B 321 9.08 -18.83 19.00
C ASN B 321 10.58 -19.03 18.85
N PHE B 322 10.96 -20.09 18.17
CA PHE B 322 12.26 -20.32 17.58
C PHE B 322 12.17 -20.74 16.13
N LEU B 323 11.16 -21.55 15.79
CA LEU B 323 10.83 -21.78 14.39
C LEU B 323 10.29 -20.52 13.74
N HIS B 324 9.58 -19.68 14.50
CA HIS B 324 9.13 -18.41 13.98
C HIS B 324 10.30 -17.50 13.67
N THR B 325 11.32 -17.49 14.54
CA THR B 325 12.51 -16.68 14.29
C THR B 325 13.32 -17.24 13.13
N LEU B 326 13.40 -18.57 13.01
CA LEU B 326 14.15 -19.19 11.91
C LEU B 326 13.51 -18.86 10.57
N SER B 327 12.17 -18.89 10.49
CA SER B 327 11.50 -18.58 9.23
C SER B 327 11.71 -17.12 8.84
N TRP B 328 11.69 -16.21 9.80
CA TRP B 328 11.91 -14.80 9.50
C TRP B 328 13.33 -14.55 8.99
N VAL B 329 14.29 -15.37 9.40
CA VAL B 329 15.66 -15.22 8.90
C VAL B 329 15.75 -15.66 7.45
N LEU B 330 15.09 -16.76 7.10
CA LEU B 330 15.11 -17.22 5.71
C LEU B 330 14.40 -16.25 4.79
N ASN B 331 13.37 -15.56 5.28
CA ASN B 331 12.68 -14.57 4.48
C ASN B 331 13.59 -13.38 4.18
N LEU B 332 14.24 -12.85 5.21
CA LEU B 332 15.07 -11.65 5.04
C LEU B 332 16.33 -11.95 4.26
N PHE B 333 16.96 -13.10 4.51
CA PHE B 333 18.15 -13.46 3.75
C PHE B 333 17.83 -13.74 2.29
N GLY B 334 16.66 -14.32 2.03
CA GLY B 334 16.24 -14.53 0.65
C GLY B 334 15.98 -13.23 -0.08
N ILE B 335 15.42 -12.24 0.63
CA ILE B 335 15.17 -10.93 0.02
C ILE B 335 16.50 -10.23 -0.27
N PHE B 336 17.45 -10.31 0.65
CA PHE B 336 18.73 -9.64 0.47
C PHE B 336 19.50 -10.18 -0.73
N PHE B 337 19.34 -11.46 -1.03
CA PHE B 337 20.08 -12.07 -2.13
C PHE B 337 19.49 -11.76 -3.50
N ILE B 338 18.25 -11.28 -3.55
CA ILE B 338 17.69 -10.79 -4.81
C ILE B 338 18.37 -9.49 -5.21
N LEU B 339 18.62 -8.61 -4.24
CA LEU B 339 19.29 -7.35 -4.52
C LEU B 339 20.79 -7.53 -4.73
N ALA B 340 21.41 -8.50 -4.05
CA ALA B 340 22.85 -8.71 -4.19
C ALA B 340 23.20 -9.33 -5.54
N ALA B 341 22.25 -9.99 -6.19
CA ALA B 341 22.48 -10.54 -7.53
C ALA B 341 22.16 -9.53 -8.63
N HIS B 342 21.72 -8.32 -8.27
CA HIS B 342 21.36 -7.29 -9.24
C HIS B 342 20.28 -7.78 -10.21
N GLU B 343 19.24 -8.39 -9.66
CA GLU B 343 18.12 -8.89 -10.45
C GLU B 343 16.90 -7.99 -10.40
N HIS B 344 16.78 -7.20 -9.35
CA HIS B 344 15.60 -6.35 -9.11
C HIS B 344 16.02 -5.05 -8.50
N TYR B 345 15.29 -3.99 -8.68
CA TYR B 345 15.59 -2.71 -8.07
C TYR B 345 15.19 -2.72 -6.60
N SER B 346 15.68 -1.70 -5.86
CA SER B 346 15.37 -1.60 -4.45
C SER B 346 13.91 -1.29 -4.20
N ILE B 347 13.19 -0.75 -5.19
CA ILE B 347 11.78 -0.46 -5.04
C ILE B 347 10.90 -1.59 -5.56
N ASP B 348 11.44 -2.47 -6.42
CA ASP B 348 10.72 -3.68 -6.80
C ASP B 348 10.45 -4.56 -5.59
N VAL B 349 11.44 -4.71 -4.72
CA VAL B 349 11.36 -5.63 -3.59
C VAL B 349 10.55 -5.07 -2.42
N PHE B 350 10.43 -3.75 -2.31
CA PHE B 350 9.69 -3.19 -1.19
C PHE B 350 8.18 -3.19 -1.42
N ILE B 351 7.72 -2.92 -2.65
CA ILE B 351 6.29 -2.96 -2.90
C ILE B 351 5.78 -4.38 -3.07
N ALA B 352 6.66 -5.33 -3.39
CA ALA B 352 6.27 -6.73 -3.40
C ALA B 352 6.13 -7.27 -1.99
N PHE B 353 7.06 -6.89 -1.10
CA PHE B 353 6.97 -7.29 0.30
C PHE B 353 5.76 -6.66 0.98
N TYR B 354 5.49 -5.38 0.69
CA TYR B 354 4.38 -4.69 1.34
C TYR B 354 3.04 -5.27 0.93
N ILE B 355 2.87 -5.59 -0.36
CA ILE B 355 1.56 -5.98 -0.86
C ILE B 355 1.17 -7.36 -0.32
N THR B 356 2.10 -8.31 -0.33
CA THR B 356 1.78 -9.65 0.16
C THR B 356 1.52 -9.62 1.67
N THR B 357 2.28 -8.82 2.41
CA THR B 357 2.04 -8.68 3.84
C THR B 357 0.68 -8.04 4.11
N ARG B 358 0.34 -6.99 3.36
CA ARG B 358 -0.92 -6.29 3.60
C ARG B 358 -2.11 -7.15 3.20
N LEU B 359 -2.02 -7.87 2.08
CA LEU B 359 -3.14 -8.69 1.64
C LEU B 359 -3.33 -9.91 2.52
N PHE B 360 -2.25 -10.44 3.11
CA PHE B 360 -2.38 -11.54 4.05
C PHE B 360 -3.14 -11.12 5.30
N LEU B 361 -2.79 -9.98 5.89
CA LEU B 361 -3.44 -9.55 7.11
C LEU B 361 -4.88 -9.10 6.86
N TYR B 362 -5.18 -8.62 5.66
CA TYR B 362 -6.54 -8.21 5.35
C TYR B 362 -7.44 -9.41 5.12
N TYR B 363 -6.91 -10.47 4.50
CA TYR B 363 -7.70 -11.68 4.28
C TYR B 363 -8.09 -12.33 5.60
N HIS B 364 -7.15 -12.40 6.54
CA HIS B 364 -7.42 -13.09 7.80
C HIS B 364 -8.22 -12.23 8.78
N THR B 365 -8.29 -10.92 8.56
CA THR B 365 -9.20 -10.10 9.34
C THR B 365 -10.64 -10.38 8.95
N LEU B 366 -10.92 -10.42 7.64
CA LEU B 366 -12.26 -10.73 7.17
C LEU B 366 -12.64 -12.18 7.45
N ALA B 367 -11.67 -13.10 7.32
CA ALA B 367 -11.97 -14.50 7.55
C ALA B 367 -12.28 -14.79 9.01
N ASN B 368 -11.71 -14.02 9.94
CA ASN B 368 -11.95 -14.21 11.36
C ASN B 368 -13.13 -13.40 11.87
N THR B 369 -13.25 -12.14 11.43
CA THR B 369 -14.43 -11.35 11.75
C THR B 369 -15.68 -11.95 11.11
N ARG B 370 -15.52 -12.68 10.01
CA ARG B 370 -16.62 -13.33 9.30
C ARG B 370 -17.63 -12.27 8.85
N ALA B 371 -17.16 -11.45 7.92
CA ALA B 371 -17.94 -10.37 7.35
C ALA B 371 -18.60 -10.73 6.04
N TYR B 372 -18.38 -11.95 5.53
CA TYR B 372 -19.01 -12.36 4.28
C TYR B 372 -20.50 -12.63 4.45
N GLN B 373 -20.96 -12.89 5.68
CA GLN B 373 -22.36 -13.07 5.95
C GLN B 373 -22.87 -12.19 7.09
N GLN B 374 -21.99 -11.42 7.73
CA GLN B 374 -22.41 -10.54 8.81
C GLN B 374 -23.37 -9.48 8.29
N SER B 375 -22.98 -8.76 7.25
CA SER B 375 -23.79 -7.72 6.62
C SER B 375 -23.13 -7.37 5.29
N ARG B 376 -23.68 -6.37 4.61
CA ARG B 376 -23.09 -5.86 3.37
C ARG B 376 -22.06 -4.79 3.72
N ARG B 377 -20.95 -5.25 4.28
CA ARG B 377 -19.92 -4.36 4.81
C ARG B 377 -19.30 -3.50 3.72
N ALA B 378 -18.55 -4.12 2.80
CA ALA B 378 -17.88 -3.37 1.76
C ALA B 378 -17.88 -4.06 0.40
N ARG B 379 -18.59 -5.18 0.24
CA ARG B 379 -18.55 -5.98 -0.99
C ARG B 379 -17.11 -6.37 -1.33
N ILE B 380 -16.58 -7.24 -0.46
CA ILE B 380 -15.19 -7.67 -0.47
C ILE B 380 -14.73 -7.97 -1.89
N TRP B 381 -13.61 -7.38 -2.28
CA TRP B 381 -13.12 -7.44 -3.65
C TRP B 381 -12.17 -8.59 -3.91
N PHE B 382 -11.95 -9.47 -2.93
CA PHE B 382 -11.11 -10.64 -3.14
C PHE B 382 -11.78 -11.55 -4.17
N PRO B 383 -11.09 -11.91 -5.25
CA PRO B 383 -11.70 -12.80 -6.26
C PRO B 383 -12.08 -14.13 -5.66
N MET B 384 -13.38 -14.44 -5.71
CA MET B 384 -13.93 -15.72 -5.25
C MET B 384 -13.59 -15.94 -3.78
N PHE B 385 -14.12 -15.06 -2.93
CA PHE B 385 -13.89 -15.12 -1.49
C PHE B 385 -15.01 -15.82 -0.74
N SER B 386 -16.26 -15.35 -0.90
CA SER B 386 -17.38 -15.94 -0.20
C SER B 386 -17.69 -17.35 -0.67
N PHE B 387 -17.24 -17.72 -1.87
CA PHE B 387 -17.47 -19.08 -2.35
C PHE B 387 -16.65 -20.10 -1.58
N PHE B 388 -15.47 -19.72 -1.10
CA PHE B 388 -14.57 -20.64 -0.42
C PHE B 388 -14.77 -20.65 1.08
N GLU B 389 -15.07 -19.51 1.69
CA GLU B 389 -15.15 -19.38 3.14
C GLU B 389 -16.59 -19.44 3.66
N CYS B 390 -17.55 -19.81 2.82
CA CYS B 390 -18.94 -19.84 3.27
C CYS B 390 -19.16 -20.90 4.34
N ASN B 391 -18.56 -22.08 4.17
CA ASN B 391 -18.74 -23.18 5.11
C ASN B 391 -17.81 -23.10 6.32
N VAL B 392 -16.89 -22.15 6.35
CA VAL B 392 -15.98 -21.96 7.47
C VAL B 392 -16.46 -20.77 8.28
N ASN B 393 -16.87 -21.03 9.53
CA ASN B 393 -17.37 -20.00 10.42
C ASN B 393 -16.37 -19.80 11.57
N GLY B 394 -15.98 -18.55 11.79
CA GLY B 394 -15.07 -18.24 12.88
C GLY B 394 -13.61 -18.42 12.52
N THR B 395 -12.83 -18.94 13.46
CA THR B 395 -11.39 -19.12 13.29
C THR B 395 -11.05 -20.59 13.24
N VAL B 396 -10.09 -20.94 12.40
CA VAL B 396 -9.61 -22.31 12.28
C VAL B 396 -8.63 -22.58 13.42
N PRO B 397 -8.88 -23.58 14.28
CA PRO B 397 -7.98 -23.85 15.40
C PRO B 397 -6.66 -24.46 14.97
N ASN B 398 -5.84 -24.85 15.94
CA ASN B 398 -4.50 -25.36 15.66
C ASN B 398 -4.34 -26.78 16.18
N GLU B 399 -5.31 -27.65 15.89
CA GLU B 399 -5.22 -29.04 16.31
C GLU B 399 -4.42 -29.85 15.30
N TYR B 400 -3.57 -30.73 15.80
CA TYR B 400 -2.68 -31.54 14.98
C TYR B 400 -2.90 -33.02 15.27
N CYS B 401 -2.80 -33.86 14.25
CA CYS B 401 -2.99 -35.29 14.38
C CYS B 401 -1.98 -36.02 13.50
N TRP B 402 -2.21 -37.31 13.32
CA TRP B 402 -1.44 -38.15 12.40
C TRP B 402 -2.42 -38.85 11.47
N PRO B 403 -2.28 -38.70 10.15
CA PRO B 403 -3.33 -39.19 9.24
C PRO B 403 -3.27 -40.68 8.98
N PHE B 404 -2.07 -41.26 9.02
CA PHE B 404 -1.92 -42.67 8.73
C PHE B 404 -2.47 -43.52 9.88
N SER B 405 -3.09 -44.64 9.53
CA SER B 405 -3.66 -45.56 10.51
C SER B 405 -2.68 -46.64 10.95
N LYS B 406 -1.37 -46.39 10.83
CA LYS B 406 -0.33 -47.35 11.20
C LYS B 406 0.60 -46.69 12.21
N PRO B 407 0.32 -46.83 13.52
CA PRO B 407 1.14 -46.25 14.58
C PRO B 407 2.56 -46.84 14.61
N ARG C 144 13.22 7.31 53.82
CA ARG C 144 12.78 7.78 52.51
C ARG C 144 13.97 8.18 51.65
N LEU C 145 13.71 8.61 50.43
CA LEU C 145 14.76 9.01 49.49
C LEU C 145 15.29 10.38 49.89
N ASP C 146 16.39 10.38 50.65
CA ASP C 146 17.01 11.62 51.09
C ASP C 146 18.25 11.87 50.26
N PRO C 147 18.30 12.94 49.47
CA PRO C 147 19.50 13.20 48.64
C PRO C 147 20.69 13.61 49.49
N GLU C 148 21.66 12.71 49.63
CA GLU C 148 22.88 12.97 50.39
C GLU C 148 23.92 13.50 49.42
N TYR C 149 23.99 14.83 49.32
CA TYR C 149 24.92 15.45 48.38
C TYR C 149 26.38 15.23 48.78
N TRP C 150 26.64 14.90 50.05
CA TRP C 150 27.99 14.57 50.47
C TRP C 150 28.41 13.17 50.03
N LYS C 151 27.46 12.32 49.66
CA LYS C 151 27.78 10.99 49.13
C LYS C 151 28.01 11.01 47.64
N THR C 152 27.27 11.83 46.89
CA THR C 152 27.45 11.92 45.45
C THR C 152 28.84 12.44 45.10
N ILE C 153 29.32 13.42 45.86
CA ILE C 153 30.66 13.97 45.60
C ILE C 153 31.72 12.90 45.78
N LEU C 154 31.58 12.07 46.81
CA LEU C 154 32.52 10.97 47.01
C LEU C 154 32.45 9.96 45.88
N SER C 155 31.30 9.85 45.22
CA SER C 155 31.19 8.95 44.07
C SER C 155 31.87 9.53 42.84
N CYS C 156 31.70 10.84 42.61
CA CYS C 156 32.29 11.46 41.43
C CYS C 156 33.82 11.48 41.51
N ILE C 157 34.37 11.70 42.70
CA ILE C 157 35.83 11.68 42.84
C ILE C 157 36.35 10.25 42.71
N TYR C 158 35.56 9.25 43.10
CA TYR C 158 36.02 7.86 43.03
C TYR C 158 36.21 7.41 41.59
N VAL C 159 35.27 7.77 40.70
CA VAL C 159 35.38 7.32 39.31
C VAL C 159 36.51 8.04 38.59
N PHE C 160 36.80 9.29 38.95
CA PHE C 160 37.84 10.03 38.25
C PHE C 160 39.23 9.54 38.61
N ILE C 161 39.41 8.98 39.83
CA ILE C 161 40.68 8.37 40.17
C ILE C 161 40.91 7.12 39.33
N VAL C 162 39.84 6.36 39.08
CA VAL C 162 39.95 5.18 38.22
C VAL C 162 40.36 5.58 36.81
N PHE C 163 39.84 6.71 36.32
CA PHE C 163 40.23 7.20 35.00
C PHE C 163 41.73 7.48 34.93
N GLY C 164 42.28 8.10 35.98
CA GLY C 164 43.72 8.30 36.02
C GLY C 164 44.49 7.00 36.12
N PHE C 165 43.95 6.04 36.88
CA PHE C 165 44.59 4.73 36.98
C PHE C 165 44.56 4.01 35.63
N THR C 166 43.45 4.10 34.91
CA THR C 166 43.35 3.42 33.61
C THR C 166 44.32 4.02 32.61
N SER C 167 44.47 5.34 32.60
CA SER C 167 45.38 5.98 31.66
C SER C 167 46.82 5.59 31.95
N PHE C 168 47.20 5.54 33.23
CA PHE C 168 48.59 5.23 33.59
C PHE C 168 48.96 3.81 33.18
N ILE C 169 48.07 2.84 33.42
CA ILE C 169 48.41 1.45 33.12
C ILE C 169 48.47 1.22 31.61
N MET C 170 47.80 2.06 30.83
CA MET C 170 47.89 1.95 29.37
C MET C 170 49.29 2.24 28.88
N VAL C 171 49.98 3.19 29.52
CA VAL C 171 51.35 3.49 29.16
C VAL C 171 52.26 2.34 29.55
N ILE C 172 51.98 1.70 30.69
CA ILE C 172 52.84 0.61 31.16
C ILE C 172 52.79 -0.57 30.20
N VAL C 173 51.58 -0.96 29.78
CA VAL C 173 51.45 -2.09 28.87
C VAL C 173 52.01 -1.74 27.49
N HIS C 174 51.93 -0.46 27.10
CA HIS C 174 52.49 -0.04 25.82
C HIS C 174 54.00 -0.24 25.78
N GLU C 175 54.67 -0.05 26.92
CA GLU C 175 56.12 -0.18 26.99
C GLU C 175 56.60 -1.63 26.90
N ARG C 176 55.69 -2.60 26.95
CA ARG C 176 56.11 -4.01 26.93
C ARG C 176 56.67 -4.38 25.57
N VAL C 177 55.86 -4.28 24.52
CA VAL C 177 56.27 -4.63 23.16
C VAL C 177 56.62 -3.33 22.42
N PRO C 178 57.85 -3.15 21.97
CA PRO C 178 58.22 -1.89 21.30
C PRO C 178 57.51 -1.69 19.97
N ASP C 179 57.67 -2.64 19.04
CA ASP C 179 57.17 -2.48 17.68
C ASP C 179 55.65 -2.40 17.62
N MET C 180 54.98 -3.51 17.96
CA MET C 180 53.52 -3.65 17.96
C MET C 180 52.86 -3.09 16.71
N GLN C 181 53.61 -3.00 15.59
CA GLN C 181 53.07 -2.51 14.34
C GLN C 181 53.59 -3.28 13.14
N THR C 182 54.20 -4.45 13.36
CA THR C 182 54.81 -5.22 12.29
C THR C 182 54.02 -6.47 11.92
N TYR C 183 53.33 -7.08 12.87
CA TYR C 183 52.65 -8.34 12.61
C TYR C 183 51.49 -8.13 11.64
N PRO C 184 51.11 -9.18 10.91
CA PRO C 184 49.84 -9.13 10.16
C PRO C 184 48.66 -9.38 11.08
N PRO C 185 47.49 -8.82 10.76
CA PRO C 185 46.33 -8.97 11.65
C PRO C 185 45.86 -10.40 11.73
N LEU C 186 45.25 -10.73 12.86
CA LEU C 186 44.68 -12.06 13.06
C LEU C 186 43.46 -12.27 12.16
N PRO C 187 43.19 -13.50 11.75
CA PRO C 187 42.05 -13.75 10.85
C PRO C 187 40.72 -13.46 11.55
N ASP C 188 39.98 -12.51 10.99
CA ASP C 188 38.67 -12.13 11.50
C ASP C 188 37.62 -12.33 10.41
N ILE C 189 36.35 -12.28 10.82
CA ILE C 189 35.25 -12.45 9.88
C ILE C 189 34.67 -11.11 9.40
N PHE C 190 34.80 -10.05 10.20
CA PHE C 190 34.32 -8.73 9.82
C PHE C 190 35.42 -7.80 9.32
N LEU C 191 36.65 -7.98 9.80
CA LEU C 191 37.75 -7.12 9.40
C LEU C 191 38.35 -7.52 8.05
N ASP C 192 37.91 -8.63 7.47
CA ASP C 192 38.41 -9.07 6.18
C ASP C 192 37.48 -8.74 5.02
N SER C 193 36.16 -8.70 5.26
CA SER C 193 35.23 -8.38 4.19
C SER C 193 35.12 -6.86 4.00
N VAL C 194 34.72 -6.14 5.04
CA VAL C 194 34.52 -4.70 4.96
C VAL C 194 35.88 -4.00 4.95
N PRO C 195 36.17 -3.21 3.93
CA PRO C 195 37.44 -2.47 3.91
C PRO C 195 37.42 -1.30 4.87
N ARG C 196 38.61 -0.77 5.15
CA ARG C 196 38.74 0.32 6.10
C ARG C 196 38.08 1.59 5.57
N ILE C 197 37.32 2.25 6.43
CA ILE C 197 36.68 3.53 6.13
C ILE C 197 37.35 4.60 7.00
N PRO C 198 38.10 5.54 6.41
CA PRO C 198 38.87 6.48 7.23
C PRO C 198 38.03 7.35 8.14
N TRP C 199 36.82 7.75 7.71
CA TRP C 199 35.98 8.63 8.51
C TRP C 199 35.01 7.89 9.41
N ALA C 200 35.05 6.57 9.42
CA ALA C 200 34.08 5.81 10.21
C ALA C 200 34.28 6.02 11.70
N PHE C 201 35.54 6.05 12.16
CA PHE C 201 35.80 6.15 13.59
C PHE C 201 35.41 7.50 14.16
N ALA C 202 35.28 8.53 13.33
CA ALA C 202 34.81 9.82 13.82
C ALA C 202 33.33 9.79 14.18
N MET C 203 32.53 9.03 13.44
CA MET C 203 31.10 8.93 13.72
C MET C 203 30.80 8.20 15.02
N THR C 204 31.74 7.36 15.50
CA THR C 204 31.53 6.69 16.78
C THR C 204 31.48 7.69 17.91
N GLU C 205 32.37 8.68 17.91
CA GLU C 205 32.38 9.70 18.95
C GLU C 205 31.26 10.72 18.78
N VAL C 206 30.80 10.93 17.54
CA VAL C 206 29.67 11.82 17.32
C VAL C 206 28.40 11.25 17.98
N CYS C 207 28.18 9.95 17.84
CA CYS C 207 27.07 9.31 18.54
C CYS C 207 27.28 9.32 20.04
N GLY C 208 28.53 9.33 20.50
CA GLY C 208 28.78 9.40 21.92
C GLY C 208 28.36 10.70 22.54
N MET C 209 28.59 11.82 21.84
CA MET C 209 28.21 13.12 22.37
C MET C 209 26.70 13.28 22.40
N ILE C 210 26.00 12.80 21.38
CA ILE C 210 24.54 12.91 21.34
C ILE C 210 23.92 12.11 22.49
N LEU C 211 24.42 10.90 22.72
CA LEU C 211 23.93 10.10 23.85
C LEU C 211 24.25 10.76 25.17
N CYS C 212 25.37 11.49 25.26
CA CYS C 212 25.68 12.25 26.46
C CYS C 212 24.84 13.51 26.56
N TYR C 213 24.44 14.10 25.43
CA TYR C 213 23.64 15.32 25.46
C TYR C 213 22.22 15.02 25.93
N ILE C 214 21.65 13.90 25.51
CA ILE C 214 20.33 13.51 25.98
C ILE C 214 20.37 13.15 27.46
N TRP C 215 21.44 12.49 27.90
CA TRP C 215 21.55 12.10 29.30
C TRP C 215 21.62 13.33 30.20
N LEU C 216 22.33 14.38 29.77
CA LEU C 216 22.36 15.62 30.54
C LEU C 216 20.97 16.24 30.63
N LEU C 217 20.19 16.14 29.56
CA LEU C 217 18.81 16.61 29.59
C LEU C 217 18.00 15.83 30.61
N VAL C 218 18.19 14.51 30.67
CA VAL C 218 17.49 13.69 31.64
C VAL C 218 17.99 14.00 33.05
N LEU C 219 19.29 14.25 33.20
CA LEU C 219 19.86 14.50 34.52
C LEU C 219 19.41 15.82 35.12
N LEU C 220 18.80 16.70 34.33
CA LEU C 220 18.40 18.00 34.83
C LEU C 220 16.94 18.04 35.26
N LEU C 221 16.05 17.38 34.53
CA LEU C 221 14.62 17.43 34.79
C LEU C 221 14.14 16.34 35.75
N HIS C 222 15.04 15.46 36.20
CA HIS C 222 14.65 14.38 37.11
C HIS C 222 14.69 14.84 38.55
N LYS C 223 13.68 14.47 39.32
CA LYS C 223 13.62 14.85 40.72
C LYS C 223 14.79 14.29 41.51
N HIS C 224 15.11 13.02 41.30
CA HIS C 224 16.22 12.36 41.99
C HIS C 224 17.48 12.39 41.13
N ARG C 225 17.89 13.61 40.76
CA ARG C 225 19.10 13.78 39.97
C ARG C 225 20.36 13.46 40.76
N SER C 226 20.28 13.45 42.09
CA SER C 226 21.42 13.10 42.91
C SER C 226 21.64 11.60 43.01
N ILE C 227 20.66 10.80 42.62
CA ILE C 227 20.78 9.35 42.68
C ILE C 227 21.24 8.78 41.34
N LEU C 228 20.68 9.28 40.23
CA LEU C 228 21.05 8.77 38.92
C LEU C 228 22.53 8.99 38.65
N LEU C 229 23.06 10.15 39.07
CA LEU C 229 24.48 10.42 38.88
C LEU C 229 25.34 9.52 39.74
N ARG C 230 24.91 9.22 40.97
CA ARG C 230 25.72 8.40 41.86
C ARG C 230 25.82 6.97 41.33
N ARG C 231 24.72 6.42 40.80
CA ARG C 231 24.78 5.07 40.25
C ARG C 231 25.66 5.02 39.00
N LEU C 232 25.61 6.06 38.18
CA LEU C 232 26.44 6.09 36.98
C LEU C 232 27.93 6.10 37.34
N CYS C 233 28.30 6.87 38.37
CA CYS C 233 29.70 6.91 38.77
C CYS C 233 30.13 5.61 39.44
N SER C 234 29.21 4.92 40.12
CA SER C 234 29.55 3.67 40.79
C SER C 234 29.58 2.48 39.83
N LEU C 235 29.01 2.62 38.63
CA LEU C 235 29.06 1.55 37.63
C LEU C 235 30.20 1.72 36.66
N MET C 236 30.51 2.96 36.26
CA MET C 236 31.62 3.20 35.35
C MET C 236 32.94 2.77 35.96
N GLY C 237 33.14 3.05 37.25
CA GLY C 237 34.38 2.67 37.90
C GLY C 237 34.57 1.16 37.93
N THR C 238 33.50 0.41 38.16
CA THR C 238 33.61 -1.05 38.22
C THR C 238 33.94 -1.63 36.85
N VAL C 239 33.23 -1.18 35.82
CA VAL C 239 33.48 -1.69 34.46
C VAL C 239 34.88 -1.32 34.01
N PHE C 240 35.30 -0.07 34.24
CA PHE C 240 36.63 0.34 33.82
C PHE C 240 37.73 -0.26 34.68
N LEU C 241 37.39 -0.78 35.87
CA LEU C 241 38.37 -1.53 36.64
C LEU C 241 38.59 -2.91 36.04
N LEU C 242 37.52 -3.54 35.54
CA LEU C 242 37.66 -4.80 34.83
C LEU C 242 38.49 -4.61 33.56
N ARG C 243 38.32 -3.46 32.89
CA ARG C 243 39.11 -3.17 31.71
C ARG C 243 40.60 -3.11 32.03
N CYS C 244 40.94 -2.55 33.19
CA CYS C 244 42.34 -2.53 33.61
C CYS C 244 42.87 -3.93 33.85
N PHE C 245 42.05 -4.81 34.42
CA PHE C 245 42.50 -6.17 34.71
C PHE C 245 42.77 -6.96 33.44
N THR C 246 41.87 -6.88 32.46
CA THR C 246 42.04 -7.66 31.23
C THR C 246 43.15 -7.09 30.36
N MET C 247 43.37 -5.78 30.41
CA MET C 247 44.46 -5.18 29.64
C MET C 247 45.81 -5.54 30.25
N PHE C 248 45.88 -5.62 31.58
CA PHE C 248 47.14 -5.92 32.25
C PHE C 248 47.52 -7.40 32.12
N VAL C 249 46.52 -8.29 32.16
CA VAL C 249 46.81 -9.71 32.12
C VAL C 249 47.31 -10.14 30.75
N THR C 250 46.73 -9.58 29.69
CA THR C 250 47.13 -9.92 28.33
C THR C 250 46.96 -8.70 27.43
N SER C 251 47.73 -8.67 26.35
CA SER C 251 47.73 -7.56 25.40
C SER C 251 47.21 -8.04 24.06
N LEU C 252 46.25 -7.32 23.49
CA LEU C 252 45.67 -7.66 22.20
C LEU C 252 45.31 -6.36 21.48
N SER C 253 45.97 -6.13 20.34
CA SER C 253 45.73 -4.93 19.54
C SER C 253 45.66 -5.34 18.07
N VAL C 254 45.40 -4.36 17.21
CA VAL C 254 45.30 -4.58 15.77
C VAL C 254 46.66 -4.25 15.17
N PRO C 255 47.38 -5.22 14.61
CA PRO C 255 48.78 -4.98 14.21
C PRO C 255 48.93 -4.29 12.86
N GLY C 256 48.92 -2.97 12.84
CA GLY C 256 49.16 -2.27 11.59
C GLY C 256 48.43 -0.94 11.42
N GLN C 257 47.54 -0.62 12.36
CA GLN C 257 46.82 0.64 12.34
C GLN C 257 47.48 1.62 13.31
N HIS C 258 47.38 2.91 12.98
CA HIS C 258 48.03 3.99 13.73
C HIS C 258 49.54 3.74 13.82
N LEU C 259 50.13 3.30 12.71
CA LEU C 259 51.57 3.04 12.67
C LEU C 259 52.40 4.30 12.60
N GLN C 260 51.79 5.46 12.37
CA GLN C 260 52.51 6.72 12.23
C GLN C 260 52.54 7.54 13.50
N CYS C 261 52.03 7.00 14.61
CA CYS C 261 52.03 7.73 15.86
C CYS C 261 53.47 7.87 16.40
N THR C 262 53.80 9.05 16.88
CA THR C 262 55.15 9.37 17.30
C THR C 262 55.29 9.16 18.81
N GLY C 263 56.45 9.52 19.36
CA GLY C 263 56.71 9.37 20.78
C GLY C 263 57.48 8.11 21.11
N LYS C 264 56.80 7.15 21.74
CA LYS C 264 57.32 5.83 22.07
C LYS C 264 58.54 5.89 23.00
N ILE C 265 59.03 4.71 23.42
CA ILE C 265 60.16 4.52 24.32
C ILE C 265 60.18 5.58 25.42
N TYR C 266 59.14 5.59 26.25
CA TYR C 266 59.09 6.46 27.43
C TYR C 266 59.73 5.75 28.62
N GLY C 267 61.05 5.61 28.56
CA GLY C 267 61.74 4.94 29.63
C GLY C 267 62.24 5.88 30.70
N SER C 268 61.45 6.03 31.76
CA SER C 268 61.77 6.90 32.89
C SER C 268 60.68 6.77 33.96
N VAL C 269 60.81 7.51 35.05
CA VAL C 269 59.80 7.46 36.10
C VAL C 269 58.77 8.58 35.97
N TRP C 270 59.17 9.75 35.48
CA TRP C 270 58.29 10.91 35.45
C TRP C 270 57.66 11.17 34.09
N GLU C 271 58.29 10.77 32.99
CA GLU C 271 57.72 11.04 31.67
C GLU C 271 56.46 10.22 31.43
N LYS C 272 56.33 9.06 32.09
CA LYS C 272 55.11 8.27 31.95
C LYS C 272 53.90 9.04 32.49
N LEU C 273 54.08 9.75 33.61
CA LEU C 273 52.99 10.54 34.16
C LEU C 273 52.56 11.64 33.19
N HIS C 274 53.53 12.30 32.55
CA HIS C 274 53.20 13.36 31.60
C HIS C 274 52.41 12.82 30.42
N ARG C 275 52.84 11.68 29.87
CA ARG C 275 52.09 11.06 28.78
C ARG C 275 50.71 10.59 29.25
N ALA C 276 50.65 10.01 30.46
CA ALA C 276 49.36 9.59 31.00
C ALA C 276 48.44 10.77 31.25
N PHE C 277 49.00 11.87 31.75
CA PHE C 277 48.18 13.07 32.01
C PHE C 277 47.60 13.62 30.71
N ALA C 278 48.35 13.53 29.62
CA ALA C 278 47.82 13.98 28.33
C ALA C 278 46.61 13.15 27.91
N ILE C 279 46.68 11.84 28.13
CA ILE C 279 45.54 10.97 27.85
C ILE C 279 44.40 11.27 28.82
N TRP C 280 44.73 11.55 30.08
CA TRP C 280 43.71 11.85 31.08
C TRP C 280 42.90 13.08 30.69
N SER C 281 43.58 14.18 30.39
CA SER C 281 42.89 15.40 29.98
C SER C 281 42.75 15.47 28.46
N GLY C 282 42.25 14.38 27.88
CA GLY C 282 41.89 14.36 26.48
C GLY C 282 40.69 13.47 26.22
N PHE C 283 40.21 12.83 27.28
CA PHE C 283 39.06 11.92 27.25
C PHE C 283 39.24 10.77 26.28
N GLY C 284 40.45 10.53 25.78
CA GLY C 284 40.68 9.48 24.81
C GLY C 284 39.99 9.69 23.48
N MET C 285 39.44 10.87 23.23
CA MET C 285 38.71 11.14 22.01
C MET C 285 39.69 11.45 20.87
N THR C 286 39.24 11.19 19.64
CA THR C 286 40.06 11.48 18.47
C THR C 286 39.75 12.84 17.85
N LEU C 287 38.57 13.40 18.13
CA LEU C 287 38.27 14.75 17.65
C LEU C 287 39.23 15.76 18.27
N THR C 288 39.47 15.64 19.58
CA THR C 288 40.57 16.34 20.23
C THR C 288 41.72 15.35 20.31
N GLY C 289 42.56 15.36 19.27
CA GLY C 289 43.52 14.29 19.06
C GLY C 289 44.48 14.05 20.21
N VAL C 290 44.24 12.97 20.95
CA VAL C 290 45.16 12.51 21.99
C VAL C 290 45.49 11.06 21.71
N HIS C 291 44.45 10.27 21.42
CA HIS C 291 44.61 8.85 21.10
C HIS C 291 45.17 8.73 19.68
N THR C 292 46.50 8.76 19.60
CA THR C 292 47.21 8.70 18.33
C THR C 292 47.71 7.31 18.00
N CYS C 293 48.15 6.54 18.99
CA CYS C 293 48.62 5.19 18.77
C CYS C 293 47.42 4.23 18.83
N GLY C 294 47.69 2.92 18.86
CA GLY C 294 46.65 1.93 18.85
C GLY C 294 45.95 1.78 20.19
N ASP C 295 44.92 0.95 20.19
CA ASP C 295 44.13 0.67 21.37
C ASP C 295 44.14 -0.84 21.66
N TYR C 296 43.78 -1.19 22.89
CA TYR C 296 43.92 -2.55 23.38
C TYR C 296 42.55 -3.18 23.62
N MET C 297 42.56 -4.38 24.20
CA MET C 297 41.37 -5.17 24.43
C MET C 297 40.39 -4.43 25.35
N PHE C 298 39.13 -4.85 25.30
CA PHE C 298 38.06 -4.25 26.09
C PHE C 298 37.90 -2.77 25.73
N SER C 299 37.46 -2.55 24.50
CA SER C 299 37.32 -1.21 23.94
C SER C 299 36.47 -0.32 24.85
N GLY C 300 36.98 0.89 25.12
CA GLY C 300 36.25 1.83 25.95
C GLY C 300 35.13 2.56 25.25
N HIS C 301 35.15 2.60 23.91
CA HIS C 301 34.07 3.25 23.19
C HIS C 301 32.78 2.43 23.21
N THR C 302 32.89 1.11 23.42
CA THR C 302 31.71 0.27 23.50
C THR C 302 31.01 0.42 24.84
N VAL C 303 31.77 0.58 25.92
CA VAL C 303 31.18 0.69 27.25
C VAL C 303 30.38 1.99 27.37
N VAL C 304 30.96 3.11 26.94
CA VAL C 304 30.30 4.40 27.07
C VAL C 304 29.09 4.48 26.15
N LEU C 305 29.20 3.90 24.95
CA LEU C 305 28.06 3.89 24.04
C LEU C 305 26.92 3.03 24.56
N THR C 306 27.21 2.04 25.39
CA THR C 306 26.19 1.14 25.90
C THR C 306 25.68 1.55 27.28
N MET C 307 26.57 2.05 28.14
CA MET C 307 26.14 2.48 29.47
C MET C 307 25.18 3.67 29.37
N LEU C 308 25.44 4.59 28.46
CA LEU C 308 24.55 5.72 28.25
C LEU C 308 23.32 5.36 27.43
N ASN C 309 23.28 4.15 26.88
CA ASN C 309 22.08 3.66 26.20
C ASN C 309 21.14 2.93 27.14
N PHE C 310 21.66 2.33 28.20
CA PHE C 310 20.85 1.61 29.18
C PHE C 310 20.45 2.47 30.36
N PHE C 311 20.89 3.73 30.42
CA PHE C 311 20.37 4.68 31.40
C PHE C 311 19.29 5.58 30.83
N VAL C 312 19.39 5.97 29.55
CA VAL C 312 18.30 6.69 28.92
C VAL C 312 17.05 5.83 28.85
N THR C 313 17.21 4.56 28.50
CA THR C 313 16.07 3.65 28.45
C THR C 313 15.52 3.38 29.85
N GLU C 314 16.41 3.17 30.83
CA GLU C 314 15.95 2.77 32.16
C GLU C 314 15.26 3.92 32.89
N TYR C 315 15.82 5.13 32.81
CA TYR C 315 15.37 6.24 33.66
C TYR C 315 14.47 7.21 32.92
N THR C 316 13.59 6.69 32.06
CA THR C 316 12.50 7.42 31.45
C THR C 316 11.22 6.61 31.60
N PRO C 317 10.06 7.26 31.58
CA PRO C 317 8.81 6.53 31.81
C PRO C 317 8.60 5.44 30.77
N ARG C 318 7.98 4.33 31.21
CA ARG C 318 7.80 3.18 30.32
C ARG C 318 6.61 3.38 29.39
N SER C 319 6.58 4.53 28.73
CA SER C 319 5.66 4.78 27.63
C SER C 319 6.32 5.58 26.52
N TRP C 320 7.61 5.88 26.65
CA TRP C 320 8.35 6.70 25.70
C TRP C 320 9.20 5.86 24.74
N ASN C 321 8.70 4.69 24.33
CA ASN C 321 9.55 3.74 23.63
C ASN C 321 9.73 4.11 22.17
N PHE C 322 10.08 5.37 21.91
CA PHE C 322 10.63 5.82 20.65
C PHE C 322 12.02 6.42 20.81
N LEU C 323 12.23 7.22 21.86
CA LEU C 323 13.59 7.57 22.24
C LEU C 323 14.38 6.35 22.65
N HIS C 324 13.72 5.39 23.30
CA HIS C 324 14.35 4.10 23.56
C HIS C 324 14.71 3.40 22.26
N THR C 325 13.80 3.44 21.29
CA THR C 325 14.11 2.88 19.97
C THR C 325 15.21 3.69 19.29
N LEU C 326 15.17 5.01 19.40
CA LEU C 326 16.18 5.84 18.75
C LEU C 326 17.55 5.60 19.33
N SER C 327 17.65 5.44 20.65
CA SER C 327 18.94 5.24 21.29
C SER C 327 19.58 3.90 20.94
N TRP C 328 18.80 2.95 20.39
CA TRP C 328 19.39 1.72 19.90
C TRP C 328 20.12 1.94 18.58
N VAL C 329 19.54 2.75 17.70
CA VAL C 329 20.21 3.06 16.43
C VAL C 329 21.51 3.80 16.67
N LEU C 330 21.53 4.69 17.67
CA LEU C 330 22.76 5.36 18.04
C LEU C 330 23.80 4.37 18.55
N ASN C 331 23.36 3.37 19.33
CA ASN C 331 24.29 2.38 19.86
C ASN C 331 24.77 1.43 18.76
N LEU C 332 23.85 0.93 17.94
CA LEU C 332 24.22 -0.07 16.93
C LEU C 332 25.15 0.53 15.89
N PHE C 333 24.89 1.75 15.45
CA PHE C 333 25.76 2.38 14.45
C PHE C 333 27.11 2.74 15.05
N GLY C 334 27.14 3.15 16.32
CA GLY C 334 28.41 3.35 16.99
C GLY C 334 29.19 2.06 17.14
N ILE C 335 28.48 0.95 17.33
CA ILE C 335 29.14 -0.36 17.38
C ILE C 335 29.66 -0.75 16.01
N PHE C 336 28.88 -0.49 14.96
CA PHE C 336 29.27 -0.90 13.61
C PHE C 336 30.47 -0.11 13.10
N PHE C 337 30.51 1.20 13.39
CA PHE C 337 31.54 2.05 12.79
C PHE C 337 32.92 1.79 13.37
N ILE C 338 33.02 1.45 14.65
CA ILE C 338 34.33 1.14 15.21
C ILE C 338 34.90 -0.13 14.60
N LEU C 339 34.04 -1.10 14.29
CA LEU C 339 34.50 -2.31 13.60
C LEU C 339 34.92 -1.99 12.17
N ALA C 340 34.15 -1.16 11.46
CA ALA C 340 34.46 -0.84 10.07
C ALA C 340 35.73 -0.01 9.93
N ALA C 341 36.14 0.69 10.99
CA ALA C 341 37.35 1.49 10.95
C ALA C 341 38.60 0.70 11.30
N HIS C 342 38.48 -0.61 11.50
CA HIS C 342 39.60 -1.48 11.85
C HIS C 342 40.32 -1.00 13.11
N GLU C 343 39.53 -0.69 14.14
CA GLU C 343 40.07 -0.25 15.42
C GLU C 343 40.13 -1.36 16.46
N HIS C 344 39.23 -2.35 16.38
CA HIS C 344 39.17 -3.39 17.43
C HIS C 344 38.60 -4.63 16.82
N TYR C 345 39.01 -5.78 17.32
CA TYR C 345 38.60 -7.06 16.77
C TYR C 345 37.10 -7.27 16.96
N SER C 346 36.57 -8.27 16.24
CA SER C 346 35.14 -8.56 16.31
C SER C 346 34.74 -9.25 17.61
N ILE C 347 35.71 -9.69 18.42
CA ILE C 347 35.39 -10.30 19.70
C ILE C 347 35.57 -9.33 20.87
N ASP C 348 36.38 -8.29 20.71
CA ASP C 348 36.47 -7.26 21.75
C ASP C 348 35.19 -6.45 21.84
N VAL C 349 34.52 -6.23 20.70
CA VAL C 349 33.27 -5.48 20.70
C VAL C 349 32.16 -6.30 21.34
N PHE C 350 32.12 -7.61 21.08
CA PHE C 350 31.02 -8.43 21.58
C PHE C 350 31.11 -8.62 23.09
N ILE C 351 32.31 -8.90 23.62
CA ILE C 351 32.44 -9.11 25.06
C ILE C 351 32.46 -7.81 25.84
N ALA C 352 32.49 -6.66 25.16
CA ALA C 352 32.32 -5.38 25.82
C ALA C 352 30.87 -4.92 25.81
N PHE C 353 30.08 -5.37 24.84
CA PHE C 353 28.65 -5.13 24.86
C PHE C 353 27.93 -6.05 25.85
N TYR C 354 28.46 -7.26 26.04
CA TYR C 354 27.82 -8.20 26.96
C TYR C 354 28.07 -7.82 28.42
N ILE C 355 29.29 -7.39 28.73
CA ILE C 355 29.65 -7.16 30.14
C ILE C 355 28.88 -5.98 30.70
N THR C 356 28.80 -4.87 29.96
CA THR C 356 28.08 -3.70 30.46
C THR C 356 26.59 -3.99 30.55
N THR C 357 26.02 -4.73 29.59
CA THR C 357 24.62 -5.10 29.68
C THR C 357 24.36 -6.02 30.87
N ARG C 358 25.27 -6.94 31.14
CA ARG C 358 25.11 -7.84 32.28
C ARG C 358 25.33 -7.11 33.60
N LEU C 359 26.38 -6.29 33.68
CA LEU C 359 26.69 -5.58 34.92
C LEU C 359 25.74 -4.43 35.20
N PHE C 360 24.90 -4.05 34.23
CA PHE C 360 23.87 -3.06 34.49
C PHE C 360 22.60 -3.69 35.04
N LEU C 361 22.13 -4.77 34.39
CA LEU C 361 20.91 -5.42 34.83
C LEU C 361 21.09 -6.06 36.21
N TYR C 362 22.27 -6.63 36.48
CA TYR C 362 22.52 -7.24 37.77
C TYR C 362 22.49 -6.19 38.88
N TYR C 363 23.06 -5.01 38.63
CA TYR C 363 23.08 -3.96 39.64
C TYR C 363 21.67 -3.50 39.99
N HIS C 364 20.82 -3.30 38.98
CA HIS C 364 19.49 -2.75 39.24
C HIS C 364 18.56 -3.78 39.84
N THR C 365 18.76 -5.06 39.54
CA THR C 365 18.00 -6.11 40.22
C THR C 365 18.34 -6.15 41.70
N LEU C 366 19.62 -5.96 42.04
CA LEU C 366 20.03 -5.93 43.44
C LEU C 366 19.43 -4.72 44.16
N ALA C 367 19.41 -3.56 43.50
CA ALA C 367 18.94 -2.34 44.16
C ALA C 367 17.43 -2.36 44.35
N ASN C 368 16.68 -2.83 43.35
CA ASN C 368 15.23 -2.81 43.44
C ASN C 368 14.72 -3.74 44.54
N THR C 369 15.34 -4.89 44.71
CA THR C 369 14.92 -5.85 45.73
C THR C 369 15.63 -5.64 47.06
N ARG C 370 16.45 -4.58 47.18
CA ARG C 370 17.12 -4.20 48.43
C ARG C 370 17.77 -5.39 49.13
N ALA C 371 18.35 -6.30 48.33
CA ALA C 371 18.96 -7.51 48.86
C ALA C 371 20.22 -7.26 49.67
N TYR C 372 20.76 -6.05 49.65
CA TYR C 372 21.98 -5.76 50.39
C TYR C 372 21.76 -5.81 51.90
N GLN C 373 20.57 -5.43 52.36
CA GLN C 373 20.27 -5.42 53.78
C GLN C 373 19.17 -6.39 54.19
N GLN C 374 18.47 -7.01 53.23
CA GLN C 374 17.39 -7.94 53.57
C GLN C 374 17.93 -9.15 54.33
N SER C 375 19.05 -9.70 53.88
CA SER C 375 19.67 -10.86 54.52
C SER C 375 21.11 -10.96 54.01
N ARG C 376 21.79 -12.02 54.42
CA ARG C 376 23.14 -12.31 53.94
C ARG C 376 23.04 -13.05 52.61
N ARG C 377 22.58 -12.32 51.59
CA ARG C 377 22.22 -12.90 50.31
C ARG C 377 23.38 -13.56 49.60
N ALA C 378 24.37 -12.76 49.16
CA ALA C 378 25.46 -13.30 48.36
C ALA C 378 26.82 -12.68 48.67
N ARG C 379 26.94 -11.83 49.69
CA ARG C 379 28.16 -11.08 49.96
C ARG C 379 28.57 -10.28 48.71
N ILE C 380 27.72 -9.29 48.41
CA ILE C 380 27.78 -8.56 47.15
C ILE C 380 29.19 -8.06 46.89
N TRP C 381 29.70 -8.29 45.68
CA TRP C 381 31.08 -8.03 45.34
C TRP C 381 31.28 -6.67 44.68
N PHE C 382 30.25 -5.87 44.54
CA PHE C 382 30.42 -4.52 44.00
C PHE C 382 31.27 -3.69 44.96
N PRO C 383 32.33 -3.05 44.48
CA PRO C 383 33.17 -2.24 45.38
C PRO C 383 32.39 -1.08 45.97
N MET C 384 32.28 -1.08 47.30
CA MET C 384 31.56 -0.04 48.04
C MET C 384 30.12 0.09 47.54
N PHE C 385 29.37 -1.00 47.68
CA PHE C 385 27.98 -1.03 47.26
C PHE C 385 27.03 -0.68 48.40
N SER C 386 27.17 -1.34 49.54
CA SER C 386 26.29 -1.08 50.67
C SER C 386 26.44 0.32 51.23
N PHE C 387 27.60 0.96 51.01
CA PHE C 387 27.81 2.30 51.52
C PHE C 387 27.00 3.31 50.71
N PHE C 388 27.02 3.20 49.38
CA PHE C 388 26.36 4.19 48.54
C PHE C 388 24.85 4.05 48.58
N GLU C 389 24.33 2.82 48.59
CA GLU C 389 22.91 2.55 48.46
C GLU C 389 22.29 2.10 49.78
N CYS C 390 22.74 2.69 50.89
CA CYS C 390 22.17 2.38 52.20
C CYS C 390 21.01 3.30 52.56
N ASN C 391 21.00 4.52 52.06
CA ASN C 391 19.95 5.48 52.36
C ASN C 391 18.80 5.43 51.35
N VAL C 392 18.82 4.50 50.41
CA VAL C 392 17.78 4.37 49.39
C VAL C 392 17.00 3.09 49.68
N ASN C 393 15.69 3.23 49.83
CA ASN C 393 14.80 2.11 50.10
C ASN C 393 13.81 1.97 48.96
N GLY C 394 13.65 0.75 48.45
CA GLY C 394 12.75 0.52 47.34
C GLY C 394 13.30 1.02 46.02
N THR C 395 12.39 1.18 45.07
CA THR C 395 12.73 1.64 43.73
C THR C 395 12.49 3.14 43.63
N VAL C 396 13.42 3.82 42.99
CA VAL C 396 13.24 5.27 42.76
C VAL C 396 12.15 5.50 41.73
N PRO C 397 11.18 6.37 41.99
CA PRO C 397 10.12 6.60 41.01
C PRO C 397 10.61 7.37 39.78
N ASN C 398 9.70 7.70 38.87
CA ASN C 398 10.01 8.44 37.66
C ASN C 398 9.35 9.81 37.67
N GLU C 399 9.40 10.50 38.80
CA GLU C 399 8.82 11.83 38.91
C GLU C 399 9.83 12.87 38.43
N TYR C 400 9.37 13.75 37.53
CA TYR C 400 10.20 14.78 36.94
C TYR C 400 9.72 16.15 37.40
N CYS C 401 10.66 17.02 37.76
CA CYS C 401 10.33 18.36 38.24
C CYS C 401 11.38 19.35 37.74
N TRP C 402 10.97 20.62 37.67
CA TRP C 402 11.87 21.69 37.26
C TRP C 402 12.49 22.32 38.50
N PRO C 403 13.81 22.34 38.63
CA PRO C 403 14.42 22.78 39.90
C PRO C 403 14.45 24.29 40.07
N PHE C 404 14.63 25.02 38.96
CA PHE C 404 14.77 26.47 39.05
C PHE C 404 13.46 27.12 39.48
N SER C 405 13.59 28.28 40.12
CA SER C 405 12.46 29.01 40.67
C SER C 405 12.03 30.17 39.77
N LYS C 406 12.12 29.99 38.46
CA LYS C 406 11.73 31.02 37.49
C LYS C 406 10.76 30.41 36.49
N PRO C 407 9.48 30.27 36.87
CA PRO C 407 8.44 29.70 36.01
C PRO C 407 8.17 30.56 34.77
N ARG D 144 5.67 -37.07 39.40
CA ARG D 144 6.85 -37.52 40.13
C ARG D 144 8.05 -37.65 39.20
N LEU D 145 9.21 -37.93 39.77
CA LEU D 145 10.44 -38.08 38.98
C LEU D 145 10.37 -39.40 38.22
N ASP D 146 10.01 -39.33 36.94
CA ASP D 146 9.88 -40.51 36.11
C ASP D 146 11.14 -40.68 35.27
N PRO D 147 11.95 -41.71 35.50
CA PRO D 147 13.13 -41.90 34.65
C PRO D 147 12.76 -42.20 33.21
N GLU D 148 13.09 -41.28 32.31
CA GLU D 148 12.76 -41.40 30.89
C GLU D 148 13.97 -42.00 30.18
N TYR D 149 13.88 -43.29 29.87
CA TYR D 149 15.01 -44.00 29.26
C TYR D 149 15.11 -43.78 27.76
N TRP D 150 14.10 -43.17 27.14
CA TRP D 150 14.16 -42.87 25.71
C TRP D 150 14.55 -41.43 25.41
N LYS D 151 14.34 -40.51 26.35
CA LYS D 151 14.79 -39.14 26.17
C LYS D 151 16.29 -39.00 26.37
N THR D 152 16.87 -39.81 27.26
CA THR D 152 18.31 -39.79 27.46
C THR D 152 19.05 -40.20 26.19
N ILE D 153 18.51 -41.19 25.47
CA ILE D 153 19.13 -41.62 24.22
C ILE D 153 19.13 -40.48 23.21
N LEU D 154 18.02 -39.75 23.11
CA LEU D 154 17.99 -38.57 22.26
C LEU D 154 18.99 -37.52 22.75
N SER D 155 19.10 -37.35 24.07
CA SER D 155 20.05 -36.39 24.62
C SER D 155 21.49 -36.80 24.31
N CYS D 156 21.79 -38.10 24.43
CA CYS D 156 23.15 -38.57 24.15
C CYS D 156 23.52 -38.34 22.70
N ILE D 157 22.61 -38.58 21.77
CA ILE D 157 22.89 -38.39 20.35
C ILE D 157 23.26 -36.93 20.07
N TYR D 158 22.69 -36.01 20.84
CA TYR D 158 22.90 -34.59 20.59
C TYR D 158 24.35 -34.18 20.81
N VAL D 159 24.99 -34.73 21.84
CA VAL D 159 26.30 -34.21 22.24
C VAL D 159 27.40 -34.66 21.27
N PHE D 160 27.32 -35.88 20.74
CA PHE D 160 28.36 -36.32 19.80
C PHE D 160 28.24 -35.61 18.45
N ILE D 161 27.02 -35.27 18.03
CA ILE D 161 26.88 -34.50 16.80
C ILE D 161 27.56 -33.15 16.93
N VAL D 162 27.38 -32.49 18.09
CA VAL D 162 28.06 -31.23 18.33
C VAL D 162 29.57 -31.44 18.43
N PHE D 163 29.99 -32.57 19.02
CA PHE D 163 31.41 -32.88 19.08
C PHE D 163 31.99 -33.04 17.68
N GLY D 164 31.27 -33.74 16.79
CA GLY D 164 31.74 -33.85 15.42
C GLY D 164 31.67 -32.54 14.67
N PHE D 165 30.62 -31.76 14.90
CA PHE D 165 30.47 -30.47 14.22
C PHE D 165 31.60 -29.51 14.60
N THR D 166 31.98 -29.50 15.88
CA THR D 166 33.09 -28.66 16.32
C THR D 166 34.39 -29.07 15.64
N SER D 167 34.62 -30.38 15.51
CA SER D 167 35.82 -30.86 14.84
C SER D 167 35.86 -30.43 13.39
N PHE D 168 34.69 -30.39 12.74
CA PHE D 168 34.62 -29.93 11.35
C PHE D 168 35.02 -28.46 11.24
N ILE D 169 34.58 -27.64 12.19
CA ILE D 169 34.94 -26.22 12.17
C ILE D 169 36.42 -26.02 12.44
N MET D 170 37.03 -26.88 13.26
CA MET D 170 38.42 -26.69 13.66
C MET D 170 39.36 -26.75 12.45
N VAL D 171 39.13 -27.69 11.54
CA VAL D 171 40.02 -27.80 10.38
C VAL D 171 39.79 -26.63 9.42
N ILE D 172 38.56 -26.12 9.34
CA ILE D 172 38.29 -24.97 8.48
C ILE D 172 39.04 -23.74 8.98
N VAL D 173 39.08 -23.54 10.30
CA VAL D 173 39.79 -22.40 10.86
C VAL D 173 41.28 -22.48 10.59
N HIS D 174 41.84 -23.70 10.64
CA HIS D 174 43.26 -23.87 10.38
C HIS D 174 43.63 -23.55 8.93
N GLU D 175 42.66 -23.59 8.02
CA GLU D 175 42.92 -23.29 6.62
C GLU D 175 43.17 -21.81 6.36
N ARG D 176 42.75 -20.93 7.28
CA ARG D 176 42.82 -19.49 7.06
C ARG D 176 44.26 -19.02 6.87
N VAL D 177 45.08 -19.18 7.91
CA VAL D 177 46.48 -18.76 7.88
C VAL D 177 47.36 -19.99 7.71
N PRO D 178 48.26 -20.02 6.73
CA PRO D 178 49.08 -21.21 6.50
C PRO D 178 50.20 -21.39 7.51
N ASP D 179 50.92 -20.31 7.81
CA ASP D 179 52.09 -20.40 8.69
C ASP D 179 51.71 -20.81 10.11
N MET D 180 50.99 -19.94 10.81
CA MET D 180 50.48 -20.18 12.16
C MET D 180 51.60 -20.42 13.18
N GLN D 181 52.86 -20.43 12.74
CA GLN D 181 54.00 -20.68 13.62
C GLN D 181 55.14 -19.71 13.37
N THR D 182 54.82 -18.47 13.03
CA THR D 182 55.83 -17.44 12.80
C THR D 182 55.74 -16.27 13.77
N TYR D 183 54.54 -15.93 14.25
CA TYR D 183 54.40 -14.80 15.15
C TYR D 183 55.06 -15.11 16.49
N PRO D 184 55.68 -14.12 17.13
CA PRO D 184 56.17 -14.30 18.50
C PRO D 184 55.01 -14.22 19.48
N PRO D 185 55.16 -14.84 20.66
CA PRO D 185 54.09 -14.76 21.66
C PRO D 185 53.76 -13.33 22.05
N LEU D 186 52.48 -13.07 22.26
CA LEU D 186 52.04 -11.76 22.72
C LEU D 186 52.48 -11.55 24.17
N PRO D 187 52.64 -10.29 24.61
CA PRO D 187 53.06 -10.06 25.99
C PRO D 187 52.01 -10.49 27.00
N ASP D 188 52.30 -11.55 27.74
CA ASP D 188 51.41 -12.10 28.75
C ASP D 188 52.10 -12.11 30.10
N ILE D 189 51.39 -11.63 31.13
CA ILE D 189 51.97 -11.55 32.45
C ILE D 189 52.14 -12.93 33.09
N PHE D 190 51.45 -13.95 32.59
CA PHE D 190 51.58 -15.30 33.10
C PHE D 190 52.56 -16.16 32.32
N LEU D 191 52.53 -16.09 30.99
CA LEU D 191 53.42 -16.92 30.19
C LEU D 191 54.87 -16.45 30.25
N ASP D 192 55.10 -15.14 30.39
CA ASP D 192 56.45 -14.62 30.46
C ASP D 192 57.14 -14.91 31.79
N SER D 193 56.40 -15.42 32.79
CA SER D 193 56.97 -15.75 34.08
C SER D 193 57.27 -17.24 34.21
N VAL D 194 56.27 -18.09 33.96
CA VAL D 194 56.42 -19.53 34.11
C VAL D 194 57.05 -20.12 32.85
N PRO D 195 58.19 -20.78 32.95
CA PRO D 195 58.78 -21.43 31.76
C PRO D 195 57.89 -22.56 31.26
N ARG D 196 58.02 -22.83 29.96
CA ARG D 196 57.27 -23.92 29.35
C ARG D 196 57.71 -25.27 29.92
N ILE D 197 56.74 -26.13 30.19
CA ILE D 197 56.98 -27.46 30.72
C ILE D 197 56.41 -28.47 29.74
N PRO D 198 57.23 -29.33 29.13
CA PRO D 198 56.70 -30.27 28.14
C PRO D 198 55.69 -31.27 28.70
N TRP D 199 55.84 -31.69 29.95
CA TRP D 199 54.95 -32.69 30.53
C TRP D 199 53.78 -32.08 31.28
N ALA D 200 53.66 -30.75 31.30
CA ALA D 200 52.53 -30.13 31.97
C ALA D 200 51.21 -30.45 31.28
N PHE D 201 51.21 -30.49 29.95
CA PHE D 201 49.98 -30.71 29.20
C PHE D 201 49.43 -32.11 29.44
N ALA D 202 50.30 -33.11 29.59
CA ALA D 202 49.83 -34.47 29.84
C ALA D 202 49.22 -34.61 31.23
N MET D 203 49.65 -33.78 32.18
CA MET D 203 49.11 -33.87 33.54
C MET D 203 47.65 -33.44 33.60
N THR D 204 47.25 -32.45 32.80
CA THR D 204 45.87 -32.01 32.80
C THR D 204 44.93 -33.13 32.34
N GLU D 205 45.32 -33.87 31.30
CA GLU D 205 44.50 -34.98 30.84
C GLU D 205 44.41 -36.09 31.88
N VAL D 206 45.46 -36.26 32.69
CA VAL D 206 45.42 -37.24 33.77
C VAL D 206 44.37 -36.83 34.81
N CYS D 207 44.32 -35.54 35.15
CA CYS D 207 43.36 -35.07 36.15
C CYS D 207 41.93 -35.28 35.68
N GLY D 208 41.68 -35.10 34.37
CA GLY D 208 40.34 -35.30 33.85
C GLY D 208 39.84 -36.73 34.03
N MET D 209 40.73 -37.71 33.84
CA MET D 209 40.35 -39.11 34.04
C MET D 209 40.01 -39.38 35.51
N ILE D 210 40.79 -38.81 36.43
CA ILE D 210 40.52 -39.01 37.85
C ILE D 210 39.17 -38.41 38.23
N LEU D 211 38.90 -37.19 37.76
CA LEU D 211 37.60 -36.58 38.02
C LEU D 211 36.47 -37.35 37.36
N CYS D 212 36.73 -37.91 36.17
CA CYS D 212 35.72 -38.72 35.50
C CYS D 212 35.40 -39.97 36.31
N TYR D 213 36.42 -40.58 36.92
CA TYR D 213 36.19 -41.78 37.73
C TYR D 213 35.29 -41.46 38.93
N ILE D 214 35.52 -40.33 39.60
CA ILE D 214 34.71 -39.96 40.75
C ILE D 214 33.27 -39.73 40.33
N TRP D 215 33.08 -38.99 39.23
CA TRP D 215 31.72 -38.72 38.74
C TRP D 215 31.04 -40.00 38.28
N LEU D 216 31.78 -40.89 37.60
CA LEU D 216 31.20 -42.14 37.13
C LEU D 216 30.74 -43.01 38.29
N LEU D 217 31.50 -43.02 39.38
CA LEU D 217 31.09 -43.77 40.56
C LEU D 217 29.80 -43.21 41.14
N VAL D 218 29.68 -41.89 41.18
CA VAL D 218 28.45 -41.26 41.67
C VAL D 218 27.27 -41.64 40.78
N LEU D 219 27.47 -41.61 39.47
CA LEU D 219 26.42 -42.02 38.54
C LEU D 219 26.05 -43.48 38.69
N LEU D 220 26.97 -44.30 39.21
CA LEU D 220 26.71 -45.73 39.35
C LEU D 220 25.79 -46.03 40.53
N LEU D 221 25.83 -45.22 41.59
CA LEU D 221 25.11 -45.51 42.82
C LEU D 221 24.11 -44.39 43.16
N HIS D 222 23.34 -43.96 42.16
CA HIS D 222 22.34 -42.93 42.36
C HIS D 222 20.97 -43.44 41.94
N LYS D 223 19.93 -43.01 42.66
CA LYS D 223 18.56 -43.38 42.30
C LYS D 223 18.19 -42.85 40.93
N HIS D 224 18.36 -41.55 40.72
CA HIS D 224 18.02 -40.91 39.46
C HIS D 224 19.27 -40.71 38.60
N ARG D 225 19.87 -41.83 38.20
CA ARG D 225 21.04 -41.77 37.35
C ARG D 225 20.69 -41.41 35.91
N SER D 226 19.43 -41.62 35.50
CA SER D 226 19.02 -41.24 34.15
C SER D 226 18.98 -39.73 33.98
N ILE D 227 18.48 -39.01 34.99
CA ILE D 227 18.36 -37.56 34.89
C ILE D 227 19.74 -36.91 34.94
N LEU D 228 20.63 -37.41 35.80
CA LEU D 228 21.97 -36.84 35.91
C LEU D 228 22.72 -36.97 34.59
N LEU D 229 22.61 -38.11 33.93
CA LEU D 229 23.27 -38.30 32.64
C LEU D 229 22.63 -37.45 31.55
N ARG D 230 21.33 -37.17 31.67
CA ARG D 230 20.67 -36.35 30.66
C ARG D 230 21.08 -34.89 30.77
N ARG D 231 21.39 -34.41 31.98
CA ARG D 231 21.78 -33.01 32.16
C ARG D 231 23.21 -32.75 31.69
N LEU D 232 24.11 -33.73 31.85
CA LEU D 232 25.48 -33.55 31.37
C LEU D 232 25.52 -33.38 29.85
N CYS D 233 24.70 -34.15 29.13
CA CYS D 233 24.68 -34.04 27.68
C CYS D 233 23.96 -32.77 27.22
N SER D 234 23.03 -32.26 28.02
CA SER D 234 22.31 -31.04 27.66
C SER D 234 23.08 -29.77 28.02
N LEU D 235 24.18 -29.88 28.75
CA LEU D 235 25.01 -28.73 29.08
C LEU D 235 26.36 -28.73 28.39
N MET D 236 26.91 -29.91 28.07
CA MET D 236 28.12 -29.98 27.27
C MET D 236 27.86 -29.73 25.79
N GLY D 237 26.61 -29.92 25.34
CA GLY D 237 26.28 -29.64 23.95
C GLY D 237 25.94 -28.21 23.67
N THR D 238 25.83 -27.37 24.71
CA THR D 238 25.55 -25.95 24.54
C THR D 238 26.81 -25.11 24.64
N VAL D 239 27.70 -25.44 25.56
CA VAL D 239 28.95 -24.69 25.70
C VAL D 239 29.80 -24.84 24.44
N PHE D 240 29.87 -26.06 23.90
CA PHE D 240 30.66 -26.28 22.69
C PHE D 240 30.05 -25.61 21.47
N LEU D 241 28.73 -25.39 21.47
CA LEU D 241 28.13 -24.59 20.42
C LEU D 241 28.61 -23.15 20.48
N LEU D 242 28.75 -22.61 21.69
CA LEU D 242 29.32 -21.27 21.84
C LEU D 242 30.79 -21.25 21.48
N ARG D 243 31.48 -22.39 21.59
CA ARG D 243 32.88 -22.45 21.22
C ARG D 243 33.06 -22.28 19.72
N CYS D 244 32.18 -22.88 18.92
CA CYS D 244 32.28 -22.76 17.47
C CYS D 244 32.06 -21.32 17.02
N PHE D 245 31.07 -20.64 17.60
CA PHE D 245 30.79 -19.27 17.22
C PHE D 245 31.95 -18.34 17.57
N THR D 246 32.55 -18.52 18.75
CA THR D 246 33.69 -17.71 19.14
C THR D 246 34.90 -18.00 18.26
N MET D 247 35.11 -19.27 17.91
CA MET D 247 36.26 -19.63 17.10
C MET D 247 36.08 -19.23 15.64
N PHE D 248 34.84 -19.22 15.15
CA PHE D 248 34.60 -18.85 13.76
C PHE D 248 34.75 -17.35 13.54
N VAL D 249 34.23 -16.54 14.47
CA VAL D 249 34.27 -15.08 14.29
C VAL D 249 35.71 -14.58 14.29
N THR D 250 36.52 -15.06 15.23
CA THR D 250 37.94 -14.70 15.28
C THR D 250 38.73 -15.93 15.67
N SER D 251 39.99 -15.96 15.24
CA SER D 251 40.89 -17.10 15.48
C SER D 251 42.12 -16.59 16.21
N LEU D 252 42.30 -17.05 17.44
CA LEU D 252 43.44 -16.67 18.27
C LEU D 252 44.06 -17.94 18.85
N SER D 253 45.26 -18.26 18.40
CA SER D 253 46.00 -19.43 18.87
C SER D 253 47.29 -18.98 19.54
N VAL D 254 48.08 -19.96 19.98
CA VAL D 254 49.36 -19.70 20.63
C VAL D 254 50.44 -19.62 19.55
N PRO D 255 51.09 -18.47 19.38
CA PRO D 255 52.05 -18.33 18.28
C PRO D 255 53.45 -18.87 18.58
N GLY D 256 53.66 -20.16 18.35
CA GLY D 256 55.01 -20.69 18.48
C GLY D 256 55.12 -22.12 18.98
N GLN D 257 54.07 -22.63 19.63
CA GLN D 257 54.09 -24.00 20.13
C GLN D 257 53.57 -24.96 19.08
N HIS D 258 54.05 -26.20 19.14
CA HIS D 258 53.75 -27.23 18.15
C HIS D 258 54.12 -26.78 16.74
N LEU D 259 55.28 -26.15 16.62
CA LEU D 259 55.75 -25.65 15.32
C LEU D 259 56.10 -26.76 14.35
N GLN D 260 56.32 -27.98 14.85
CA GLN D 260 56.71 -29.10 14.02
C GLN D 260 55.53 -29.99 13.62
N CYS D 261 54.30 -29.54 13.88
CA CYS D 261 53.14 -30.35 13.56
C CYS D 261 52.99 -30.50 12.05
N THR D 262 52.67 -31.72 11.62
CA THR D 262 52.58 -32.04 10.20
C THR D 262 51.14 -31.83 9.71
N GLY D 263 50.87 -32.28 8.47
CA GLY D 263 49.55 -32.15 7.90
C GLY D 263 49.41 -30.94 7.00
N LYS D 264 48.43 -30.07 7.30
CA LYS D 264 48.19 -28.80 6.64
C LYS D 264 47.96 -28.94 5.13
N ILE D 265 47.75 -27.81 4.45
CA ILE D 265 47.49 -27.69 3.02
C ILE D 265 46.61 -28.82 2.51
N TYR D 266 45.40 -28.93 3.07
CA TYR D 266 44.41 -29.89 2.59
C TYR D 266 43.53 -29.19 1.55
N GLY D 267 44.00 -29.19 0.30
CA GLY D 267 43.18 -28.62 -0.75
C GLY D 267 42.26 -29.66 -1.36
N SER D 268 41.03 -29.73 -0.83
CA SER D 268 40.04 -30.71 -1.23
C SER D 268 38.77 -30.51 -0.41
N VAL D 269 37.72 -31.28 -0.71
CA VAL D 269 36.52 -31.30 0.12
C VAL D 269 36.24 -32.67 0.71
N TRP D 270 37.05 -33.68 0.39
CA TRP D 270 36.89 -35.00 1.00
C TRP D 270 37.99 -35.35 2.00
N GLU D 271 39.21 -34.86 1.81
CA GLU D 271 40.28 -35.16 2.74
C GLU D 271 40.09 -34.45 4.08
N LYS D 272 39.44 -33.27 4.07
CA LYS D 272 39.14 -32.58 5.32
C LYS D 272 38.21 -33.41 6.19
N LEU D 273 37.23 -34.08 5.58
CA LEU D 273 36.30 -34.92 6.35
C LEU D 273 37.04 -36.05 7.06
N HIS D 274 37.98 -36.70 6.37
CA HIS D 274 38.75 -37.76 7.00
C HIS D 274 39.61 -37.22 8.14
N ARG D 275 40.10 -35.99 8.00
CA ARG D 275 40.81 -35.35 9.12
C ARG D 275 39.87 -35.12 10.29
N ALA D 276 38.61 -34.78 10.02
CA ALA D 276 37.64 -34.55 11.09
C ALA D 276 37.41 -35.81 11.91
N PHE D 277 37.32 -36.97 11.23
CA PHE D 277 37.17 -38.23 11.97
C PHE D 277 38.36 -38.51 12.86
N ALA D 278 39.57 -38.13 12.39
CA ALA D 278 40.74 -38.24 13.25
C ALA D 278 40.62 -37.32 14.47
N ILE D 279 40.14 -36.09 14.26
CA ILE D 279 39.92 -35.18 15.37
C ILE D 279 38.79 -35.68 16.25
N TRP D 280 37.69 -36.12 15.63
CA TRP D 280 36.52 -36.54 16.40
C TRP D 280 36.79 -37.83 17.16
N SER D 281 37.34 -38.84 16.49
CA SER D 281 37.59 -40.13 17.13
C SER D 281 39.00 -40.19 17.73
N GLY D 282 39.33 -39.18 18.52
CA GLY D 282 40.53 -39.21 19.34
C GLY D 282 40.30 -38.51 20.66
N PHE D 283 39.11 -37.93 20.82
CA PHE D 283 38.64 -37.26 22.02
C PHE D 283 39.55 -36.10 22.45
N GLY D 284 40.52 -35.72 21.64
CA GLY D 284 41.29 -34.51 21.85
C GLY D 284 42.51 -34.64 22.76
N MET D 285 42.64 -35.73 23.51
CA MET D 285 43.79 -35.86 24.39
C MET D 285 45.06 -36.14 23.59
N THR D 286 46.20 -35.76 24.19
CA THR D 286 47.49 -36.03 23.59
C THR D 286 48.00 -37.44 23.85
N LEU D 287 47.39 -38.17 24.79
CA LEU D 287 47.78 -39.55 25.01
C LEU D 287 47.49 -40.39 23.77
N THR D 288 46.30 -40.24 23.20
CA THR D 288 46.00 -40.73 21.86
C THR D 288 46.25 -39.57 20.92
N GLY D 289 47.48 -39.47 20.42
CA GLY D 289 47.93 -38.25 19.76
C GLY D 289 47.09 -37.84 18.57
N VAL D 290 46.28 -36.80 18.77
CA VAL D 290 45.46 -36.21 17.71
C VAL D 290 45.75 -34.72 17.63
N HIS D 291 45.78 -34.06 18.79
CA HIS D 291 46.02 -32.62 18.87
C HIS D 291 47.50 -32.38 18.62
N THR D 292 47.86 -32.33 17.34
CA THR D 292 49.25 -32.19 16.94
C THR D 292 49.65 -30.73 16.77
N CYS D 293 48.79 -29.91 16.17
CA CYS D 293 49.04 -28.48 16.04
C CYS D 293 48.44 -27.75 17.24
N GLY D 294 48.39 -26.42 17.16
CA GLY D 294 47.90 -25.61 18.27
C GLY D 294 46.38 -25.58 18.35
N ASP D 295 45.89 -24.87 19.36
CA ASP D 295 44.47 -24.72 19.61
C ASP D 295 44.11 -23.25 19.73
N TYR D 296 42.83 -22.96 19.57
CA TYR D 296 42.33 -21.60 19.45
C TYR D 296 41.66 -21.15 20.75
N MET D 297 41.01 -19.99 20.69
CA MET D 297 40.34 -19.39 21.84
C MET D 297 39.24 -20.32 22.37
N PHE D 298 38.88 -20.12 23.64
CA PHE D 298 37.85 -20.91 24.31
C PHE D 298 38.22 -22.39 24.35
N SER D 299 39.29 -22.68 25.08
CA SER D 299 39.81 -24.03 25.17
C SER D 299 38.78 -24.98 25.77
N GLY D 300 38.76 -26.21 25.26
CA GLY D 300 37.87 -27.24 25.76
C GLY D 300 38.36 -28.00 26.98
N HIS D 301 39.65 -27.89 27.31
CA HIS D 301 40.15 -28.53 28.51
C HIS D 301 39.55 -27.90 29.76
N THR D 302 39.43 -26.57 29.77
CA THR D 302 38.81 -25.89 30.91
C THR D 302 37.32 -26.18 30.99
N VAL D 303 36.65 -26.30 29.84
CA VAL D 303 35.21 -26.58 29.85
C VAL D 303 34.94 -27.95 30.47
N VAL D 304 35.70 -28.96 30.05
CA VAL D 304 35.47 -30.32 30.54
C VAL D 304 35.81 -30.43 32.02
N LEU D 305 36.96 -29.88 32.42
CA LEU D 305 37.38 -30.00 33.81
C LEU D 305 36.42 -29.29 34.75
N THR D 306 35.95 -28.10 34.36
CA THR D 306 35.08 -27.33 35.23
C THR D 306 33.67 -27.94 35.29
N MET D 307 33.17 -28.43 34.15
CA MET D 307 31.82 -28.99 34.13
C MET D 307 31.72 -30.24 34.99
N LEU D 308 32.74 -31.10 34.95
CA LEU D 308 32.70 -32.31 35.76
C LEU D 308 32.78 -31.99 37.25
N ASN D 309 33.55 -30.96 37.62
CA ASN D 309 33.72 -30.63 39.04
C ASN D 309 32.40 -30.22 39.67
N PHE D 310 31.60 -29.41 38.97
CA PHE D 310 30.38 -28.88 39.57
C PHE D 310 29.35 -29.97 39.81
N PHE D 311 29.21 -30.91 38.86
CA PHE D 311 28.32 -32.05 39.09
C PHE D 311 28.77 -32.91 40.25
N VAL D 312 30.09 -33.04 40.44
CA VAL D 312 30.60 -33.83 41.56
C VAL D 312 30.15 -33.22 42.88
N THR D 313 30.27 -31.91 43.01
CA THR D 313 29.88 -31.23 44.25
C THR D 313 28.37 -31.10 44.37
N GLU D 314 27.67 -30.85 43.26
CA GLU D 314 26.24 -30.55 43.33
C GLU D 314 25.42 -31.75 43.79
N TYR D 315 25.77 -32.95 43.32
CA TYR D 315 24.97 -34.14 43.56
C TYR D 315 25.57 -35.04 44.64
N THR D 316 26.13 -34.44 45.68
CA THR D 316 26.59 -35.13 46.87
C THR D 316 25.97 -34.48 48.09
N PRO D 317 25.75 -35.25 49.16
CA PRO D 317 25.09 -34.67 50.34
C PRO D 317 25.96 -33.63 51.02
N ARG D 318 25.30 -32.69 51.70
CA ARG D 318 26.01 -31.59 52.34
C ARG D 318 26.60 -32.01 53.68
N SER D 319 27.32 -33.14 53.68
CA SER D 319 28.06 -33.59 54.85
C SER D 319 29.41 -34.17 54.47
N TRP D 320 29.78 -34.18 53.20
CA TRP D 320 31.02 -34.76 52.70
C TRP D 320 32.02 -33.69 52.30
N ASN D 321 32.11 -32.61 53.08
CA ASN D 321 32.93 -31.48 52.67
C ASN D 321 34.42 -31.77 52.87
N PHE D 322 34.88 -32.88 52.31
CA PHE D 322 36.27 -33.26 52.14
C PHE D 322 36.56 -33.71 50.72
N LEU D 323 35.61 -34.41 50.08
CA LEU D 323 35.75 -34.75 48.67
C LEU D 323 35.62 -33.50 47.81
N HIS D 324 34.75 -32.56 48.20
CA HIS D 324 34.58 -31.33 47.45
C HIS D 324 35.88 -30.53 47.43
N THR D 325 36.58 -30.47 48.57
CA THR D 325 37.88 -29.81 48.60
C THR D 325 38.88 -30.50 47.69
N LEU D 326 38.87 -31.85 47.69
CA LEU D 326 39.76 -32.59 46.80
C LEU D 326 39.43 -32.32 45.34
N SER D 327 38.14 -32.24 45.00
CA SER D 327 37.74 -31.97 43.63
C SER D 327 38.21 -30.60 43.17
N TRP D 328 38.11 -29.60 44.06
CA TRP D 328 38.54 -28.25 43.69
C TRP D 328 40.04 -28.19 43.43
N VAL D 329 40.83 -28.94 44.20
CA VAL D 329 42.27 -28.96 43.99
C VAL D 329 42.60 -29.52 42.62
N LEU D 330 41.93 -30.60 42.22
CA LEU D 330 42.17 -31.20 40.91
C LEU D 330 41.84 -30.23 39.79
N ASN D 331 40.72 -29.50 39.91
CA ASN D 331 40.31 -28.58 38.87
C ASN D 331 41.31 -27.43 38.74
N LEU D 332 41.72 -26.84 39.85
CA LEU D 332 42.67 -25.73 39.80
C LEU D 332 44.04 -26.19 39.32
N PHE D 333 44.48 -27.37 39.75
CA PHE D 333 45.76 -27.89 39.30
C PHE D 333 45.75 -28.17 37.80
N GLY D 334 44.66 -28.73 37.28
CA GLY D 334 44.57 -28.99 35.86
C GLY D 334 44.58 -27.73 35.03
N ILE D 335 43.86 -26.70 35.48
CA ILE D 335 43.85 -25.42 34.78
C ILE D 335 45.23 -24.78 34.80
N PHE D 336 45.92 -24.86 35.94
CA PHE D 336 47.25 -24.28 36.05
C PHE D 336 48.22 -24.94 35.08
N PHE D 337 48.12 -26.25 34.90
CA PHE D 337 49.01 -26.95 33.99
C PHE D 337 48.78 -26.51 32.54
N ILE D 338 47.54 -26.16 32.19
CA ILE D 338 47.26 -25.69 30.83
C ILE D 338 48.03 -24.40 30.55
N LEU D 339 47.97 -23.45 31.49
CA LEU D 339 48.69 -22.19 31.31
C LEU D 339 50.20 -22.40 31.28
N ALA D 340 50.72 -23.27 32.16
CA ALA D 340 52.15 -23.49 32.22
C ALA D 340 52.69 -24.24 31.02
N ALA D 341 51.83 -24.87 30.23
CA ALA D 341 52.24 -25.63 29.06
C ALA D 341 52.35 -24.76 27.82
N HIS D 342 52.08 -23.45 27.92
CA HIS D 342 52.13 -22.53 26.79
C HIS D 342 51.22 -22.99 25.66
N GLU D 343 50.05 -23.53 26.02
CA GLU D 343 49.09 -24.01 25.04
C GLU D 343 47.92 -23.06 24.83
N HIS D 344 47.81 -22.03 25.65
CA HIS D 344 46.65 -21.11 25.53
C HIS D 344 47.06 -19.81 26.19
N TYR D 345 46.36 -18.74 25.91
CA TYR D 345 46.58 -17.45 26.55
C TYR D 345 45.83 -17.40 27.88
N SER D 346 46.16 -16.38 28.68
CA SER D 346 45.50 -16.24 29.97
C SER D 346 44.02 -15.93 29.80
N ILE D 347 43.68 -15.08 28.83
CA ILE D 347 42.28 -14.76 28.58
C ILE D 347 41.55 -15.92 27.91
N ASP D 348 42.28 -16.89 27.36
CA ASP D 348 41.64 -18.08 26.81
C ASP D 348 40.96 -18.89 27.92
N VAL D 349 41.55 -18.88 29.11
CA VAL D 349 41.06 -19.71 30.20
C VAL D 349 39.97 -18.99 30.99
N PHE D 350 40.13 -17.68 31.21
CA PHE D 350 39.21 -16.95 32.08
C PHE D 350 37.80 -16.94 31.50
N ILE D 351 37.66 -16.57 30.23
CA ILE D 351 36.33 -16.54 29.63
C ILE D 351 35.79 -17.94 29.42
N ALA D 352 36.66 -18.95 29.42
CA ALA D 352 36.19 -20.33 29.42
C ALA D 352 35.73 -20.75 30.80
N PHE D 353 36.38 -20.25 31.86
CA PHE D 353 35.98 -20.60 33.22
C PHE D 353 34.66 -19.92 33.59
N TYR D 354 34.44 -18.70 33.10
CA TYR D 354 33.24 -17.96 33.48
C TYR D 354 31.99 -18.50 32.79
N ILE D 355 32.09 -18.83 31.50
CA ILE D 355 30.90 -19.19 30.74
C ILE D 355 30.36 -20.54 31.21
N THR D 356 31.23 -21.51 31.49
CA THR D 356 30.75 -22.80 31.98
C THR D 356 30.09 -22.66 33.34
N THR D 357 30.67 -21.85 34.23
CA THR D 357 30.08 -21.67 35.56
C THR D 357 28.77 -20.90 35.47
N ARG D 358 28.73 -19.84 34.66
CA ARG D 358 27.51 -19.07 34.52
C ARG D 358 26.38 -19.90 33.92
N LEU D 359 26.68 -20.71 32.91
CA LEU D 359 25.65 -21.53 32.29
C LEU D 359 25.23 -22.69 33.19
N PHE D 360 26.16 -23.23 33.98
CA PHE D 360 25.81 -24.29 34.91
C PHE D 360 24.84 -23.80 35.98
N LEU D 361 25.09 -22.61 36.53
CA LEU D 361 24.23 -22.09 37.59
C LEU D 361 22.91 -21.60 37.03
N TYR D 362 22.92 -20.99 35.84
CA TYR D 362 21.68 -20.56 35.21
C TYR D 362 20.78 -21.74 34.87
N TYR D 363 21.36 -22.86 34.44
CA TYR D 363 20.57 -24.04 34.15
C TYR D 363 19.89 -24.59 35.40
N HIS D 364 20.62 -24.65 36.51
CA HIS D 364 20.06 -25.21 37.73
C HIS D 364 19.04 -24.28 38.38
N THR D 365 19.26 -22.97 38.29
CA THR D 365 18.29 -22.02 38.85
C THR D 365 16.94 -22.14 38.15
N LEU D 366 16.96 -22.24 36.82
CA LEU D 366 15.71 -22.42 36.08
C LEU D 366 15.06 -23.77 36.40
N ALA D 367 15.87 -24.82 36.50
CA ALA D 367 15.31 -26.15 36.79
C ALA D 367 14.71 -26.22 38.19
N ASN D 368 15.41 -25.67 39.19
CA ASN D 368 14.89 -25.71 40.54
C ASN D 368 13.65 -24.84 40.70
N THR D 369 13.64 -23.66 40.06
CA THR D 369 12.47 -22.80 40.09
C THR D 369 11.34 -23.33 39.21
N ARG D 370 11.63 -24.33 38.37
CA ARG D 370 10.68 -24.92 37.42
C ARG D 370 9.80 -23.85 36.77
N ALA D 371 10.46 -22.86 36.19
CA ALA D 371 9.79 -21.76 35.51
C ALA D 371 9.55 -22.03 34.03
N TYR D 372 9.93 -23.21 33.54
CA TYR D 372 9.69 -23.56 32.14
C TYR D 372 8.21 -23.70 31.83
N GLN D 373 7.38 -24.02 32.83
CA GLN D 373 5.94 -24.12 32.64
C GLN D 373 5.15 -23.25 33.59
N GLN D 374 5.77 -22.67 34.61
CA GLN D 374 5.04 -21.82 35.55
C GLN D 374 4.46 -20.60 34.85
N SER D 375 5.26 -19.95 34.00
CA SER D 375 4.81 -18.78 33.24
C SER D 375 5.84 -18.49 32.16
N ARG D 376 5.61 -17.41 31.42
CA ARG D 376 6.57 -16.92 30.43
C ARG D 376 7.69 -16.18 31.16
N ARG D 377 8.56 -16.97 31.77
CA ARG D 377 9.60 -16.43 32.65
C ARG D 377 10.57 -15.54 31.90
N ALA D 378 11.37 -16.12 31.00
CA ALA D 378 12.40 -15.34 30.31
C ALA D 378 12.53 -15.69 28.83
N ARG D 379 11.62 -16.50 28.27
CA ARG D 379 11.72 -16.98 26.89
C ARG D 379 13.07 -17.68 26.67
N ILE D 380 13.21 -18.81 27.38
CA ILE D 380 14.50 -19.48 27.51
C ILE D 380 15.09 -19.78 26.14
N TRP D 381 16.38 -19.49 25.99
CA TRP D 381 17.12 -19.73 24.76
C TRP D 381 17.98 -20.98 24.83
N PHE D 382 17.87 -21.76 25.90
CA PHE D 382 18.62 -23.01 25.99
C PHE D 382 18.12 -23.99 24.94
N PRO D 383 19.02 -24.63 24.19
CA PRO D 383 18.58 -25.65 23.23
C PRO D 383 17.89 -26.80 23.92
N MET D 384 16.67 -27.11 23.48
CA MET D 384 15.84 -28.21 23.98
C MET D 384 15.88 -28.31 25.50
N PHE D 385 15.47 -27.22 26.15
CA PHE D 385 15.43 -27.21 27.61
C PHE D 385 14.09 -27.72 28.13
N SER D 386 12.99 -27.16 27.63
CA SER D 386 11.67 -27.58 28.10
C SER D 386 11.36 -29.02 27.71
N PHE D 387 11.89 -29.48 26.57
CA PHE D 387 11.63 -30.84 26.12
C PHE D 387 12.20 -31.87 27.10
N PHE D 388 13.42 -31.64 27.58
CA PHE D 388 14.07 -32.63 28.44
C PHE D 388 13.53 -32.58 29.87
N GLU D 389 13.23 -31.39 30.37
CA GLU D 389 12.91 -31.21 31.79
C GLU D 389 11.41 -31.02 32.03
N CYS D 390 10.56 -31.40 31.08
CA CYS D 390 9.12 -31.26 31.29
C CYS D 390 8.60 -32.26 32.32
N ASN D 391 9.20 -33.44 32.38
CA ASN D 391 8.73 -34.49 33.28
C ASN D 391 9.38 -34.44 34.65
N VAL D 392 10.34 -33.55 34.88
CA VAL D 392 11.02 -33.42 36.16
C VAL D 392 10.54 -32.14 36.82
N ASN D 393 10.01 -32.25 38.03
CA ASN D 393 9.52 -31.12 38.79
C ASN D 393 10.26 -31.05 40.13
N GLY D 394 10.49 -29.83 40.61
CA GLY D 394 11.18 -29.65 41.87
C GLY D 394 12.67 -29.93 41.75
N THR D 395 13.27 -30.32 42.86
CA THR D 395 14.70 -30.57 42.94
C THR D 395 14.97 -32.06 43.16
N VAL D 396 15.97 -32.58 42.45
CA VAL D 396 16.32 -34.00 42.56
C VAL D 396 16.95 -34.26 43.93
N PRO D 397 16.46 -35.23 44.69
CA PRO D 397 17.07 -35.54 46.00
C PRO D 397 18.40 -36.26 45.86
N ASN D 398 18.98 -36.66 46.99
CA ASN D 398 20.28 -37.33 46.98
C ASN D 398 20.19 -38.71 47.63
N GLU D 399 19.16 -39.49 47.28
CA GLU D 399 19.02 -40.83 47.80
C GLU D 399 20.01 -41.78 47.13
N TYR D 400 20.52 -42.73 47.90
CA TYR D 400 21.49 -43.70 47.43
C TYR D 400 20.95 -45.12 47.59
N CYS D 401 21.36 -46.00 46.67
CA CYS D 401 20.97 -47.40 46.71
C CYS D 401 22.10 -48.23 46.10
N TRP D 402 21.78 -49.48 45.77
CA TRP D 402 22.68 -50.37 45.07
C TRP D 402 22.04 -50.78 43.74
N PRO D 403 22.75 -50.67 42.62
CA PRO D 403 22.10 -50.93 41.32
C PRO D 403 21.79 -52.40 41.09
N PHE D 404 22.70 -53.29 41.43
CA PHE D 404 22.52 -54.70 41.13
C PHE D 404 21.51 -55.33 42.09
N SER D 405 20.97 -56.47 41.69
CA SER D 405 19.99 -57.22 42.48
C SER D 405 20.63 -58.29 43.36
N LYS D 406 21.94 -58.25 43.54
CA LYS D 406 22.67 -59.22 44.36
C LYS D 406 23.50 -58.48 45.38
N PRO D 407 22.89 -58.05 46.49
CA PRO D 407 23.58 -57.32 47.57
C PRO D 407 24.68 -58.14 48.21
N ARG E 144 -46.47 27.42 6.93
CA ARG E 144 -47.45 27.92 5.97
C ARG E 144 -46.74 28.49 4.73
N LEU E 145 -47.53 28.88 3.73
CA LEU E 145 -46.98 29.44 2.50
C LEU E 145 -46.49 30.85 2.79
N ASP E 146 -45.19 31.00 2.99
CA ASP E 146 -44.60 32.30 3.30
C ASP E 146 -44.00 32.89 2.04
N PRO E 147 -44.55 33.99 1.51
CA PRO E 147 -43.95 34.61 0.32
C PRO E 147 -42.56 35.15 0.61
N GLU E 148 -41.54 34.54 -0.01
CA GLU E 148 -40.15 34.92 0.19
C GLU E 148 -39.77 35.90 -0.91
N TYR E 149 -39.71 37.18 -0.56
CA TYR E 149 -39.44 38.22 -1.55
C TYR E 149 -37.95 38.39 -1.85
N TRP E 150 -37.08 37.74 -1.08
CA TRP E 150 -35.65 37.80 -1.35
C TRP E 150 -35.12 36.58 -2.09
N LYS E 151 -35.82 35.44 -2.00
CA LYS E 151 -35.42 34.26 -2.77
C LYS E 151 -35.80 34.39 -4.24
N THR E 152 -36.92 35.08 -4.53
CA THR E 152 -37.30 35.30 -5.91
C THR E 152 -36.26 36.12 -6.66
N ILE E 153 -35.68 37.12 -5.98
CA ILE E 153 -34.64 37.94 -6.59
C ILE E 153 -33.45 37.09 -6.97
N LEU E 154 -33.03 36.19 -6.08
CA LEU E 154 -31.97 35.24 -6.42
C LEU E 154 -32.39 34.35 -7.57
N SER E 155 -33.65 33.90 -7.57
CA SER E 155 -34.13 33.06 -8.67
C SER E 155 -34.14 33.82 -9.99
N CYS E 156 -34.56 35.09 -9.96
CA CYS E 156 -34.58 35.89 -11.19
C CYS E 156 -33.18 36.08 -11.75
N ILE E 157 -32.19 36.31 -10.88
CA ILE E 157 -30.83 36.51 -11.35
C ILE E 157 -30.32 35.26 -12.08
N TYR E 158 -30.76 34.09 -11.64
CA TYR E 158 -30.26 32.84 -12.19
C TYR E 158 -30.61 32.68 -13.67
N VAL E 159 -31.82 33.08 -14.06
CA VAL E 159 -32.29 32.78 -15.42
C VAL E 159 -31.59 33.63 -16.47
N PHE E 160 -31.33 34.92 -16.16
CA PHE E 160 -30.65 35.76 -17.15
C PHE E 160 -29.19 35.37 -17.34
N ILE E 161 -28.53 34.89 -16.29
CA ILE E 161 -27.15 34.41 -16.44
C ILE E 161 -27.12 33.23 -17.40
N VAL E 162 -28.07 32.31 -17.26
CA VAL E 162 -28.16 31.18 -18.18
C VAL E 162 -28.53 31.67 -19.58
N PHE E 163 -29.38 32.70 -19.66
CA PHE E 163 -29.71 33.28 -20.96
C PHE E 163 -28.46 33.87 -21.62
N GLY E 164 -27.65 34.58 -20.85
CA GLY E 164 -26.40 35.10 -21.40
C GLY E 164 -25.40 34.00 -21.73
N PHE E 165 -25.31 32.99 -20.86
CA PHE E 165 -24.38 31.89 -21.10
C PHE E 165 -24.74 31.13 -22.37
N THR E 166 -26.04 30.92 -22.61
CA THR E 166 -26.47 30.25 -23.83
C THR E 166 -26.09 31.05 -25.07
N SER E 167 -26.24 32.37 -25.02
CA SER E 167 -25.85 33.21 -26.14
C SER E 167 -24.36 33.13 -26.42
N PHE E 168 -23.54 33.00 -25.36
CA PHE E 168 -22.10 32.87 -25.55
C PHE E 168 -21.76 31.58 -26.28
N ILE E 169 -22.46 30.49 -25.96
CA ILE E 169 -22.19 29.22 -26.62
C ILE E 169 -22.62 29.26 -28.09
N MET E 170 -23.68 30.01 -28.39
CA MET E 170 -24.22 30.01 -29.75
C MET E 170 -23.22 30.54 -30.76
N VAL E 171 -22.50 31.61 -30.42
CA VAL E 171 -21.52 32.16 -31.36
C VAL E 171 -20.32 31.23 -31.50
N ILE E 172 -19.97 30.49 -30.43
CA ILE E 172 -18.86 29.54 -30.52
C ILE E 172 -19.21 28.42 -31.48
N VAL E 173 -20.46 27.94 -31.42
CA VAL E 173 -20.87 26.84 -32.30
C VAL E 173 -20.84 27.27 -33.76
N HIS E 174 -21.23 28.53 -34.04
CA HIS E 174 -21.22 29.03 -35.41
C HIS E 174 -19.81 29.14 -35.97
N GLU E 175 -18.79 29.15 -35.11
CA GLU E 175 -17.41 29.30 -35.57
C GLU E 175 -16.84 28.00 -36.14
N ARG E 176 -17.46 26.85 -35.88
CA ARG E 176 -16.87 25.57 -36.24
C ARG E 176 -16.67 25.46 -37.75
N VAL E 177 -17.76 25.44 -38.50
CA VAL E 177 -17.72 25.38 -39.96
C VAL E 177 -18.25 26.70 -40.50
N PRO E 178 -17.55 27.34 -41.45
CA PRO E 178 -17.93 28.70 -41.86
C PRO E 178 -19.21 28.77 -42.68
N ASP E 179 -19.38 27.85 -43.63
CA ASP E 179 -20.44 27.97 -44.62
C ASP E 179 -21.84 27.94 -44.01
N MET E 180 -22.23 26.79 -43.43
CA MET E 180 -23.58 26.59 -42.91
C MET E 180 -24.67 26.88 -43.93
N GLN E 181 -24.30 27.03 -45.21
CA GLN E 181 -25.28 27.42 -46.22
C GLN E 181 -25.06 26.72 -47.56
N THR E 182 -24.34 25.59 -47.56
CA THR E 182 -24.10 24.85 -48.80
C THR E 182 -24.82 23.51 -48.84
N TYR E 183 -25.03 22.88 -47.71
CA TYR E 183 -25.69 21.58 -47.67
C TYR E 183 -27.13 21.70 -48.15
N PRO E 184 -27.61 20.77 -48.97
CA PRO E 184 -29.04 20.74 -49.30
C PRO E 184 -29.83 20.19 -48.12
N PRO E 185 -31.12 20.53 -48.02
CA PRO E 185 -31.93 20.02 -46.92
C PRO E 185 -31.97 18.50 -46.89
N LEU E 186 -31.94 17.94 -45.68
CA LEU E 186 -32.06 16.50 -45.52
C LEU E 186 -33.48 16.06 -45.83
N PRO E 187 -33.68 14.80 -46.22
CA PRO E 187 -35.03 14.32 -46.53
C PRO E 187 -35.92 14.30 -45.31
N ASP E 188 -36.91 15.20 -45.28
CA ASP E 188 -37.85 15.32 -44.18
C ASP E 188 -39.26 15.14 -44.71
N ILE E 189 -40.05 14.32 -44.01
CA ILE E 189 -41.42 14.05 -44.46
C ILE E 189 -42.34 15.25 -44.25
N PHE E 190 -41.94 16.22 -43.42
CA PHE E 190 -42.73 17.41 -43.18
C PHE E 190 -42.29 18.61 -44.01
N LEU E 191 -40.98 18.86 -44.09
CA LEU E 191 -40.49 20.01 -44.83
C LEU E 191 -40.64 19.85 -46.33
N ASP E 192 -40.63 18.62 -46.84
CA ASP E 192 -40.77 18.39 -48.27
C ASP E 192 -42.22 18.48 -48.74
N SER E 193 -43.17 18.62 -47.83
CA SER E 193 -44.58 18.74 -48.17
C SER E 193 -45.06 20.19 -48.14
N VAL E 194 -44.84 20.87 -47.03
CA VAL E 194 -45.32 22.24 -46.84
C VAL E 194 -44.31 23.22 -47.43
N PRO E 195 -44.71 24.05 -48.39
CA PRO E 195 -43.80 25.08 -48.91
C PRO E 195 -43.39 26.06 -47.82
N ARG E 196 -42.18 26.61 -47.98
CA ARG E 196 -41.68 27.61 -47.05
C ARG E 196 -42.54 28.87 -47.10
N ILE E 197 -42.89 29.39 -45.93
CA ILE E 197 -43.69 30.60 -45.81
C ILE E 197 -42.84 31.66 -45.12
N PRO E 198 -42.54 32.79 -45.79
CA PRO E 198 -41.68 33.80 -45.16
C PRO E 198 -42.27 34.42 -43.91
N TRP E 199 -43.59 34.58 -43.84
CA TRP E 199 -44.22 35.25 -42.72
C TRP E 199 -44.68 34.29 -41.62
N ALA E 200 -44.43 32.98 -41.78
CA ALA E 200 -44.83 32.03 -40.75
C ALA E 200 -44.01 32.18 -39.49
N PHE E 201 -42.71 32.49 -39.63
CA PHE E 201 -41.85 32.60 -38.47
C PHE E 201 -42.24 33.78 -37.57
N ALA E 202 -42.68 34.89 -38.15
CA ALA E 202 -43.11 36.03 -37.35
C ALA E 202 -44.40 35.73 -36.61
N MET E 203 -45.23 34.82 -37.14
CA MET E 203 -46.49 34.49 -36.48
C MET E 203 -46.27 33.76 -35.15
N THR E 204 -45.22 32.93 -35.07
CA THR E 204 -44.93 32.23 -33.83
C THR E 204 -44.61 33.21 -32.71
N GLU E 205 -43.82 34.24 -33.02
CA GLU E 205 -43.49 35.25 -32.00
C GLU E 205 -44.72 36.03 -31.58
N VAL E 206 -45.69 36.21 -32.47
CA VAL E 206 -46.94 36.87 -32.09
C VAL E 206 -47.70 36.03 -31.07
N CYS E 207 -47.76 34.72 -31.28
CA CYS E 207 -48.47 33.85 -30.36
C CYS E 207 -47.84 33.87 -28.96
N GLY E 208 -46.50 33.97 -28.90
CA GLY E 208 -45.84 34.01 -27.61
C GLY E 208 -46.23 35.22 -26.79
N MET E 209 -46.37 36.38 -27.45
CA MET E 209 -46.78 37.58 -26.73
C MET E 209 -48.21 37.44 -26.20
N ILE E 210 -49.10 36.85 -26.99
CA ILE E 210 -50.48 36.66 -26.54
C ILE E 210 -50.53 35.73 -25.34
N LEU E 211 -49.79 34.62 -25.39
CA LEU E 211 -49.74 33.72 -24.25
C LEU E 211 -49.08 34.38 -23.04
N CYS E 212 -48.06 35.22 -23.29
CA CYS E 212 -47.42 35.94 -22.19
C CYS E 212 -48.41 36.89 -21.51
N TYR E 213 -49.27 37.55 -22.29
CA TYR E 213 -50.26 38.46 -21.72
C TYR E 213 -51.22 37.72 -20.81
N ILE E 214 -51.68 36.53 -21.24
CA ILE E 214 -52.62 35.76 -20.42
C ILE E 214 -51.95 35.32 -19.12
N TRP E 215 -50.72 34.83 -19.20
CA TRP E 215 -50.00 34.41 -18.01
C TRP E 215 -49.70 35.60 -17.09
N LEU E 216 -49.34 36.75 -17.68
CA LEU E 216 -49.04 37.92 -16.88
C LEU E 216 -50.27 38.40 -16.11
N LEU E 217 -51.44 38.32 -16.74
CA LEU E 217 -52.68 38.69 -16.05
C LEU E 217 -52.94 37.75 -14.87
N VAL E 218 -52.69 36.46 -15.04
CA VAL E 218 -52.86 35.50 -13.95
C VAL E 218 -51.90 35.82 -12.82
N LEU E 219 -50.65 36.14 -13.15
CA LEU E 219 -49.67 36.52 -12.13
C LEU E 219 -50.07 37.79 -11.42
N LEU E 220 -50.86 38.65 -12.08
CA LEU E 220 -51.26 39.92 -11.49
C LEU E 220 -52.32 39.77 -10.42
N LEU E 221 -53.19 38.76 -10.54
CA LEU E 221 -54.33 38.59 -9.66
C LEU E 221 -54.28 37.27 -8.91
N HIS E 222 -53.13 36.92 -8.36
CA HIS E 222 -52.96 35.68 -7.61
C HIS E 222 -52.45 35.99 -6.20
N LYS E 223 -52.91 35.21 -5.23
CA LYS E 223 -52.44 35.37 -3.86
C LYS E 223 -50.95 35.10 -3.75
N HIS E 224 -50.50 33.96 -4.23
CA HIS E 224 -49.09 33.57 -4.18
C HIS E 224 -48.40 33.84 -5.51
N ARG E 225 -48.34 35.12 -5.88
CA ARG E 225 -47.67 35.50 -7.11
C ARG E 225 -46.15 35.40 -7.00
N SER E 226 -45.61 35.43 -5.77
CA SER E 226 -44.17 35.30 -5.60
C SER E 226 -43.70 33.89 -5.92
N ILE E 227 -44.46 32.87 -5.50
CA ILE E 227 -44.06 31.49 -5.73
C ILE E 227 -44.18 31.14 -7.21
N LEU E 228 -45.25 31.60 -7.87
CA LEU E 228 -45.44 31.29 -9.29
C LEU E 228 -44.30 31.86 -10.13
N LEU E 229 -43.86 33.08 -9.83
CA LEU E 229 -42.75 33.68 -10.57
C LEU E 229 -41.43 32.99 -10.25
N ARG E 230 -41.30 32.44 -9.04
CA ARG E 230 -40.07 31.75 -8.67
C ARG E 230 -39.94 30.41 -9.39
N ARG E 231 -41.06 29.75 -9.67
CA ARG E 231 -41.01 28.45 -10.35
C ARG E 231 -40.72 28.61 -11.83
N LEU E 232 -41.21 29.69 -12.46
CA LEU E 232 -40.93 29.91 -13.88
C LEU E 232 -39.44 30.11 -14.12
N CYS E 233 -38.76 30.86 -13.24
CA CYS E 233 -37.33 31.07 -13.38
C CYS E 233 -36.52 29.85 -12.99
N SER E 234 -37.01 29.01 -12.08
CA SER E 234 -36.29 27.82 -11.68
C SER E 234 -36.46 26.65 -12.66
N LEU E 235 -37.37 26.78 -13.62
CA LEU E 235 -37.57 25.75 -14.63
C LEU E 235 -37.09 26.16 -16.02
N MET E 236 -37.16 27.44 -16.36
CA MET E 236 -36.60 27.92 -17.62
C MET E 236 -35.08 27.99 -17.59
N GLY E 237 -34.48 28.07 -16.40
CA GLY E 237 -33.04 28.04 -16.30
C GLY E 237 -32.44 26.65 -16.37
N THR E 238 -33.27 25.63 -16.17
CA THR E 238 -32.77 24.25 -16.25
C THR E 238 -32.86 23.71 -17.67
N VAL E 239 -33.95 24.02 -18.38
CA VAL E 239 -34.11 23.53 -19.74
C VAL E 239 -33.04 24.12 -20.66
N PHE E 240 -32.77 25.42 -20.53
CA PHE E 240 -31.77 26.05 -21.36
C PHE E 240 -30.36 25.59 -21.04
N LEU E 241 -30.12 25.11 -19.82
CA LEU E 241 -28.84 24.46 -19.53
C LEU E 241 -28.67 23.19 -20.34
N LEU E 242 -29.75 22.43 -20.51
CA LEU E 242 -29.69 21.24 -21.35
C LEU E 242 -29.52 21.60 -22.83
N ARG E 243 -29.98 22.79 -23.23
CA ARG E 243 -29.83 23.20 -24.62
C ARG E 243 -28.37 23.42 -24.97
N CYS E 244 -27.60 23.99 -24.04
CA CYS E 244 -26.18 24.21 -24.29
C CYS E 244 -25.44 22.89 -24.44
N PHE E 245 -25.76 21.90 -23.61
CA PHE E 245 -25.08 20.61 -23.69
C PHE E 245 -25.41 19.90 -25.00
N THR E 246 -26.68 19.93 -25.41
CA THR E 246 -27.06 19.29 -26.66
C THR E 246 -26.43 20.00 -27.86
N MET E 247 -26.37 21.33 -27.82
CA MET E 247 -25.82 22.08 -28.95
C MET E 247 -24.30 21.99 -29.00
N PHE E 248 -23.64 21.84 -27.85
CA PHE E 248 -22.18 21.76 -27.84
C PHE E 248 -21.70 20.40 -28.35
N VAL E 249 -22.36 19.32 -27.94
CA VAL E 249 -21.92 17.98 -28.33
C VAL E 249 -22.03 17.79 -29.84
N THR E 250 -23.15 18.20 -30.42
CA THR E 250 -23.35 18.14 -31.86
C THR E 250 -24.10 19.38 -32.31
N SER E 251 -23.87 19.77 -33.57
CA SER E 251 -24.46 20.98 -34.13
C SER E 251 -25.25 20.59 -35.38
N LEU E 252 -26.56 20.78 -35.32
CA LEU E 252 -27.45 20.47 -36.44
C LEU E 252 -28.34 21.68 -36.70
N SER E 253 -28.11 22.36 -37.82
CA SER E 253 -28.88 23.52 -38.22
C SER E 253 -29.68 23.19 -39.47
N VAL E 254 -30.45 24.17 -39.95
CA VAL E 254 -31.23 24.04 -41.17
C VAL E 254 -30.33 24.41 -42.35
N PRO E 255 -30.06 23.49 -43.27
CA PRO E 255 -29.10 23.77 -44.34
C PRO E 255 -29.67 24.52 -45.53
N GLY E 256 -29.71 25.84 -45.46
CA GLY E 256 -30.09 26.61 -46.63
C GLY E 256 -30.87 27.89 -46.38
N GLN E 257 -31.47 28.00 -45.20
CA GLN E 257 -32.24 29.19 -44.86
C GLN E 257 -31.33 30.25 -44.25
N HIS E 258 -31.72 31.51 -44.44
CA HIS E 258 -30.93 32.67 -44.01
C HIS E 258 -29.52 32.63 -44.59
N LEU E 259 -29.43 32.31 -45.89
CA LEU E 259 -28.14 32.22 -46.55
C LEU E 259 -27.49 33.58 -46.74
N GLN E 260 -28.25 34.67 -46.61
CA GLN E 260 -27.74 36.02 -46.81
C GLN E 260 -27.37 36.70 -45.49
N CYS E 261 -27.35 35.97 -44.39
CA CYS E 261 -27.03 36.57 -43.11
C CYS E 261 -25.57 37.00 -43.07
N THR E 262 -25.34 38.19 -42.52
CA THR E 262 -24.01 38.80 -42.51
C THR E 262 -23.28 38.41 -41.22
N GLY E 263 -22.14 39.05 -40.98
CA GLY E 263 -21.36 38.78 -39.79
C GLY E 263 -20.22 37.81 -40.03
N LYS E 264 -20.21 36.71 -39.25
CA LYS E 264 -19.28 35.60 -39.38
C LYS E 264 -17.81 36.03 -39.26
N ILE E 265 -16.90 35.06 -39.39
CA ILE E 265 -15.44 35.23 -39.32
C ILE E 265 -15.04 36.24 -38.25
N TYR E 266 -15.44 35.98 -37.01
CA TYR E 266 -15.01 36.79 -35.87
C TYR E 266 -13.73 36.19 -35.30
N GLY E 267 -12.59 36.60 -35.86
CA GLY E 267 -11.33 36.16 -35.30
C GLY E 267 -10.84 37.10 -34.22
N SER E 268 -11.18 36.78 -32.98
CA SER E 268 -10.88 37.62 -31.82
C SER E 268 -11.41 36.96 -30.55
N VAL E 269 -11.15 37.57 -29.40
CA VAL E 269 -11.75 37.14 -28.14
C VAL E 269 -12.54 38.25 -27.47
N TRP E 270 -12.67 39.43 -28.11
CA TRP E 270 -13.48 40.51 -27.57
C TRP E 270 -14.69 40.85 -28.45
N GLU E 271 -14.62 40.60 -29.76
CA GLU E 271 -15.75 40.91 -30.63
C GLU E 271 -16.92 39.96 -30.42
N LYS E 272 -16.64 38.69 -30.10
CA LYS E 272 -17.72 37.75 -29.85
C LYS E 272 -18.55 38.15 -28.64
N LEU E 273 -17.92 38.75 -27.63
CA LEU E 273 -18.67 39.20 -26.46
C LEU E 273 -19.68 40.27 -26.84
N HIS E 274 -19.29 41.21 -27.70
CA HIS E 274 -20.25 42.20 -28.19
C HIS E 274 -21.32 41.55 -29.05
N ARG E 275 -20.93 40.57 -29.87
CA ARG E 275 -21.92 39.83 -30.65
C ARG E 275 -22.87 39.04 -29.74
N ALA E 276 -22.32 38.44 -28.68
CA ALA E 276 -23.16 37.74 -27.72
C ALA E 276 -24.09 38.71 -27.00
N PHE E 277 -23.62 39.92 -26.71
CA PHE E 277 -24.48 40.92 -26.10
C PHE E 277 -25.65 41.27 -27.02
N ALA E 278 -25.40 41.35 -28.32
CA ALA E 278 -26.50 41.56 -29.27
C ALA E 278 -27.47 40.40 -29.25
N ILE E 279 -26.96 39.17 -29.17
CA ILE E 279 -27.83 38.00 -29.07
C ILE E 279 -28.60 38.03 -27.76
N TRP E 280 -27.92 38.36 -26.66
CA TRP E 280 -28.57 38.36 -25.36
C TRP E 280 -29.61 39.46 -25.24
N SER E 281 -29.24 40.68 -25.63
CA SER E 281 -30.17 41.81 -25.53
C SER E 281 -30.97 41.99 -26.82
N GLY E 282 -31.56 40.91 -27.30
CA GLY E 282 -32.51 40.98 -28.39
C GLY E 282 -33.66 40.00 -28.17
N PHE E 283 -33.50 39.14 -27.17
CA PHE E 283 -34.48 38.14 -26.76
C PHE E 283 -34.82 37.13 -27.85
N GLY E 284 -34.12 37.17 -28.99
CA GLY E 284 -34.22 36.15 -30.00
C GLY E 284 -35.30 36.35 -31.05
N MET E 285 -36.27 37.23 -30.82
CA MET E 285 -37.32 37.43 -31.80
C MET E 285 -36.80 38.15 -33.04
N THR E 286 -37.45 37.88 -34.17
CA THR E 286 -37.10 38.55 -35.42
C THR E 286 -37.72 39.94 -35.54
N LEU E 287 -38.69 40.29 -34.69
CA LEU E 287 -39.25 41.64 -34.70
C LEU E 287 -38.17 42.65 -34.33
N THR E 288 -37.39 42.36 -33.29
CA THR E 288 -36.16 43.07 -33.01
C THR E 288 -35.04 42.23 -33.62
N GLY E 289 -34.75 42.48 -34.89
CA GLY E 289 -33.94 41.56 -35.67
C GLY E 289 -32.56 41.31 -35.10
N VAL E 290 -32.38 40.13 -34.52
CA VAL E 290 -31.11 39.70 -33.97
C VAL E 290 -30.74 38.35 -34.58
N HIS E 291 -31.70 37.43 -34.60
CA HIS E 291 -31.50 36.09 -35.15
C HIS E 291 -31.48 36.19 -36.66
N THR E 292 -30.29 36.51 -37.20
CA THR E 292 -30.14 36.71 -38.63
C THR E 292 -29.75 35.43 -39.35
N CYS E 293 -28.89 34.61 -38.75
CA CYS E 293 -28.48 33.34 -39.32
C CYS E 293 -29.39 32.22 -38.81
N GLY E 294 -29.01 30.97 -39.07
CA GLY E 294 -29.81 29.83 -38.68
C GLY E 294 -29.67 29.49 -37.20
N ASP E 295 -30.44 28.47 -36.80
CA ASP E 295 -30.46 28.00 -35.42
C ASP E 295 -30.25 26.49 -35.39
N TYR E 296 -29.84 26.01 -34.23
CA TYR E 296 -29.41 24.63 -34.05
C TYR E 296 -30.48 23.78 -33.36
N MET E 297 -30.09 22.57 -33.00
CA MET E 297 -30.99 21.56 -32.44
C MET E 297 -31.64 22.06 -31.15
N PHE E 298 -32.81 21.50 -30.84
CA PHE E 298 -33.53 21.76 -29.59
C PHE E 298 -33.88 23.24 -29.48
N SER E 299 -34.75 23.67 -30.39
CA SER E 299 -35.10 25.08 -30.52
C SER E 299 -35.74 25.62 -29.25
N GLY E 300 -35.50 26.91 -29.00
CA GLY E 300 -36.05 27.60 -27.85
C GLY E 300 -37.43 28.19 -28.05
N HIS E 301 -37.90 28.30 -29.29
CA HIS E 301 -39.27 28.75 -29.51
C HIS E 301 -40.28 27.74 -28.96
N THR E 302 -40.00 26.44 -29.15
CA THR E 302 -40.88 25.41 -28.60
C THR E 302 -40.80 25.36 -27.08
N VAL E 303 -39.63 25.61 -26.50
CA VAL E 303 -39.48 25.58 -25.06
C VAL E 303 -40.33 26.66 -24.41
N VAL E 304 -40.26 27.89 -24.94
CA VAL E 304 -40.98 29.00 -24.33
C VAL E 304 -42.48 28.85 -24.53
N LEU E 305 -42.90 28.49 -25.75
CA LEU E 305 -44.34 28.38 -26.04
C LEU E 305 -44.98 27.28 -25.20
N THR E 306 -44.31 26.14 -25.05
CA THR E 306 -44.88 25.03 -24.29
C THR E 306 -44.87 25.32 -22.80
N MET E 307 -43.79 25.92 -22.29
CA MET E 307 -43.67 26.16 -20.86
C MET E 307 -44.73 27.14 -20.37
N LEU E 308 -44.99 28.19 -21.14
CA LEU E 308 -46.01 29.15 -20.75
C LEU E 308 -47.40 28.52 -20.73
N ASN E 309 -47.66 27.61 -21.68
CA ASN E 309 -48.98 27.00 -21.78
C ASN E 309 -49.32 26.19 -20.54
N PHE E 310 -48.34 25.45 -20.01
CA PHE E 310 -48.63 24.56 -18.88
C PHE E 310 -48.93 25.33 -17.61
N PHE E 311 -48.19 26.42 -17.36
CA PHE E 311 -48.50 27.27 -16.21
C PHE E 311 -49.88 27.91 -16.34
N VAL E 312 -50.28 28.26 -17.57
CA VAL E 312 -51.60 28.85 -17.77
C VAL E 312 -52.68 27.86 -17.35
N THR E 313 -52.54 26.60 -17.75
CA THR E 313 -53.53 25.59 -17.40
C THR E 313 -53.40 25.12 -15.95
N GLU E 314 -52.18 25.07 -15.42
CA GLU E 314 -51.98 24.48 -14.09
C GLU E 314 -52.55 25.36 -12.98
N TYR E 315 -52.40 26.67 -13.10
CA TYR E 315 -52.77 27.60 -12.03
C TYR E 315 -54.08 28.33 -12.34
N THR E 316 -55.04 27.62 -12.91
CA THR E 316 -56.40 28.10 -13.12
C THR E 316 -57.37 27.09 -12.54
N PRO E 317 -58.54 27.53 -12.07
CA PRO E 317 -59.47 26.59 -11.43
C PRO E 317 -60.01 25.57 -12.41
N ARG E 318 -60.38 24.40 -11.89
CA ARG E 318 -60.87 23.33 -12.74
C ARG E 318 -62.34 23.53 -13.07
N SER E 319 -62.68 24.74 -13.52
CA SER E 319 -64.01 25.03 -14.06
C SER E 319 -63.95 25.96 -15.25
N TRP E 320 -62.76 26.35 -15.71
CA TRP E 320 -62.57 27.29 -16.81
C TRP E 320 -62.11 26.57 -18.08
N ASN E 321 -62.71 25.41 -18.37
CA ASN E 321 -62.22 24.61 -19.49
C ASN E 321 -62.70 25.17 -20.82
N PHE E 322 -62.44 26.45 -21.04
CA PHE E 322 -62.55 27.14 -22.32
C PHE E 322 -61.29 27.93 -22.64
N LEU E 323 -60.67 28.54 -21.62
CA LEU E 323 -59.38 29.20 -21.82
C LEU E 323 -58.29 28.18 -22.10
N HIS E 324 -58.38 26.99 -21.50
CA HIS E 324 -57.38 25.95 -21.74
C HIS E 324 -57.39 25.53 -23.21
N THR E 325 -58.57 25.41 -23.80
CA THR E 325 -58.65 25.10 -25.22
C THR E 325 -58.03 26.21 -26.07
N LEU E 326 -58.29 27.46 -25.68
CA LEU E 326 -57.67 28.58 -26.38
C LEU E 326 -56.15 28.57 -26.22
N SER E 327 -55.67 28.24 -25.03
CA SER E 327 -54.23 28.16 -24.82
C SER E 327 -53.61 27.01 -25.59
N TRP E 328 -54.29 25.86 -25.63
CA TRP E 328 -53.73 24.70 -26.32
C TRP E 328 -53.63 24.92 -27.82
N VAL E 329 -54.67 25.50 -28.43
CA VAL E 329 -54.65 25.73 -29.87
C VAL E 329 -53.58 26.74 -30.25
N LEU E 330 -53.34 27.73 -29.39
CA LEU E 330 -52.28 28.71 -29.65
C LEU E 330 -50.90 28.03 -29.64
N ASN E 331 -50.69 27.11 -28.70
CA ASN E 331 -49.40 26.43 -28.63
C ASN E 331 -49.15 25.57 -29.87
N LEU E 332 -50.17 24.82 -30.30
CA LEU E 332 -50.02 23.98 -31.49
C LEU E 332 -49.84 24.82 -32.74
N PHE E 333 -50.57 25.94 -32.84
CA PHE E 333 -50.43 26.81 -34.01
C PHE E 333 -49.03 27.41 -34.08
N GLY E 334 -48.49 27.84 -32.94
CA GLY E 334 -47.15 28.40 -32.93
C GLY E 334 -46.08 27.38 -33.32
N ILE E 335 -46.21 26.16 -32.82
CA ILE E 335 -45.26 25.10 -33.17
C ILE E 335 -45.35 24.77 -34.65
N PHE E 336 -46.57 24.73 -35.20
CA PHE E 336 -46.74 24.41 -36.61
C PHE E 336 -46.08 25.45 -37.50
N PHE E 337 -46.16 26.73 -37.12
CA PHE E 337 -45.55 27.78 -37.92
C PHE E 337 -44.03 27.66 -37.96
N ILE E 338 -43.41 27.19 -36.87
CA ILE E 338 -41.97 27.02 -36.85
C ILE E 338 -41.54 25.99 -37.88
N LEU E 339 -42.24 24.86 -37.93
CA LEU E 339 -41.92 23.82 -38.91
C LEU E 339 -42.18 24.31 -40.34
N ALA E 340 -43.28 25.03 -40.55
CA ALA E 340 -43.62 25.49 -41.88
C ALA E 340 -42.70 26.60 -42.38
N ALA E 341 -41.95 27.24 -41.48
CA ALA E 341 -41.02 28.30 -41.84
C ALA E 341 -39.66 27.78 -42.27
N HIS E 342 -39.46 26.47 -42.28
CA HIS E 342 -38.18 25.85 -42.65
C HIS E 342 -37.05 26.37 -41.77
N GLU E 343 -37.34 26.57 -40.48
CA GLU E 343 -36.34 27.06 -39.54
C GLU E 343 -35.75 25.96 -38.66
N HIS E 344 -36.32 24.76 -38.72
CA HIS E 344 -35.85 23.67 -37.82
C HIS E 344 -36.27 22.37 -38.45
N TYR E 345 -35.67 21.28 -38.04
CA TYR E 345 -36.08 19.96 -38.48
C TYR E 345 -37.24 19.45 -37.64
N SER E 346 -37.87 18.37 -38.11
CA SER E 346 -39.00 17.81 -37.37
C SER E 346 -38.55 17.24 -36.03
N ILE E 347 -37.39 16.59 -36.00
CA ILE E 347 -36.88 16.05 -34.73
C ILE E 347 -36.36 17.16 -33.83
N ASP E 348 -36.12 18.36 -34.37
CA ASP E 348 -35.75 19.49 -33.52
C ASP E 348 -36.88 19.86 -32.57
N VAL E 349 -38.12 19.66 -33.02
CA VAL E 349 -39.27 20.10 -32.24
C VAL E 349 -39.74 19.00 -31.28
N PHE E 350 -39.73 17.75 -31.74
CA PHE E 350 -40.27 16.66 -30.92
C PHE E 350 -39.51 16.50 -29.62
N ILE E 351 -38.18 16.44 -29.70
CA ILE E 351 -37.39 16.30 -28.46
C ILE E 351 -37.41 17.60 -27.66
N ALA E 352 -37.76 18.72 -28.29
CA ALA E 352 -37.99 19.94 -27.53
C ALA E 352 -39.34 19.93 -26.84
N PHE E 353 -40.35 19.31 -27.45
CA PHE E 353 -41.68 19.25 -26.84
C PHE E 353 -41.70 18.24 -25.68
N TYR E 354 -40.94 17.16 -25.79
CA TYR E 354 -40.97 16.12 -24.76
C TYR E 354 -40.20 16.57 -23.51
N ILE E 355 -39.05 17.20 -23.68
CA ILE E 355 -38.19 17.50 -22.54
C ILE E 355 -38.84 18.54 -21.63
N THR E 356 -39.45 19.58 -22.21
CA THR E 356 -40.11 20.59 -21.40
C THR E 356 -41.29 20.01 -20.64
N THR E 357 -42.09 19.16 -21.30
CA THR E 357 -43.24 18.56 -20.63
C THR E 357 -42.80 17.58 -19.54
N ARG E 358 -41.80 16.76 -19.83
CA ARG E 358 -41.32 15.79 -18.84
C ARG E 358 -40.75 16.50 -17.61
N LEU E 359 -39.98 17.56 -17.83
CA LEU E 359 -39.39 18.28 -16.70
C LEU E 359 -40.43 19.09 -15.94
N PHE E 360 -41.44 19.61 -16.64
CA PHE E 360 -42.50 20.34 -15.97
C PHE E 360 -43.30 19.43 -15.03
N LEU E 361 -43.63 18.22 -15.50
CA LEU E 361 -44.42 17.32 -14.67
C LEU E 361 -43.59 16.70 -13.56
N TYR E 362 -42.31 16.41 -13.83
CA TYR E 362 -41.44 15.89 -12.78
C TYR E 362 -41.21 16.91 -11.68
N TYR E 363 -41.11 18.19 -12.03
CA TYR E 363 -40.95 19.23 -11.02
C TYR E 363 -42.18 19.32 -10.11
N HIS E 364 -43.37 19.26 -10.70
CA HIS E 364 -44.60 19.41 -9.90
C HIS E 364 -44.88 18.16 -9.07
N THR E 365 -44.56 16.98 -9.59
CA THR E 365 -44.76 15.75 -8.81
C THR E 365 -43.90 15.75 -7.56
N LEU E 366 -42.64 16.15 -7.68
CA LEU E 366 -41.77 16.25 -6.51
C LEU E 366 -42.26 17.32 -5.54
N ALA E 367 -42.70 18.47 -6.07
CA ALA E 367 -43.15 19.56 -5.20
C ALA E 367 -44.43 19.17 -4.45
N ASN E 368 -45.40 18.59 -5.15
CA ASN E 368 -46.65 18.19 -4.50
C ASN E 368 -46.41 17.09 -3.47
N THR E 369 -45.59 16.11 -3.81
CA THR E 369 -45.23 15.05 -2.87
C THR E 369 -44.32 15.55 -1.76
N ARG E 370 -43.73 16.75 -1.93
CA ARG E 370 -42.75 17.34 -1.01
C ARG E 370 -41.81 16.28 -0.45
N ALA E 371 -41.15 15.56 -1.35
CA ALA E 371 -40.19 14.53 -1.00
C ALA E 371 -38.78 15.06 -0.84
N TYR E 372 -38.57 16.37 -0.99
CA TYR E 372 -37.25 16.96 -0.81
C TYR E 372 -36.75 16.84 0.62
N GLN E 373 -37.65 16.70 1.59
CA GLN E 373 -37.27 16.56 2.99
C GLN E 373 -37.83 15.31 3.64
N GLN E 374 -38.74 14.59 2.98
CA GLN E 374 -39.35 13.40 3.57
C GLN E 374 -38.30 12.34 3.85
N SER E 375 -37.43 12.08 2.87
CA SER E 375 -36.34 11.10 2.99
C SER E 375 -35.41 11.30 1.80
N ARG E 376 -34.43 10.41 1.68
CA ARG E 376 -33.55 10.37 0.50
C ARG E 376 -34.34 9.75 -0.67
N ARG E 377 -35.23 10.56 -1.23
CA ARG E 377 -36.17 10.07 -2.23
C ARG E 377 -35.45 9.59 -3.48
N ALA E 378 -34.85 10.50 -4.23
CA ALA E 378 -34.21 10.14 -5.49
C ALA E 378 -32.88 10.86 -5.72
N ARG E 379 -32.35 11.56 -4.73
CA ARG E 379 -31.14 12.37 -4.88
C ARG E 379 -31.31 13.37 -6.03
N ILE E 380 -32.24 14.30 -5.81
CA ILE E 380 -32.71 15.19 -6.85
C ILE E 380 -31.54 15.92 -7.50
N TRP E 381 -31.52 15.93 -8.83
CA TRP E 381 -30.49 16.60 -9.60
C TRP E 381 -30.94 17.94 -10.16
N PHE E 382 -32.11 18.41 -9.75
CA PHE E 382 -32.56 19.74 -10.18
C PHE E 382 -31.68 20.81 -9.57
N PRO E 383 -31.18 21.76 -10.37
CA PRO E 383 -30.38 22.85 -9.81
C PRO E 383 -31.19 23.68 -8.81
N MET E 384 -30.65 23.81 -7.61
CA MET E 384 -31.22 24.59 -6.51
C MET E 384 -32.73 24.37 -6.38
N PHE E 385 -33.08 23.10 -6.18
CA PHE E 385 -34.48 22.71 -5.99
C PHE E 385 -34.90 22.83 -4.53
N SER E 386 -34.15 22.18 -3.63
CA SER E 386 -34.51 22.23 -2.21
C SER E 386 -34.37 23.63 -1.63
N PHE E 387 -33.45 24.43 -2.17
CA PHE E 387 -33.26 25.78 -1.65
C PHE E 387 -34.50 26.64 -1.86
N PHE E 388 -35.10 26.58 -3.06
CA PHE E 388 -36.23 27.44 -3.37
C PHE E 388 -37.52 26.94 -2.72
N GLU E 389 -37.72 25.63 -2.66
CA GLU E 389 -38.98 25.06 -2.23
C GLU E 389 -38.95 24.54 -0.80
N CYS E 390 -37.97 24.96 0.01
CA CYS E 390 -37.91 24.53 1.39
C CYS E 390 -39.05 25.10 2.21
N ASN E 391 -39.45 26.34 1.95
CA ASN E 391 -40.47 27.02 2.73
C ASN E 391 -41.88 26.77 2.22
N VAL E 392 -42.05 26.06 1.12
CA VAL E 392 -43.37 25.77 0.55
C VAL E 392 -43.68 24.30 0.79
N ASN E 393 -44.79 24.03 1.45
CA ASN E 393 -45.24 22.68 1.75
C ASN E 393 -46.63 22.46 1.15
N GLY E 394 -46.88 21.23 0.70
CA GLY E 394 -48.17 20.92 0.13
C GLY E 394 -48.33 21.51 -1.27
N THR E 395 -49.58 21.73 -1.66
CA THR E 395 -49.92 22.24 -2.98
C THR E 395 -50.47 23.66 -2.87
N VAL E 396 -50.04 24.51 -3.80
CA VAL E 396 -50.47 25.92 -3.80
C VAL E 396 -51.94 25.98 -4.21
N PRO E 397 -52.81 26.63 -3.43
CA PRO E 397 -54.22 26.74 -3.84
C PRO E 397 -54.42 27.74 -4.97
N ASN E 398 -55.69 27.98 -5.33
CA ASN E 398 -56.00 28.89 -6.43
C ASN E 398 -56.89 30.03 -5.97
N GLU E 399 -56.56 30.64 -4.83
CA GLU E 399 -57.32 31.77 -4.33
C GLU E 399 -57.00 33.03 -5.13
N TYR E 400 -58.01 33.88 -5.32
CA TYR E 400 -57.88 35.11 -6.09
C TYR E 400 -58.23 36.31 -5.21
N CYS E 401 -57.59 37.44 -5.51
CA CYS E 401 -57.84 38.69 -4.79
C CYS E 401 -57.59 39.84 -5.75
N TRP E 402 -57.46 41.05 -5.18
CA TRP E 402 -57.09 42.23 -5.93
C TRP E 402 -55.81 42.81 -5.33
N PRO E 403 -54.80 43.11 -6.14
CA PRO E 403 -53.50 43.53 -5.56
C PRO E 403 -53.54 44.92 -4.97
N PHE E 404 -54.17 45.88 -5.64
CA PHE E 404 -54.15 47.25 -5.18
C PHE E 404 -55.06 47.42 -3.96
N SER E 405 -54.79 48.47 -3.18
CA SER E 405 -55.55 48.79 -1.98
C SER E 405 -56.71 49.74 -2.26
N LYS E 406 -57.07 49.92 -3.52
CA LYS E 406 -58.15 50.83 -3.92
C LYS E 406 -59.12 50.05 -4.79
N PRO E 407 -60.03 49.27 -4.19
CA PRO E 407 -61.02 48.47 -4.93
C PRO E 407 -61.98 49.33 -5.74
N ARG F 144 -52.59 -16.64 -9.12
CA ARG F 144 -51.16 -16.88 -8.94
C ARG F 144 -50.42 -16.81 -10.27
N LEU F 145 -49.11 -16.99 -10.23
CA LEU F 145 -48.28 -16.94 -11.43
C LEU F 145 -48.47 -18.22 -12.22
N ASP F 146 -49.36 -18.19 -13.21
CA ASP F 146 -49.63 -19.34 -14.05
C ASP F 146 -48.96 -19.14 -15.40
N PRO F 147 -47.98 -19.97 -15.78
CA PRO F 147 -47.32 -19.78 -17.07
C PRO F 147 -48.22 -20.12 -18.23
N GLU F 148 -48.69 -19.10 -18.95
CA GLU F 148 -49.55 -19.28 -20.12
C GLU F 148 -48.66 -19.35 -21.34
N TYR F 149 -48.28 -20.58 -21.73
CA TYR F 149 -47.40 -20.76 -22.88
C TYR F 149 -48.06 -20.35 -24.19
N TRP F 150 -49.38 -20.28 -24.23
CA TRP F 150 -50.07 -19.79 -25.43
C TRP F 150 -49.98 -18.28 -25.56
N LYS F 151 -49.65 -17.56 -24.49
CA LYS F 151 -49.46 -16.12 -24.56
C LYS F 151 -48.03 -15.74 -24.93
N THR F 152 -47.05 -16.51 -24.46
CA THR F 152 -45.65 -16.23 -24.79
C THR F 152 -45.40 -16.37 -26.29
N ILE F 153 -46.02 -17.38 -26.92
CA ILE F 153 -45.84 -17.58 -28.36
C ILE F 153 -46.40 -16.38 -29.12
N LEU F 154 -47.55 -15.86 -28.70
CA LEU F 154 -48.11 -14.67 -29.33
C LEU F 154 -47.20 -13.46 -29.14
N SER F 155 -46.43 -13.44 -28.05
CA SER F 155 -45.49 -12.33 -27.86
C SER F 155 -44.28 -12.47 -28.77
N CYS F 156 -43.76 -13.68 -28.92
CA CYS F 156 -42.57 -13.88 -29.75
C CYS F 156 -42.87 -13.60 -31.23
N ILE F 157 -44.06 -13.98 -31.70
CA ILE F 157 -44.41 -13.70 -33.08
C ILE F 157 -44.64 -12.21 -33.29
N TYR F 158 -45.11 -11.51 -32.26
CA TYR F 158 -45.39 -10.07 -32.40
C TYR F 158 -44.11 -9.28 -32.62
N VAL F 159 -43.04 -9.59 -31.88
CA VAL F 159 -41.81 -8.83 -32.02
C VAL F 159 -41.13 -9.11 -33.35
N PHE F 160 -41.26 -10.33 -33.88
CA PHE F 160 -40.59 -10.68 -35.12
C PHE F 160 -41.25 -10.02 -36.33
N ILE F 161 -42.56 -9.74 -36.25
CA ILE F 161 -43.21 -8.97 -37.31
C ILE F 161 -42.68 -7.54 -37.33
N VAL F 162 -42.42 -6.97 -36.15
CA VAL F 162 -41.85 -5.63 -36.07
C VAL F 162 -40.47 -5.60 -36.69
N PHE F 163 -39.69 -6.67 -36.51
CA PHE F 163 -38.37 -6.75 -37.12
C PHE F 163 -38.48 -6.71 -38.64
N GLY F 164 -39.44 -7.44 -39.20
CA GLY F 164 -39.66 -7.36 -40.64
C GLY F 164 -40.12 -5.99 -41.08
N PHE F 165 -40.98 -5.35 -40.29
CA PHE F 165 -41.42 -4.00 -40.60
C PHE F 165 -40.27 -3.00 -40.54
N THR F 166 -39.39 -3.15 -39.55
CA THR F 166 -38.26 -2.23 -39.41
C THR F 166 -37.30 -2.38 -40.60
N SER F 167 -37.04 -3.60 -41.03
CA SER F 167 -36.14 -3.82 -42.15
C SER F 167 -36.70 -3.23 -43.44
N PHE F 168 -38.00 -3.39 -43.66
CA PHE F 168 -38.62 -2.89 -44.90
C PHE F 168 -38.56 -1.37 -44.98
N ILE F 169 -38.85 -0.67 -43.87
CA ILE F 169 -38.88 0.78 -43.91
C ILE F 169 -37.47 1.34 -44.06
N MET F 170 -36.45 0.57 -43.67
CA MET F 170 -35.07 1.02 -43.86
C MET F 170 -34.73 1.13 -45.35
N VAL F 171 -35.26 0.22 -46.16
CA VAL F 171 -35.05 0.32 -47.60
C VAL F 171 -35.79 1.52 -48.18
N ILE F 172 -36.99 1.80 -47.65
CA ILE F 172 -37.80 2.90 -48.18
C ILE F 172 -37.10 4.23 -47.96
N VAL F 173 -36.59 4.46 -46.74
CA VAL F 173 -35.91 5.72 -46.45
C VAL F 173 -34.59 5.82 -47.21
N HIS F 174 -33.93 4.68 -47.48
CA HIS F 174 -32.70 4.69 -48.25
C HIS F 174 -32.95 5.19 -49.67
N GLU F 175 -34.11 4.86 -50.25
CA GLU F 175 -34.43 5.26 -51.61
C GLU F 175 -34.72 6.75 -51.75
N ARG F 176 -34.84 7.49 -50.64
CA ARG F 176 -35.16 8.91 -50.73
C ARG F 176 -34.00 9.69 -51.33
N VAL F 177 -32.86 9.68 -50.68
CA VAL F 177 -31.67 10.40 -51.14
C VAL F 177 -30.75 9.41 -51.85
N PRO F 178 -30.45 9.60 -53.14
CA PRO F 178 -29.60 8.63 -53.84
C PRO F 178 -28.16 8.60 -53.34
N ASP F 179 -27.49 9.75 -53.35
CA ASP F 179 -26.06 9.81 -53.04
C ASP F 179 -25.77 9.43 -51.60
N MET F 180 -26.23 10.26 -50.65
CA MET F 180 -26.04 10.10 -49.20
C MET F 180 -24.61 9.73 -48.82
N GLN F 181 -23.63 10.07 -49.68
CA GLN F 181 -22.23 9.80 -49.39
C GLN F 181 -21.30 10.93 -49.84
N THR F 182 -21.84 12.09 -50.22
CA THR F 182 -21.04 13.18 -50.73
C THR F 182 -20.83 14.30 -49.71
N TYR F 183 -21.76 14.50 -48.78
CA TYR F 183 -21.67 15.60 -47.85
C TYR F 183 -20.50 15.41 -46.88
N PRO F 184 -19.95 16.48 -46.34
CA PRO F 184 -19.02 16.37 -45.21
C PRO F 184 -19.79 16.18 -43.91
N PRO F 185 -19.21 15.49 -42.93
CA PRO F 185 -19.95 15.21 -41.69
C PRO F 185 -20.22 16.47 -40.89
N LEU F 186 -21.29 16.41 -40.10
CA LEU F 186 -21.64 17.51 -39.22
C LEU F 186 -20.62 17.62 -38.09
N PRO F 187 -20.43 18.83 -37.55
CA PRO F 187 -19.44 19.01 -36.47
C PRO F 187 -19.87 18.27 -35.20
N ASP F 188 -18.98 17.42 -34.70
CA ASP F 188 -19.21 16.66 -33.48
C ASP F 188 -18.05 16.89 -32.52
N ILE F 189 -18.25 16.51 -31.26
CA ILE F 189 -17.24 16.74 -30.23
C ILE F 189 -16.43 15.45 -30.04
N PHE F 190 -17.01 14.31 -30.41
CA PHE F 190 -16.32 13.03 -30.27
C PHE F 190 -15.83 12.47 -31.59
N LEU F 191 -16.50 12.78 -32.70
CA LEU F 191 -16.11 12.28 -34.01
C LEU F 191 -14.96 13.07 -34.63
N ASP F 192 -14.54 14.17 -33.99
CA ASP F 192 -13.44 14.97 -34.50
C ASP F 192 -12.12 14.70 -33.80
N SER F 193 -12.16 14.37 -32.51
CA SER F 193 -10.93 14.10 -31.77
C SER F 193 -10.45 12.67 -32.00
N VAL F 194 -11.26 11.69 -31.66
CA VAL F 194 -10.87 10.29 -31.79
C VAL F 194 -10.86 9.90 -33.27
N PRO F 195 -9.76 9.40 -33.81
CA PRO F 195 -9.74 9.00 -35.22
C PRO F 195 -10.48 7.69 -35.43
N ARG F 196 -10.71 7.38 -36.70
CA ARG F 196 -11.46 6.18 -37.05
C ARG F 196 -10.63 4.93 -36.78
N ILE F 197 -11.25 3.96 -36.11
CA ILE F 197 -10.64 2.68 -35.79
C ILE F 197 -11.35 1.60 -36.60
N PRO F 198 -10.69 0.97 -37.57
CA PRO F 198 -11.41 0.02 -38.45
C PRO F 198 -12.00 -1.18 -37.73
N TRP F 199 -11.34 -1.68 -36.69
CA TRP F 199 -11.79 -2.88 -36.00
C TRP F 199 -12.68 -2.58 -34.80
N ALA F 200 -12.97 -1.31 -34.52
CA ALA F 200 -13.74 -0.97 -33.34
C ALA F 200 -15.17 -1.48 -33.44
N PHE F 201 -15.79 -1.39 -34.62
CA PHE F 201 -17.19 -1.76 -34.76
C PHE F 201 -17.41 -3.26 -34.63
N ALA F 202 -16.36 -4.07 -34.81
CA ALA F 202 -16.49 -5.50 -34.60
C ALA F 202 -16.64 -5.85 -33.12
N MET F 203 -15.97 -5.11 -32.24
CA MET F 203 -16.06 -5.38 -30.81
C MET F 203 -17.42 -5.03 -30.22
N THR F 204 -18.19 -4.16 -30.89
CA THR F 204 -19.53 -3.84 -30.41
C THR F 204 -20.43 -5.07 -30.45
N GLU F 205 -20.36 -5.84 -31.54
CA GLU F 205 -21.18 -7.04 -31.66
C GLU F 205 -20.64 -8.19 -30.82
N VAL F 206 -19.33 -8.21 -30.57
CA VAL F 206 -18.77 -9.24 -29.68
C VAL F 206 -19.33 -9.09 -28.28
N CYS F 207 -19.40 -7.85 -27.78
CA CYS F 207 -20.02 -7.61 -26.48
C CYS F 207 -21.51 -7.93 -26.51
N GLY F 208 -22.16 -7.75 -27.66
CA GLY F 208 -23.57 -8.09 -27.78
C GLY F 208 -23.82 -9.58 -27.66
N MET F 209 -22.93 -10.40 -28.25
CA MET F 209 -23.11 -11.84 -28.17
C MET F 209 -22.92 -12.34 -26.74
N ILE F 210 -21.94 -11.80 -26.02
CA ILE F 210 -21.71 -12.22 -24.64
C ILE F 210 -22.89 -11.86 -23.76
N LEU F 211 -23.43 -10.64 -23.94
CA LEU F 211 -24.60 -10.23 -23.16
C LEU F 211 -25.82 -11.08 -23.48
N CYS F 212 -25.88 -11.65 -24.68
CA CYS F 212 -26.94 -12.58 -25.02
C CYS F 212 -26.66 -13.99 -24.54
N TYR F 213 -25.39 -14.35 -24.35
CA TYR F 213 -25.05 -15.68 -23.85
C TYR F 213 -25.34 -15.80 -22.36
N ILE F 214 -25.07 -14.74 -21.60
CA ILE F 214 -25.40 -14.74 -20.17
C ILE F 214 -26.91 -14.72 -19.98
N TRP F 215 -27.62 -13.97 -20.82
CA TRP F 215 -29.08 -13.90 -20.70
C TRP F 215 -29.72 -15.26 -20.93
N LEU F 216 -29.22 -16.03 -21.90
CA LEU F 216 -29.72 -17.38 -22.11
C LEU F 216 -29.47 -18.26 -20.90
N LEU F 217 -28.31 -18.09 -20.26
CA LEU F 217 -28.02 -18.80 -19.03
C LEU F 217 -29.02 -18.43 -17.94
N VAL F 218 -29.36 -17.14 -17.84
CA VAL F 218 -30.35 -16.70 -16.86
C VAL F 218 -31.73 -17.23 -17.22
N LEU F 219 -32.06 -17.26 -18.51
CA LEU F 219 -33.38 -17.70 -18.94
C LEU F 219 -33.61 -19.18 -18.63
N LEU F 220 -32.56 -20.01 -18.71
CA LEU F 220 -32.74 -21.45 -18.52
C LEU F 220 -33.02 -21.80 -17.06
N LEU F 221 -32.28 -21.20 -16.14
CA LEU F 221 -32.32 -21.59 -14.74
C LEU F 221 -33.40 -20.88 -13.93
N HIS F 222 -34.17 -19.96 -14.55
CA HIS F 222 -35.19 -19.22 -13.84
C HIS F 222 -36.49 -19.99 -13.84
N LYS F 223 -37.17 -20.02 -12.69
CA LYS F 223 -38.43 -20.72 -12.57
C LYS F 223 -39.49 -20.13 -13.50
N HIS F 224 -39.60 -18.81 -13.52
CA HIS F 224 -40.56 -18.12 -14.38
C HIS F 224 -39.91 -17.69 -15.69
N ARG F 225 -39.38 -18.68 -16.41
CA ARG F 225 -38.76 -18.42 -17.70
C ARG F 225 -39.79 -18.04 -18.76
N SER F 226 -41.06 -18.34 -18.55
CA SER F 226 -42.09 -17.96 -19.50
C SER F 226 -42.51 -16.51 -19.35
N ILE F 227 -42.17 -15.87 -18.23
CA ILE F 227 -42.51 -14.47 -18.02
C ILE F 227 -41.39 -13.54 -18.47
N LEU F 228 -40.14 -13.88 -18.16
CA LEU F 228 -39.03 -13.02 -18.55
C LEU F 228 -38.95 -12.88 -20.06
N LEU F 229 -39.18 -13.97 -20.79
CA LEU F 229 -39.17 -13.89 -22.25
C LEU F 229 -40.33 -13.08 -22.78
N ARG F 230 -41.51 -13.19 -22.17
CA ARG F 230 -42.67 -12.44 -22.66
C ARG F 230 -42.48 -10.94 -22.49
N ARG F 231 -41.88 -10.50 -21.38
CA ARG F 231 -41.63 -9.08 -21.18
C ARG F 231 -40.60 -8.56 -22.16
N LEU F 232 -39.58 -9.38 -22.47
CA LEU F 232 -38.55 -8.95 -23.42
C LEU F 232 -39.15 -8.69 -24.79
N CYS F 233 -40.04 -9.57 -25.25
CA CYS F 233 -40.66 -9.38 -26.56
C CYS F 233 -41.60 -8.18 -26.58
N SER F 234 -42.27 -7.90 -25.45
CA SER F 234 -43.20 -6.78 -25.40
C SER F 234 -42.49 -5.44 -25.23
N LEU F 235 -41.21 -5.44 -24.85
CA LEU F 235 -40.45 -4.22 -24.73
C LEU F 235 -39.64 -3.92 -25.98
N MET F 236 -39.02 -4.94 -26.58
CA MET F 236 -38.24 -4.73 -27.79
C MET F 236 -39.10 -4.23 -28.93
N GLY F 237 -40.32 -4.77 -29.06
CA GLY F 237 -41.21 -4.31 -30.11
C GLY F 237 -41.59 -2.85 -29.97
N THR F 238 -41.81 -2.39 -28.74
CA THR F 238 -42.18 -1.00 -28.52
C THR F 238 -41.02 -0.07 -28.84
N VAL F 239 -39.82 -0.38 -28.35
CA VAL F 239 -38.66 0.46 -28.59
C VAL F 239 -38.33 0.51 -30.09
N PHE F 240 -38.35 -0.65 -30.75
CA PHE F 240 -38.06 -0.68 -32.18
C PHE F 240 -39.18 -0.05 -33.01
N LEU F 241 -40.40 0.03 -32.48
CA LEU F 241 -41.45 0.78 -33.16
C LEU F 241 -41.16 2.28 -33.12
N LEU F 242 -40.66 2.78 -31.99
CA LEU F 242 -40.24 4.17 -31.91
C LEU F 242 -39.10 4.45 -32.88
N ARG F 243 -38.21 3.48 -33.07
CA ARG F 243 -37.13 3.64 -34.04
C ARG F 243 -37.67 3.80 -35.45
N CYS F 244 -38.72 3.06 -35.78
CA CYS F 244 -39.34 3.19 -37.10
C CYS F 244 -39.94 4.58 -37.29
N PHE F 245 -40.50 5.14 -36.23
CA PHE F 245 -41.12 6.46 -36.33
C PHE F 245 -40.07 7.55 -36.56
N THR F 246 -38.94 7.48 -35.84
CA THR F 246 -37.94 8.53 -35.96
C THR F 246 -37.16 8.43 -37.26
N MET F 247 -36.98 7.22 -37.79
CA MET F 247 -36.33 7.07 -39.10
C MET F 247 -37.22 7.60 -40.21
N PHE F 248 -38.53 7.40 -40.11
CA PHE F 248 -39.44 7.82 -41.16
C PHE F 248 -39.67 9.32 -41.15
N VAL F 249 -39.69 9.93 -39.97
CA VAL F 249 -39.97 11.36 -39.89
C VAL F 249 -38.79 12.17 -40.41
N THR F 250 -37.56 11.73 -40.12
CA THR F 250 -36.37 12.44 -40.57
C THR F 250 -35.23 11.44 -40.75
N SER F 251 -34.27 11.83 -41.59
CA SER F 251 -33.13 10.98 -41.92
C SER F 251 -31.84 11.65 -41.46
N LEU F 252 -31.00 10.89 -40.77
CA LEU F 252 -29.72 11.40 -40.28
C LEU F 252 -28.71 10.26 -40.30
N SER F 253 -27.62 10.44 -41.04
CA SER F 253 -26.59 9.43 -41.19
C SER F 253 -25.23 10.12 -41.17
N VAL F 254 -24.17 9.31 -41.26
CA VAL F 254 -22.80 9.80 -41.29
C VAL F 254 -22.39 9.94 -42.76
N PRO F 255 -22.16 11.15 -43.24
CA PRO F 255 -21.91 11.35 -44.69
C PRO F 255 -20.49 11.04 -45.12
N GLY F 256 -20.19 9.77 -45.44
CA GLY F 256 -18.88 9.45 -45.95
C GLY F 256 -18.33 8.10 -45.59
N GLN F 257 -19.01 7.38 -44.70
CA GLN F 257 -18.62 6.03 -44.33
C GLN F 257 -19.49 5.01 -45.07
N HIS F 258 -18.91 3.83 -45.28
CA HIS F 258 -19.56 2.76 -46.07
C HIS F 258 -19.93 3.26 -47.47
N LEU F 259 -19.03 4.04 -48.08
CA LEU F 259 -19.26 4.57 -49.41
C LEU F 259 -19.06 3.54 -50.52
N GLN F 260 -18.51 2.37 -50.20
CA GLN F 260 -18.23 1.36 -51.20
C GLN F 260 -19.32 0.28 -51.27
N CYS F 261 -20.42 0.45 -50.55
CA CYS F 261 -21.48 -0.54 -50.58
C CYS F 261 -22.19 -0.50 -51.94
N THR F 262 -22.46 -1.68 -52.50
CA THR F 262 -23.00 -1.80 -53.83
C THR F 262 -24.53 -1.92 -53.77
N GLY F 263 -25.15 -2.15 -54.93
CA GLY F 263 -26.59 -2.28 -55.00
C GLY F 263 -27.28 -1.00 -55.42
N LYS F 264 -27.99 -0.36 -54.48
CA LYS F 264 -28.65 0.92 -54.65
C LYS F 264 -29.70 0.90 -55.76
N ILE F 265 -30.40 2.03 -55.93
CA ILE F 265 -31.49 2.24 -56.89
C ILE F 265 -32.35 0.98 -57.05
N TYR F 266 -33.00 0.57 -55.96
CA TYR F 266 -33.95 -0.54 -56.00
C TYR F 266 -35.34 -0.02 -56.33
N GLY F 267 -35.51 0.36 -57.60
CA GLY F 267 -36.79 0.90 -58.03
C GLY F 267 -37.71 -0.17 -58.59
N SER F 268 -38.59 -0.68 -57.73
CA SER F 268 -39.56 -1.71 -58.08
C SER F 268 -40.51 -1.94 -56.92
N VAL F 269 -41.36 -2.97 -57.03
CA VAL F 269 -42.28 -3.32 -55.96
C VAL F 269 -41.78 -4.57 -55.25
N TRP F 270 -41.10 -5.44 -55.98
CA TRP F 270 -40.70 -6.75 -55.44
C TRP F 270 -39.24 -6.82 -55.01
N GLU F 271 -38.34 -6.07 -55.65
CA GLU F 271 -36.94 -6.15 -55.28
C GLU F 271 -36.68 -5.57 -53.89
N LYS F 272 -37.53 -4.65 -53.44
CA LYS F 272 -37.38 -4.11 -52.09
C LYS F 272 -37.57 -5.20 -51.04
N LEU F 273 -38.53 -6.11 -51.26
CA LEU F 273 -38.75 -7.20 -50.34
C LEU F 273 -37.52 -8.12 -50.27
N HIS F 274 -36.91 -8.40 -51.42
CA HIS F 274 -35.73 -9.26 -51.44
C HIS F 274 -34.58 -8.63 -50.66
N ARG F 275 -34.34 -7.34 -50.87
CA ARG F 275 -33.31 -6.64 -50.10
C ARG F 275 -33.65 -6.59 -48.63
N ALA F 276 -34.92 -6.32 -48.31
CA ALA F 276 -35.34 -6.29 -46.91
C ALA F 276 -35.22 -7.66 -46.26
N PHE F 277 -35.55 -8.72 -47.01
CA PHE F 277 -35.44 -10.08 -46.47
C PHE F 277 -33.99 -10.42 -46.14
N ALA F 278 -33.05 -9.95 -46.97
CA ALA F 278 -31.64 -10.18 -46.69
C ALA F 278 -31.23 -9.52 -45.37
N ILE F 279 -31.71 -8.30 -45.12
CA ILE F 279 -31.46 -7.64 -43.86
C ILE F 279 -32.18 -8.36 -42.73
N TRP F 280 -33.38 -8.87 -42.99
CA TRP F 280 -34.14 -9.58 -41.97
C TRP F 280 -33.39 -10.82 -41.50
N SER F 281 -32.98 -11.67 -42.44
CA SER F 281 -32.24 -12.88 -42.09
C SER F 281 -30.73 -12.63 -42.11
N GLY F 282 -30.31 -11.56 -41.44
CA GLY F 282 -28.91 -11.30 -41.23
C GLY F 282 -28.67 -10.64 -39.88
N PHE F 283 -29.75 -10.36 -39.16
CA PHE F 283 -29.75 -9.72 -37.85
C PHE F 283 -29.06 -8.36 -37.85
N GLY F 284 -28.81 -7.78 -39.03
CA GLY F 284 -28.12 -6.51 -39.10
C GLY F 284 -26.69 -6.53 -38.63
N MET F 285 -26.13 -7.71 -38.38
CA MET F 285 -24.77 -7.83 -37.86
C MET F 285 -23.75 -7.65 -38.97
N THR F 286 -22.54 -7.23 -38.59
CA THR F 286 -21.47 -7.07 -39.57
C THR F 286 -20.56 -8.29 -39.64
N LEU F 287 -20.54 -9.12 -38.61
CA LEU F 287 -19.76 -10.36 -38.68
C LEU F 287 -20.30 -11.27 -39.79
N THR F 288 -21.61 -11.41 -39.87
CA THR F 288 -22.27 -12.00 -41.03
C THR F 288 -22.71 -10.84 -41.90
N GLY F 289 -21.84 -10.46 -42.83
CA GLY F 289 -21.98 -9.20 -43.54
C GLY F 289 -23.28 -9.03 -44.30
N VAL F 290 -24.17 -8.21 -43.73
CA VAL F 290 -25.41 -7.80 -44.39
C VAL F 290 -25.46 -6.28 -44.39
N HIS F 291 -25.15 -5.68 -43.24
CA HIS F 291 -25.13 -4.23 -43.09
C HIS F 291 -23.87 -3.69 -43.77
N THR F 292 -24.00 -3.43 -45.07
CA THR F 292 -22.90 -2.95 -45.89
C THR F 292 -22.94 -1.44 -46.09
N CYS F 293 -24.12 -0.85 -46.24
CA CYS F 293 -24.27 0.58 -46.39
C CYS F 293 -24.34 1.23 -45.00
N GLY F 294 -24.68 2.52 -44.97
CA GLY F 294 -24.73 3.26 -43.72
C GLY F 294 -25.95 2.95 -42.89
N ASP F 295 -25.97 3.53 -41.69
CA ASP F 295 -27.07 3.36 -40.75
C ASP F 295 -27.64 4.73 -40.39
N TYR F 296 -28.85 4.71 -39.84
CA TYR F 296 -29.62 5.92 -39.61
C TYR F 296 -29.78 6.20 -38.12
N MET F 297 -30.58 7.21 -37.80
CA MET F 297 -30.78 7.67 -36.44
C MET F 297 -31.37 6.56 -35.58
N PHE F 298 -31.23 6.71 -34.26
CA PHE F 298 -31.71 5.73 -33.29
C PHE F 298 -31.05 4.38 -33.51
N SER F 299 -29.74 4.36 -33.26
CA SER F 299 -28.92 3.18 -33.48
C SER F 299 -29.48 1.96 -32.78
N GLY F 300 -29.59 0.85 -33.51
CA GLY F 300 -30.09 -0.37 -32.94
C GLY F 300 -29.11 -1.13 -32.10
N HIS F 301 -27.81 -0.86 -32.26
CA HIS F 301 -26.80 -1.53 -31.43
C HIS F 301 -26.81 -1.02 -30.00
N THR F 302 -27.30 0.20 -29.78
CA THR F 302 -27.37 0.76 -28.43
C THR F 302 -28.54 0.16 -27.65
N VAL F 303 -29.66 -0.09 -28.32
CA VAL F 303 -30.83 -0.62 -27.64
C VAL F 303 -30.57 -2.04 -27.15
N VAL F 304 -30.02 -2.89 -28.02
CA VAL F 304 -29.79 -4.29 -27.66
C VAL F 304 -28.70 -4.39 -26.60
N LEU F 305 -27.67 -3.54 -26.70
CA LEU F 305 -26.63 -3.56 -25.68
C LEU F 305 -27.13 -3.09 -24.33
N THR F 306 -28.18 -2.28 -24.31
CA THR F 306 -28.71 -1.74 -23.05
C THR F 306 -29.89 -2.55 -22.52
N MET F 307 -30.76 -3.04 -23.40
CA MET F 307 -31.91 -3.84 -22.94
C MET F 307 -31.44 -5.15 -22.32
N LEU F 308 -30.39 -5.75 -22.87
CA LEU F 308 -29.83 -6.97 -22.29
C LEU F 308 -28.93 -6.67 -21.10
N ASN F 309 -28.63 -5.41 -20.82
CA ASN F 309 -27.89 -5.03 -19.63
C ASN F 309 -28.81 -4.75 -18.45
N PHE F 310 -30.03 -4.31 -18.71
CA PHE F 310 -30.99 -4.03 -17.65
C PHE F 310 -31.91 -5.21 -17.34
N PHE F 311 -31.78 -6.32 -18.06
CA PHE F 311 -32.47 -7.55 -17.69
C PHE F 311 -31.58 -8.49 -16.88
N VAL F 312 -30.29 -8.54 -17.20
CA VAL F 312 -29.36 -9.30 -16.38
C VAL F 312 -29.28 -8.71 -14.97
N THR F 313 -29.22 -7.39 -14.88
CA THR F 313 -29.19 -6.74 -13.58
C THR F 313 -30.51 -6.92 -12.84
N GLU F 314 -31.64 -6.76 -13.54
CA GLU F 314 -32.94 -6.79 -12.88
C GLU F 314 -33.31 -8.19 -12.41
N TYR F 315 -33.08 -9.20 -13.23
CA TYR F 315 -33.60 -10.55 -12.97
C TYR F 315 -32.55 -11.48 -12.39
N THR F 316 -31.70 -10.98 -11.51
CA THR F 316 -30.80 -11.75 -10.68
C THR F 316 -30.92 -11.27 -9.24
N PRO F 317 -30.60 -12.12 -8.27
CA PRO F 317 -30.78 -11.72 -6.86
C PRO F 317 -29.96 -10.48 -6.51
N ARG F 318 -30.52 -9.66 -5.62
CA ARG F 318 -29.88 -8.40 -5.26
C ARG F 318 -28.76 -8.62 -4.26
N SER F 319 -27.88 -9.57 -4.56
CA SER F 319 -26.63 -9.74 -3.84
C SER F 319 -25.49 -10.11 -4.76
N TRP F 320 -25.74 -10.17 -6.08
CA TRP F 320 -24.77 -10.58 -7.07
C TRP F 320 -24.15 -9.39 -7.80
N ASN F 321 -23.90 -8.29 -7.08
CA ASN F 321 -23.54 -7.05 -7.76
C ASN F 321 -22.07 -7.02 -8.16
N PHE F 322 -21.63 -8.10 -8.82
CA PHE F 322 -20.39 -8.13 -9.58
C PHE F 322 -20.63 -8.45 -11.04
N LEU F 323 -21.51 -9.41 -11.32
CA LEU F 323 -22.01 -9.57 -12.69
C LEU F 323 -22.77 -8.33 -13.12
N HIS F 324 -23.50 -7.70 -12.20
CA HIS F 324 -24.11 -6.41 -12.50
C HIS F 324 -23.04 -5.37 -12.81
N THR F 325 -21.95 -5.36 -12.04
CA THR F 325 -20.83 -4.48 -12.35
C THR F 325 -20.16 -4.86 -13.67
N LEU F 326 -20.01 -6.16 -13.91
CA LEU F 326 -19.37 -6.60 -15.15
C LEU F 326 -20.19 -6.22 -16.36
N SER F 327 -21.52 -6.35 -16.28
CA SER F 327 -22.38 -6.06 -17.42
C SER F 327 -22.40 -4.57 -17.76
N TRP F 328 -21.93 -3.71 -16.87
CA TRP F 328 -21.79 -2.30 -17.22
C TRP F 328 -20.57 -2.06 -18.11
N VAL F 329 -19.47 -2.76 -17.85
CA VAL F 329 -18.30 -2.64 -18.71
C VAL F 329 -18.61 -3.17 -20.10
N LEU F 330 -19.38 -4.26 -20.19
CA LEU F 330 -19.81 -4.76 -21.48
C LEU F 330 -20.71 -3.76 -22.20
N ASN F 331 -21.38 -2.87 -21.45
CA ASN F 331 -22.24 -1.88 -22.08
C ASN F 331 -21.47 -0.62 -22.45
N LEU F 332 -20.68 -0.09 -21.50
CA LEU F 332 -19.96 1.15 -21.76
C LEU F 332 -18.96 0.99 -22.90
N PHE F 333 -18.24 -0.12 -22.93
CA PHE F 333 -17.27 -0.34 -24.00
C PHE F 333 -17.98 -0.55 -25.34
N GLY F 334 -19.12 -1.25 -25.33
CA GLY F 334 -19.92 -1.36 -26.54
C GLY F 334 -20.46 -0.01 -27.01
N ILE F 335 -20.76 0.87 -26.06
CA ILE F 335 -21.18 2.22 -26.40
C ILE F 335 -20.01 3.02 -26.96
N PHE F 336 -18.83 2.86 -26.36
CA PHE F 336 -17.67 3.65 -26.79
C PHE F 336 -17.20 3.24 -28.19
N PHE F 337 -17.23 1.94 -28.50
CA PHE F 337 -16.62 1.49 -29.74
C PHE F 337 -17.43 1.87 -30.97
N ILE F 338 -18.77 1.92 -30.85
CA ILE F 338 -19.56 2.35 -32.00
C ILE F 338 -19.31 3.81 -32.31
N LEU F 339 -19.08 4.64 -31.28
CA LEU F 339 -18.72 6.03 -31.53
C LEU F 339 -17.33 6.15 -32.16
N ALA F 340 -16.37 5.36 -31.66
CA ALA F 340 -15.00 5.43 -32.17
C ALA F 340 -14.88 4.94 -33.61
N ALA F 341 -15.83 4.11 -34.06
CA ALA F 341 -15.81 3.59 -35.42
C ALA F 341 -16.50 4.51 -36.42
N HIS F 342 -16.93 5.69 -35.98
CA HIS F 342 -17.60 6.67 -36.84
C HIS F 342 -18.83 6.06 -37.51
N GLU F 343 -19.66 5.39 -36.71
CA GLU F 343 -20.89 4.78 -37.21
C GLU F 343 -22.13 5.60 -36.91
N HIS F 344 -22.11 6.40 -35.83
CA HIS F 344 -23.33 7.13 -35.43
C HIS F 344 -22.92 8.34 -34.65
N TYR F 345 -23.68 9.40 -34.74
CA TYR F 345 -23.35 10.66 -34.10
C TYR F 345 -23.35 10.51 -32.57
N SER F 346 -22.80 11.51 -31.90
CA SER F 346 -22.72 11.49 -30.45
C SER F 346 -24.04 11.77 -29.78
N ILE F 347 -25.06 12.21 -30.53
CA ILE F 347 -26.38 12.43 -29.96
C ILE F 347 -27.35 11.28 -30.24
N ASP F 348 -27.09 10.48 -31.27
CA ASP F 348 -27.90 9.28 -31.49
C ASP F 348 -27.63 8.24 -30.42
N VAL F 349 -26.39 8.16 -29.95
CA VAL F 349 -26.05 7.19 -28.90
C VAL F 349 -26.68 7.60 -27.57
N PHE F 350 -26.67 8.90 -27.27
CA PHE F 350 -27.16 9.34 -25.96
C PHE F 350 -28.68 9.20 -25.86
N ILE F 351 -29.42 9.57 -26.90
CA ILE F 351 -30.88 9.48 -26.84
C ILE F 351 -31.38 8.06 -27.10
N ALA F 352 -30.49 7.13 -27.42
CA ALA F 352 -30.85 5.72 -27.50
C ALA F 352 -30.53 4.99 -26.21
N PHE F 353 -29.56 5.48 -25.43
CA PHE F 353 -29.32 4.96 -24.10
C PHE F 353 -30.36 5.47 -23.10
N TYR F 354 -30.87 6.68 -23.31
CA TYR F 354 -31.86 7.24 -22.39
C TYR F 354 -33.23 6.60 -22.57
N ILE F 355 -33.64 6.36 -23.82
CA ILE F 355 -34.99 5.90 -24.08
C ILE F 355 -35.19 4.48 -23.55
N THR F 356 -34.23 3.59 -23.80
CA THR F 356 -34.37 2.22 -23.31
C THR F 356 -34.31 2.16 -21.79
N THR F 357 -33.45 2.97 -21.19
CA THR F 357 -33.39 3.03 -19.72
C THR F 357 -34.69 3.57 -19.15
N ARG F 358 -35.28 4.58 -19.80
CA ARG F 358 -36.54 5.14 -19.31
C ARG F 358 -37.70 4.18 -19.57
N LEU F 359 -37.77 3.59 -20.76
CA LEU F 359 -38.88 2.70 -21.10
C LEU F 359 -38.77 1.34 -20.42
N PHE F 360 -37.65 1.04 -19.78
CA PHE F 360 -37.53 -0.18 -18.99
C PHE F 360 -38.02 0.05 -17.56
N LEU F 361 -37.53 1.12 -16.92
CA LEU F 361 -37.92 1.40 -15.55
C LEU F 361 -39.40 1.73 -15.44
N TYR F 362 -39.94 2.45 -16.43
CA TYR F 362 -41.35 2.79 -16.40
C TYR F 362 -42.23 1.54 -16.51
N TYR F 363 -41.82 0.58 -17.35
CA TYR F 363 -42.60 -0.64 -17.51
C TYR F 363 -42.64 -1.45 -16.22
N HIS F 364 -41.50 -1.58 -15.53
CA HIS F 364 -41.45 -2.41 -14.33
C HIS F 364 -42.13 -1.75 -13.14
N THR F 365 -42.12 -0.42 -13.09
CA THR F 365 -42.88 0.28 -12.05
C THR F 365 -44.37 0.03 -12.22
N LEU F 366 -44.86 0.03 -13.46
CA LEU F 366 -46.27 -0.25 -13.72
C LEU F 366 -46.62 -1.69 -13.34
N ALA F 367 -45.74 -2.64 -13.66
CA ALA F 367 -46.05 -4.04 -13.42
C ALA F 367 -46.01 -4.37 -11.93
N ASN F 368 -45.01 -3.86 -11.21
CA ASN F 368 -44.87 -4.20 -9.79
C ASN F 368 -46.03 -3.66 -8.97
N THR F 369 -46.50 -2.46 -9.27
CA THR F 369 -47.62 -1.86 -8.54
C THR F 369 -48.98 -2.23 -9.12
N ARG F 370 -49.01 -3.08 -10.14
CA ARG F 370 -50.24 -3.63 -10.74
C ARG F 370 -51.28 -2.54 -11.01
N ALA F 371 -50.78 -1.42 -11.57
CA ALA F 371 -51.60 -0.26 -11.83
C ALA F 371 -52.51 -0.42 -13.04
N TYR F 372 -52.36 -1.51 -13.80
CA TYR F 372 -53.21 -1.71 -14.97
C TYR F 372 -54.64 -2.06 -14.61
N GLN F 373 -54.86 -2.72 -13.47
CA GLN F 373 -56.19 -3.11 -13.04
C GLN F 373 -56.61 -2.49 -11.72
N GLN F 374 -55.71 -1.83 -10.99
CA GLN F 374 -56.06 -1.24 -9.71
C GLN F 374 -57.11 -0.15 -9.87
N SER F 375 -56.94 0.71 -10.88
CA SER F 375 -57.87 1.79 -11.14
C SER F 375 -57.61 2.30 -12.56
N ARG F 376 -58.33 3.37 -12.93
CA ARG F 376 -58.12 4.04 -14.21
C ARG F 376 -56.97 5.03 -14.06
N ARG F 377 -55.78 4.47 -13.87
CA ARG F 377 -54.62 5.26 -13.50
C ARG F 377 -54.22 6.28 -14.57
N ALA F 378 -53.77 5.81 -15.73
CA ALA F 378 -53.26 6.73 -16.74
C ALA F 378 -53.62 6.34 -18.17
N ARG F 379 -54.44 5.31 -18.38
CA ARG F 379 -54.73 4.78 -19.71
C ARG F 379 -53.42 4.40 -20.42
N ILE F 380 -52.81 3.35 -19.87
CA ILE F 380 -51.45 2.96 -20.24
C ILE F 380 -51.33 2.83 -21.75
N TRP F 381 -50.30 3.45 -22.32
CA TRP F 381 -50.12 3.54 -23.76
C TRP F 381 -49.24 2.44 -24.34
N PHE F 382 -48.79 1.50 -23.52
CA PHE F 382 -48.01 0.39 -24.04
C PHE F 382 -48.87 -0.46 -24.96
N PRO F 383 -48.43 -0.74 -26.19
CA PRO F 383 -49.24 -1.55 -27.10
C PRO F 383 -49.45 -2.95 -26.56
N MET F 384 -50.72 -3.28 -26.30
CA MET F 384 -51.12 -4.58 -25.78
C MET F 384 -50.41 -4.88 -24.46
N PHE F 385 -50.68 -4.04 -23.47
CA PHE F 385 -50.08 -4.20 -22.16
C PHE F 385 -50.98 -4.98 -21.21
N SER F 386 -52.24 -4.58 -21.09
CA SER F 386 -53.16 -5.25 -20.18
C SER F 386 -53.44 -6.69 -20.59
N PHE F 387 -53.29 -7.02 -21.87
CA PHE F 387 -53.53 -8.38 -22.32
C PHE F 387 -52.43 -9.32 -21.86
N PHE F 388 -51.17 -8.90 -22.00
CA PHE F 388 -50.05 -9.78 -21.68
C PHE F 388 -49.89 -9.96 -20.17
N GLU F 389 -50.06 -8.89 -19.41
CA GLU F 389 -49.80 -8.90 -17.96
C GLU F 389 -51.08 -8.92 -17.14
N CYS F 390 -52.11 -9.62 -17.60
CA CYS F 390 -53.34 -9.74 -16.84
C CYS F 390 -53.34 -10.93 -15.89
N ASN F 391 -52.61 -12.00 -16.21
CA ASN F 391 -52.55 -13.19 -15.39
C ASN F 391 -51.42 -13.15 -14.35
N VAL F 392 -50.69 -12.03 -14.26
CA VAL F 392 -49.59 -11.89 -13.33
C VAL F 392 -50.01 -10.89 -12.26
N ASN F 393 -49.95 -11.32 -11.00
CA ASN F 393 -50.30 -10.48 -9.86
C ASN F 393 -49.07 -10.30 -8.98
N GLY F 394 -48.77 -9.06 -8.61
CA GLY F 394 -47.63 -8.78 -7.78
C GLY F 394 -46.32 -8.84 -8.56
N THR F 395 -45.23 -8.97 -7.82
CA THR F 395 -43.89 -9.03 -8.39
C THR F 395 -43.46 -10.49 -8.52
N VAL F 396 -42.81 -10.81 -9.63
CA VAL F 396 -42.28 -12.16 -9.81
C VAL F 396 -41.08 -12.36 -8.91
N PRO F 397 -41.01 -13.44 -8.12
CA PRO F 397 -39.86 -13.65 -7.24
C PRO F 397 -38.60 -14.01 -8.01
N ASN F 398 -37.51 -14.28 -7.29
CA ASN F 398 -36.23 -14.65 -7.89
C ASN F 398 -35.85 -16.09 -7.55
N GLU F 399 -36.83 -17.00 -7.63
CA GLU F 399 -36.57 -18.42 -7.38
C GLU F 399 -36.05 -19.09 -8.64
N TYR F 400 -34.94 -19.81 -8.50
CA TYR F 400 -34.30 -20.49 -9.61
C TYR F 400 -34.39 -22.00 -9.41
N CYS F 401 -34.71 -22.71 -10.48
CA CYS F 401 -34.87 -24.16 -10.43
C CYS F 401 -34.34 -24.78 -11.70
N TRP F 402 -33.93 -26.04 -11.60
CA TRP F 402 -33.46 -26.81 -12.75
C TRP F 402 -34.62 -27.57 -13.36
N PRO F 403 -34.94 -27.36 -14.64
CA PRO F 403 -36.16 -27.95 -15.19
C PRO F 403 -36.01 -29.42 -15.57
N PHE F 404 -34.83 -29.82 -16.01
CA PHE F 404 -34.61 -31.18 -16.47
C PHE F 404 -34.71 -32.16 -15.31
N SER F 405 -35.11 -33.40 -15.63
CA SER F 405 -35.32 -34.45 -14.64
C SER F 405 -34.14 -35.43 -14.58
N LYS F 406 -32.93 -34.93 -14.77
CA LYS F 406 -31.71 -35.77 -14.72
C LYS F 406 -30.73 -35.14 -13.74
N PRO F 407 -30.94 -35.36 -12.44
CA PRO F 407 -30.07 -34.81 -11.39
C PRO F 407 -28.65 -35.40 -11.44
O1 Z0P G . 7.99 19.45 -8.12
C1 Z0P G . 7.22 18.75 -7.18
O2 Z0P G . 5.07 20.63 -5.87
C2 Z0P G . 7.18 19.56 -5.90
O3 Z0P G . 8.06 19.01 -4.97
C3 Z0P G . 5.76 19.54 -5.34
O4 Z0P G . 9.68 20.53 -4.63
C4 Z0P G . 3.74 20.72 -5.48
O5 Z0P G . 3.39 20.25 -4.45
C5 Z0P G . 2.72 21.41 -6.38
C6 Z0P G . 1.39 21.65 -5.68
C7 Z0P G . 0.74 22.97 -6.12
C8 Z0P G . -0.79 22.87 -6.16
C9 Z0P G . -1.46 24.25 -6.03
C10 Z0P G . -1.07 24.96 -4.72
C11 Z0P G . -1.28 26.47 -4.81
C12 Z0P G . -1.75 27.07 -3.49
C13 Z0P G . -2.02 28.57 -3.62
C14 Z0P G . -3.07 29.06 -2.62
C15 Z0P G . -3.81 30.30 -3.12
C16 Z0P G . -5.25 30.38 -2.61
C17 Z0P G . -6.28 30.48 -3.73
C18 Z0P G . -5.74 31.19 -4.97
C19 Z0P G . -6.85 31.88 -5.78
C20 Z0P G . 8.74 19.96 -4.19
C21 Z0P G . 8.26 20.26 -2.77
C22 Z0P G . 8.04 21.75 -2.59
C23 Z0P G . 7.65 22.11 -1.15
C24 Z0P G . 6.35 22.93 -1.11
C25 Z0P G . 5.16 22.12 -1.62
C26 Z0P G . 4.06 23.02 -2.18
C27 Z0P G . 2.69 22.76 -1.53
C28 Z0P G . 1.95 24.09 -1.42
C29 Z0P G . 0.72 24.13 -0.90
C30 Z0P G . 0.06 22.84 -0.41
C31 Z0P G . -1.25 23.18 0.31
C32 Z0P G . -1.25 22.59 1.74
C33 Z0P G . -1.44 23.68 2.81
C34 Z0P G . -0.52 23.47 4.02
C35 Z0P G . -0.61 24.64 5.01
C36 Z0P G . 0.77 25.09 5.49
C37 Z0P G . 0.68 26.25 6.49
CA OPE H . 14.36 19.91 -10.20
CB OPE H . 15.56 19.64 -9.31
O1 OPE H . 11.27 20.00 -11.16
O2 OPE H . 12.27 22.09 -10.33
O3 OPE H . 10.83 20.74 -8.86
O4 OPE H . 13.18 19.83 -9.45
N OPE H . 16.70 20.38 -9.79
P OPE H . 11.86 20.68 -9.96
O1 Z0P I . 10.50 -15.05 -12.98
C1 Z0P I . 9.60 -14.77 -11.95
O2 Z0P I . 9.11 -17.30 -10.15
C2 Z0P I . 8.53 -15.88 -11.96
O3 Z0P I . 7.37 -15.40 -12.58
C3 Z0P I . 8.22 -16.28 -10.52
O4 Z0P I . 7.12 -16.62 -14.45
C4 Z0P I . 8.95 -17.76 -8.85
O5 Z0P I . 7.91 -17.62 -8.29
C5 Z0P I . 10.12 -18.42 -8.13
C6 Z0P I . 9.69 -19.09 -6.82
C7 Z0P I . 10.42 -20.42 -6.58
C8 Z0P I . 10.68 -20.67 -5.10
C9 Z0P I . 10.92 -22.15 -4.79
C10 Z0P I . 9.72 -23.02 -5.15
C11 Z0P I . 10.11 -24.49 -5.33
C12 Z0P I . 9.04 -25.45 -4.82
C13 Z0P I . 9.50 -26.91 -4.89
C14 Z0P I . 8.83 -27.79 -3.83
C15 Z0P I . 9.69 -29.00 -3.47
C16 Z0P I . 9.46 -29.46 -2.03
C17 Z0P I . 10.75 -29.49 -1.20
C18 Z0P I . 12.00 -29.78 -2.04
C19 Z0P I . 13.09 -30.45 -1.23
C20 Z0P I . 6.72 -16.37 -13.37
C21 Z0P I . 5.50 -17.10 -12.83
C22 Z0P I . 5.66 -18.61 -12.96
C23 Z0P I . 4.43 -19.37 -12.51
C24 Z0P I . 4.78 -20.39 -11.41
C25 Z0P I . 5.28 -19.70 -10.14
C26 Z0P I . 6.18 -20.63 -9.31
C27 Z0P I . 5.66 -20.82 -7.88
C28 Z0P I . 5.91 -22.27 -7.45
C29 Z0P I . 5.61 -22.66 -6.22
C30 Z0P I . 5.01 -21.67 -5.23
C31 Z0P I . 4.52 -22.42 -3.99
C32 Z0P I . 3.02 -22.19 -3.76
C33 Z0P I . 2.22 -23.50 -3.75
C34 Z0P I . 0.89 -23.38 -4.51
C35 Z0P I . 0.15 -24.73 -4.57
C36 Z0P I . -0.39 -25.03 -5.98
C37 Z0P I . -1.13 -26.36 -6.04
CA OPE J . 11.50 -13.37 -19.29
CB OPE J . 10.68 -13.20 -20.55
O1 OPE J . 12.13 -14.22 -16.27
O2 OPE J . 13.56 -15.24 -18.01
O3 OPE J . 11.69 -16.52 -17.03
O4 OPE J . 11.15 -14.57 -18.64
N OPE J . 11.06 -14.22 -21.52
P OPE J . 12.15 -15.16 -17.46
O1 Z0P K . 40.27 2.96 24.66
C1 Z0P K . 39.47 4.07 24.37
O2 Z0P K . 37.72 6.44 25.15
C2 Z0P K . 39.62 5.08 25.51
O3 Z0P K . 40.35 4.49 26.56
C3 Z0P K . 38.25 5.48 26.02
O4 Z0P K . 42.03 5.97 26.68
C4 Z0P K . 36.44 6.88 25.50
O5 Z0P K . 36.21 7.17 26.62
C5 Z0P K . 35.36 6.99 24.43
C6 Z0P K . 34.12 7.76 24.94
C7 Z0P K . 33.78 8.94 24.03
C8 Z0P K . 32.27 9.19 23.97
C9 Z0P K . 31.94 10.67 24.26
C10 Z0P K . 32.19 11.02 25.73
C11 Z0P K . 32.38 12.53 25.94
C12 Z0P K . 31.35 13.12 26.90
C13 Z0P K . 31.84 14.39 27.59
C14 Z0P K . 30.70 15.31 28.00
C15 Z0P K . 30.91 15.91 29.39
C16 Z0P K . 30.19 17.25 29.56
C17 Z0P K . 30.72 18.06 30.74
C18 Z0P K . 31.04 17.17 31.94
C19 Z0P K . 30.63 17.81 33.27
C20 Z0P K . 41.16 5.39 27.25
C21 Z0P K . 40.93 5.62 28.75
C22 Z0P K . 39.91 6.73 28.99
C23 Z0P K . 40.52 7.95 29.68
C24 Z0P K . 39.51 9.10 29.76
C25 Z0P K . 38.10 8.62 30.11
C26 Z0P K . 37.05 9.08 29.10
C27 Z0P K . 35.62 8.89 29.63
C28 Z0P K . 34.61 9.38 28.58
C29 Z0P K . 33.37 9.67 28.94
C30 Z0P K . 32.95 9.54 30.40
C31 Z0P K . 31.42 9.40 30.48
C32 Z0P K . 30.74 10.77 30.62
C33 Z0P K . 29.29 10.66 31.12
C34 Z0P K . 28.67 12.05 31.33
C35 Z0P K . 27.97 12.17 32.68
C36 Z0P K . 27.22 13.50 32.82
C37 Z0P K . 27.13 13.97 34.28
O1 Z0P L . 41.38 -29.75 22.63
C1 Z0P L . 40.34 -29.23 21.85
O2 Z0P L . 39.58 -31.46 23.85
C2 Z0P L . 39.23 -30.28 21.82
O3 Z0P L . 38.18 -29.82 21.02
C3 Z0P L . 38.72 -30.54 23.23
O4 Z0P L . 38.00 -31.29 19.33
C4 Z0P L . 39.09 -31.96 25.07
O5 Z0P L . 38.00 -32.42 25.12
C5 Z0P L . 39.95 -31.90 26.33
C6 Z0P L . 39.27 -32.57 27.53
C7 Z0P L . 40.12 -33.69 28.14
C8 Z0P L . 39.69 -34.02 29.58
C9 Z0P L . 39.91 -35.49 29.92
C10 Z0P L . 38.91 -36.42 29.23
C11 Z0P L . 39.23 -37.89 29.47
C12 Z0P L . 37.99 -38.76 29.66
C13 Z0P L . 38.32 -40.24 29.70
C14 Z0P L . 37.23 -41.09 30.36
C15 Z0P L . 37.68 -42.52 30.62
C16 Z0P L . 37.04 -43.12 31.88
C17 Z0P L . 38.06 -43.69 32.86
C18 Z0P L . 39.31 -44.24 32.16
C19 Z0P L . 39.89 -45.47 32.87
C20 Z0P L . 37.51 -30.83 20.30
C21 Z0P L . 36.16 -31.33 20.78
C22 Z0P L . 36.27 -32.67 21.53
C23 Z0P L . 35.09 -33.60 21.26
C24 Z0P L . 34.94 -34.66 22.37
C25 Z0P L . 34.89 -34.03 23.76
C26 Z0P L . 35.79 -34.78 24.76
C27 Z0P L . 35.09 -35.03 26.10
C28 Z0P L . 35.70 -36.28 26.75
C29 Z0P L . 35.13 -36.84 27.81
C30 Z0P L . 33.85 -36.26 28.41
C31 Z0P L . 33.56 -36.95 29.75
C32 Z0P L . 32.09 -37.34 29.91
C33 Z0P L . 31.89 -38.80 30.35
C34 Z0P L . 30.44 -39.08 30.74
C35 Z0P L . 29.72 -39.93 29.70
C36 Z0P L . 28.49 -39.21 29.13
C37 Z0P L . 27.85 -39.97 27.96
O1 Z0P M . -33.85 31.19 -31.24
C1 Z0P M . -33.54 30.54 -30.04
O2 Z0P M . -35.48 32.50 -28.72
C2 Z0P M . -33.30 31.59 -28.97
O3 Z0P M . -32.18 31.23 -28.20
C3 Z0P M . -34.54 31.70 -28.08
O4 Z0P M . -30.96 33.12 -28.20
C4 Z0P M . -36.67 32.67 -28.00
O5 Z0P M . -36.62 32.99 -26.86
C5 Z0P M . -38.02 32.43 -28.67
C6 Z0P M . -39.19 32.73 -27.73
C7 Z0P M . -40.14 33.79 -28.30
C8 Z0P M . -41.52 33.73 -27.65
C9 Z0P M . -42.15 35.12 -27.47
C10 Z0P M . -41.46 35.92 -26.36
C11 Z0P M . -41.97 37.37 -26.31
C12 Z0P M . -42.16 37.88 -24.88
C13 Z0P M . -42.53 39.36 -24.84
C14 Z0P M . -43.24 39.77 -23.55
C15 Z0P M . -43.85 41.17 -23.64
C16 Z0P M . -45.13 41.30 -22.83
C17 Z0P M . -46.32 41.83 -23.65
C18 Z0P M . -45.89 42.77 -24.77
C19 Z0P M . -46.90 43.88 -25.02
C20 Z0P M . -31.56 32.32 -27.56
C21 Z0P M . -31.67 32.48 -26.04
C22 Z0P M . -32.58 33.64 -25.66
C23 Z0P M . -32.29 34.19 -24.26
C24 Z0P M . -33.51 34.91 -23.68
C25 Z0P M . -34.78 34.04 -23.80
C26 Z0P M . -36.00 34.84 -24.26
C27 Z0P M . -37.31 34.31 -23.67
C28 Z0P M . -38.33 35.45 -23.56
C29 Z0P M . -39.30 35.39 -22.66
C30 Z0P M . -39.43 34.17 -21.75
C31 Z0P M . -40.34 34.51 -20.56
C32 Z0P M . -39.59 34.40 -19.23
C33 Z0P M . -40.11 35.39 -18.18
C34 Z0P M . -39.24 35.39 -16.91
C35 Z0P M . -39.83 36.28 -15.81
C36 Z0P M . -38.73 36.92 -14.94
C37 Z0P M . -39.29 37.90 -13.92
O1 Z0P N . -29.14 -0.52 -37.38
C1 Z0P N . -28.58 -1.64 -36.76
O2 Z0P N . -28.57 -4.39 -35.45
C2 Z0P N . -29.55 -2.81 -36.93
O3 Z0P N . -30.80 -2.32 -37.33
C3 Z0P N . -29.68 -3.55 -35.60
O4 Z0P N . -30.86 -3.19 -39.39
C4 Z0P N . -28.60 -5.14 -34.26
O5 Z0P N . -29.61 -5.63 -33.89
C5 Z0P N . -27.32 -5.32 -33.45
C6 Z0P N . -27.50 -6.30 -32.30
C7 Z0P N . -26.42 -7.40 -32.29
C8 Z0P N . -26.11 -7.89 -30.88
C9 Z0P N . -26.08 -9.42 -30.80
C10 Z0P N . -27.37 -10.06 -31.34
C11 Z0P N . -27.23 -11.57 -31.50
C12 Z0P N . -28.56 -12.29 -31.30
C13 Z0P N . -28.49 -13.78 -31.67
C14 Z0P N . -29.42 -14.64 -30.83
C15 Z0P N . -28.95 -16.08 -30.75
C16 Z0P N . -28.50 -16.47 -29.34
C17 Z0P N . -27.11 -17.11 -29.32
C18 Z0P N . -26.32 -16.72 -28.07
C19 Z0P N . -24.83 -16.55 -28.35
C20 Z0P N . -31.40 -3.08 -38.34
C21 Z0P N . -32.75 -3.76 -38.10
C22 Z0P N . -32.61 -5.01 -37.23
C23 Z0P N . -33.18 -6.26 -37.91
C24 Z0P N . -32.84 -7.53 -37.11
C25 Z0P N . -32.92 -7.31 -35.59
C26 Z0P N . -31.70 -7.90 -34.87
C27 Z0P N . -31.98 -8.17 -33.38
C28 Z0P N . -30.85 -9.04 -32.83
C29 Z0P N . -30.92 -9.57 -31.62
C30 Z0P N . -32.15 -9.32 -30.73
C31 Z0P N . -31.75 -9.59 -29.28
C32 Z0P N . -32.68 -10.62 -28.61
C33 Z0P N . -31.89 -11.69 -27.82
C34 Z0P N . -32.81 -12.50 -26.89
C35 Z0P N . -32.46 -13.99 -26.89
C36 Z0P N . -33.72 -14.86 -26.94
C37 Z0P N . -33.40 -16.32 -27.31
#